data_6B34
# 
_entry.id   6B34 
# 
_audit_conform.dict_name       mmcif_pdbx.dic 
_audit_conform.dict_version    5.381 
_audit_conform.dict_location   http://mmcif.pdb.org/dictionaries/ascii/mmcif_pdbx.dic 
# 
loop_
_database_2.database_id 
_database_2.database_code 
_database_2.pdbx_database_accession 
_database_2.pdbx_DOI 
PDB   6B34         pdb_00006b34 10.2210/pdb6b34/pdb 
WWPDB D_1000230147 ?            ?                   
BMRB  30346        ?            ?                   
# 
_pdbx_database_related.db_name        BMRB 
_pdbx_database_related.details        'NMR ensemble of Tyrocidine A analogue AC3.27' 
_pdbx_database_related.db_id          30346 
_pdbx_database_related.content_type   unspecified 
# 
_pdbx_database_status.status_code                     REL 
_pdbx_database_status.status_code_sf                  ? 
_pdbx_database_status.status_code_mr                  REL 
_pdbx_database_status.entry_id                        6B34 
_pdbx_database_status.recvd_initial_deposition_date   2017-09-20 
_pdbx_database_status.SG_entry                        N 
_pdbx_database_status.deposit_site                    RCSB 
_pdbx_database_status.process_site                    RCSB 
_pdbx_database_status.status_code_cs                  REL 
_pdbx_database_status.methods_development_category    ? 
_pdbx_database_status.pdb_format_compatible           Y 
_pdbx_database_status.status_code_nmr_data            REL 
# 
loop_
_audit_author.name 
_audit_author.pdbx_ordinal 
_audit_author.identifier_ORCID 
'Cameron, A.J.'   1 ? 
'Ewdards, P.J.B.' 2 ? 
'Harjes, E.'      3 ? 
'Sarojini, V.'    4 ? 
# 
_citation.abstract                  ? 
_citation.abstract_id_CAS           ? 
_citation.book_id_ISBN              ? 
_citation.book_publisher            ? 
_citation.book_publisher_city       ? 
_citation.book_title                ? 
_citation.coordinate_linkage        ? 
_citation.country                   US 
_citation.database_id_Medline       ? 
_citation.details                   ? 
_citation.id                        primary 
_citation.journal_abbrev            'J. Med. Chem.' 
_citation.journal_id_ASTM           JMCMAR 
_citation.journal_id_CSD            0151 
_citation.journal_id_ISSN           1520-4804 
_citation.journal_full              ? 
_citation.journal_issue             ? 
_citation.journal_volume            60 
_citation.language                  ? 
_citation.page_first                9565 
_citation.page_last                 9574 
_citation.title                     
'Tyrocidine A Analogues Bearing the Planar d-Phe-2-Abz Turn Motif: How Conformation Impacts Bioactivity.' 
_citation.year                      2017 
_citation.database_id_CSD           ? 
_citation.pdbx_database_id_DOI      10.1021/acs.jmedchem.7b00953 
_citation.pdbx_database_id_PubMed   29140694 
_citation.unpublished_flag          ? 
# 
loop_
_citation_author.citation_id 
_citation_author.name 
_citation_author.ordinal 
_citation_author.identifier_ORCID 
primary 'Cameron, A.J.'   1 ? 
primary 'Edwards, P.J.B.' 2 ? 
primary 'Harjes, E.'      3 ? 
primary 'Sarojini, V.'    4 ? 
# 
_entity.id                         1 
_entity.type                       polymer 
_entity.src_method                 syn 
_entity.pdbx_description           'Tyrocidine A analogue D-PHE-BE2-PHE-D-PHE-ASN-GLN-TYR-VAL-ORN-LEU' 
_entity.formula_weight             1310.497 
_entity.pdbx_number_of_molecules   1 
_entity.pdbx_ec                    ? 
_entity.pdbx_mutation              ? 
_entity.pdbx_fragment              ? 
_entity.details                    ? 
# 
_entity_poly.entity_id                      1 
_entity_poly.type                           'polypeptide(L)' 
_entity_poly.nstd_linkage                   no 
_entity_poly.nstd_monomer                   yes 
_entity_poly.pdbx_seq_one_letter_code       '(DPN)(BE2)F(DPN)NQYV(ORN)L' 
_entity_poly.pdbx_seq_one_letter_code_can   FXFFNQYVAL 
_entity_poly.pdbx_strand_id                 A 
_entity_poly.pdbx_target_identifier         ? 
# 
loop_
_entity_poly_seq.entity_id 
_entity_poly_seq.num 
_entity_poly_seq.mon_id 
_entity_poly_seq.hetero 
1 1  DPN n 
1 2  BE2 n 
1 3  PHE n 
1 4  DPN n 
1 5  ASN n 
1 6  GLN n 
1 7  TYR n 
1 8  VAL n 
1 9  ORN n 
1 10 LEU n 
# 
_pdbx_entity_src_syn.entity_id              1 
_pdbx_entity_src_syn.pdbx_src_id            1 
_pdbx_entity_src_syn.pdbx_alt_source_flag   sample 
_pdbx_entity_src_syn.pdbx_beg_seq_num       1 
_pdbx_entity_src_syn.pdbx_end_seq_num       10 
_pdbx_entity_src_syn.organism_scientific    'Brevibacillus brevis' 
_pdbx_entity_src_syn.organism_common_name   ? 
_pdbx_entity_src_syn.ncbi_taxonomy_id       1393 
_pdbx_entity_src_syn.details                
'Synthetic analogue of tyrocidine A. Sequence is altered at 2 positions relative to natural product.' 
# 
_struct_ref.id                         1 
_struct_ref.db_name                    PDB 
_struct_ref.db_code                    6B34 
_struct_ref.pdbx_db_accession          6B34 
_struct_ref.pdbx_db_isoform            ? 
_struct_ref.entity_id                  1 
_struct_ref.pdbx_seq_one_letter_code   ? 
_struct_ref.pdbx_align_begin           1 
# 
_struct_ref_seq.align_id                      1 
_struct_ref_seq.ref_id                        1 
_struct_ref_seq.pdbx_PDB_id_code              6B34 
_struct_ref_seq.pdbx_strand_id                A 
_struct_ref_seq.seq_align_beg                 1 
_struct_ref_seq.pdbx_seq_align_beg_ins_code   ? 
_struct_ref_seq.seq_align_end                 10 
_struct_ref_seq.pdbx_seq_align_end_ins_code   ? 
_struct_ref_seq.pdbx_db_accession             6B34 
_struct_ref_seq.db_align_beg                  1 
_struct_ref_seq.pdbx_db_align_beg_ins_code    ? 
_struct_ref_seq.db_align_end                  10 
_struct_ref_seq.pdbx_db_align_end_ins_code    ? 
_struct_ref_seq.pdbx_auth_seq_align_beg       1 
_struct_ref_seq.pdbx_auth_seq_align_end       10 
# 
loop_
_chem_comp.id 
_chem_comp.type 
_chem_comp.mon_nstd_flag 
_chem_comp.name 
_chem_comp.pdbx_synonyms 
_chem_comp.formula 
_chem_comp.formula_weight 
ASN 'L-peptide linking' y ASPARAGINE            ? 'C4 H8 N2 O3'  132.118 
BE2 'L-peptide linking' . '2-AMINOBENZOIC ACID' ? 'C7 H7 N O2'   137.136 
DPN 'D-peptide linking' . D-PHENYLALANINE       ? 'C9 H11 N O2'  165.189 
GLN 'L-peptide linking' y GLUTAMINE             ? 'C5 H10 N2 O3' 146.144 
LEU 'L-peptide linking' y LEUCINE               ? 'C6 H13 N O2'  131.173 
ORN 'L-peptide linking' n L-ornithine           ? 'C5 H12 N2 O2' 132.161 
PHE 'L-peptide linking' y PHENYLALANINE         ? 'C9 H11 N O2'  165.189 
TYR 'L-peptide linking' y TYROSINE              ? 'C9 H11 N O3'  181.189 
VAL 'L-peptide linking' y VALINE                ? 'C5 H11 N O2'  117.146 
# 
loop_
_pdbx_nmr_exptl.experiment_id 
_pdbx_nmr_exptl.conditions_id 
_pdbx_nmr_exptl.solution_id 
_pdbx_nmr_exptl.type 
_pdbx_nmr_exptl.spectrometer_id 
_pdbx_nmr_exptl.sample_state 
1 1 1 '2D 1H-1H NOESY' 1 isotropic 
2 1 1 '2D DQF-COSY'    1 isotropic 
3 1 1 '2D 1H-15N HSQC' 1 isotropic 
4 1 1 '2D 1H-1H TOCSY' 1 isotropic 
# 
_pdbx_nmr_exptl_sample_conditions.conditions_id          1 
_pdbx_nmr_exptl_sample_conditions.temperature            298 
_pdbx_nmr_exptl_sample_conditions.pressure_units         atm 
_pdbx_nmr_exptl_sample_conditions.pressure               1 
_pdbx_nmr_exptl_sample_conditions.pH                     6 
_pdbx_nmr_exptl_sample_conditions.ionic_strength         ? 
_pdbx_nmr_exptl_sample_conditions.details                ? 
_pdbx_nmr_exptl_sample_conditions.ionic_strength_err     ? 
_pdbx_nmr_exptl_sample_conditions.ionic_strength_units   M 
_pdbx_nmr_exptl_sample_conditions.label                  conditions_1 
_pdbx_nmr_exptl_sample_conditions.pH_err                 2 
_pdbx_nmr_exptl_sample_conditions.pH_units               pH 
_pdbx_nmr_exptl_sample_conditions.pressure_err           ? 
_pdbx_nmr_exptl_sample_conditions.temperature_err        ? 
_pdbx_nmr_exptl_sample_conditions.temperature_units      K 
# 
_pdbx_nmr_sample_details.solution_id      1 
_pdbx_nmr_sample_details.contents         '0.7 mM None D-PHE-2-ABZ-PHE-D-PHE-ASN-GLN-TYR-VAL-ORN-LEU, 50% H20 / 50% MeCN' 
_pdbx_nmr_sample_details.solvent_system   '50% H20 / 50% MeCN' 
_pdbx_nmr_sample_details.label            AC3.27 
_pdbx_nmr_sample_details.type             solution 
_pdbx_nmr_sample_details.details          ? 
# 
_pdbx_nmr_spectrometer.spectrometer_id   1 
_pdbx_nmr_spectrometer.model             AVANCE 
_pdbx_nmr_spectrometer.type              ? 
_pdbx_nmr_spectrometer.manufacturer      Bruker 
_pdbx_nmr_spectrometer.field_strength    700 
_pdbx_nmr_spectrometer.details           ? 
# 
_pdbx_nmr_refine.details            ? 
_pdbx_nmr_refine.entry_id           6B34 
_pdbx_nmr_refine.method             'simulated annealing' 
_pdbx_nmr_refine.software_ordinal   1 
# 
_pdbx_nmr_ensemble.entry_id                             6B34 
_pdbx_nmr_ensemble.conformers_calculated_total_number   10 
_pdbx_nmr_ensemble.conformers_submitted_total_number    9 
_pdbx_nmr_ensemble.conformer_selection_criteria         'structures with acceptable covalent geometry' 
# 
_pdbx_nmr_representative.conformer_id         1 
_pdbx_nmr_representative.entry_id             6B34 
_pdbx_nmr_representative.selection_criteria   'lowest energy' 
# 
loop_
_pdbx_nmr_software.classification 
_pdbx_nmr_software.name 
_pdbx_nmr_software.version 
_pdbx_nmr_software.authors 
_pdbx_nmr_software.ordinal 
refinement           YASARA   ?     KRIEGER 1 
'structure solution' YASARA   ?     ?       2 
'structure solution' ANALYSIS 2.4.2 ?       3 
# 
_exptl.absorpt_coefficient_mu     ? 
_exptl.absorpt_correction_T_max   ? 
_exptl.absorpt_correction_T_min   ? 
_exptl.absorpt_correction_type    ? 
_exptl.absorpt_process_details    ? 
_exptl.entry_id                   6B34 
_exptl.crystals_number            ? 
_exptl.details                    ? 
_exptl.method                     'SOLUTION NMR' 
_exptl.method_details             ? 
# 
_struct.entry_id                     6B34 
_struct.title                        'NMR ensemble of Tyrocidine A analogue AC3.27' 
_struct.pdbx_model_details           ? 
_struct.pdbx_formula_weight          ? 
_struct.pdbx_formula_weight_method   ? 
_struct.pdbx_model_type_details      ? 
_struct.pdbx_CASP_flag               N 
# 
_struct_keywords.entry_id        6B34 
_struct_keywords.text            
'Tyrocidine A Antimicrobial peptide AMP Cyclic peptide 2-aminobenzoic acid 2-Abz Anthranilic acid, ANTIMICROBIAL PROTEIN' 
_struct_keywords.pdbx_keywords   'ANTIMICROBIAL PROTEIN' 
# 
_struct_asym.id                            A 
_struct_asym.pdbx_blank_PDB_chainid_flag   N 
_struct_asym.pdbx_modified                 N 
_struct_asym.entity_id                     1 
_struct_asym.details                       ? 
# 
loop_
_struct_conn.id 
_struct_conn.conn_type_id 
_struct_conn.pdbx_leaving_atom_flag 
_struct_conn.pdbx_PDB_id 
_struct_conn.ptnr1_label_asym_id 
_struct_conn.ptnr1_label_comp_id 
_struct_conn.ptnr1_label_seq_id 
_struct_conn.ptnr1_label_atom_id 
_struct_conn.pdbx_ptnr1_label_alt_id 
_struct_conn.pdbx_ptnr1_PDB_ins_code 
_struct_conn.pdbx_ptnr1_standard_comp_id 
_struct_conn.ptnr1_symmetry 
_struct_conn.ptnr2_label_asym_id 
_struct_conn.ptnr2_label_comp_id 
_struct_conn.ptnr2_label_seq_id 
_struct_conn.ptnr2_label_atom_id 
_struct_conn.pdbx_ptnr2_label_alt_id 
_struct_conn.pdbx_ptnr2_PDB_ins_code 
_struct_conn.ptnr1_auth_asym_id 
_struct_conn.ptnr1_auth_comp_id 
_struct_conn.ptnr1_auth_seq_id 
_struct_conn.ptnr2_auth_asym_id 
_struct_conn.ptnr2_auth_comp_id 
_struct_conn.ptnr2_auth_seq_id 
_struct_conn.ptnr2_symmetry 
_struct_conn.pdbx_ptnr3_label_atom_id 
_struct_conn.pdbx_ptnr3_label_seq_id 
_struct_conn.pdbx_ptnr3_label_comp_id 
_struct_conn.pdbx_ptnr3_label_asym_id 
_struct_conn.pdbx_ptnr3_label_alt_id 
_struct_conn.pdbx_ptnr3_PDB_ins_code 
_struct_conn.details 
_struct_conn.pdbx_dist_value 
_struct_conn.pdbx_value_order 
_struct_conn.pdbx_role 
covale1 covale both ? A DPN 1 C ? ? ? 1_555 A BE2 2  N ? ? A DPN 1 A BE2 2  1_555 ? ? ? ? ? ? ? 1.395 ? ? 
covale2 covale both ? A DPN 1 N ? ? ? 1_555 A LEU 10 C ? ? A DPN 1 A LEU 10 1_555 ? ? ? ? ? ? ? 1.333 ? ? 
covale3 covale both ? A BE2 2 C ? ? ? 1_555 A PHE 3  N ? ? A BE2 2 A PHE 3  1_555 ? ? ? ? ? ? ? 1.385 ? ? 
covale4 covale both ? A PHE 3 C ? ? ? 1_555 A DPN 4  N ? ? A PHE 3 A DPN 4  1_555 ? ? ? ? ? ? ? 1.333 ? ? 
covale5 covale both ? A DPN 4 C ? ? ? 1_555 A ASN 5  N ? ? A DPN 4 A ASN 5  1_555 ? ? ? ? ? ? ? 1.320 ? ? 
covale6 covale both ? A VAL 8 C ? ? ? 1_555 A ORN 9  N ? ? A VAL 8 A ORN 9  1_555 ? ? ? ? ? ? ? 1.328 ? ? 
covale7 covale both ? A ORN 9 C ? ? ? 1_555 A LEU 10 N ? ? A ORN 9 A LEU 10 1_555 ? ? ? ? ? ? ? 1.333 ? ? 
# 
_struct_conn_type.id          covale 
_struct_conn_type.criteria    ? 
_struct_conn_type.reference   ? 
# 
_atom_sites.entry_id                    6B34 
_atom_sites.fract_transf_matrix[1][1]   1.000000 
_atom_sites.fract_transf_matrix[1][2]   0.000000 
_atom_sites.fract_transf_matrix[1][3]   0.000000 
_atom_sites.fract_transf_matrix[2][1]   0.000000 
_atom_sites.fract_transf_matrix[2][2]   1.000000 
_atom_sites.fract_transf_matrix[2][3]   0.000000 
_atom_sites.fract_transf_matrix[3][1]   0.000000 
_atom_sites.fract_transf_matrix[3][2]   0.000000 
_atom_sites.fract_transf_matrix[3][3]   1.000000 
_atom_sites.fract_transf_vector[1]      0.00000 
_atom_sites.fract_transf_vector[2]      0.00000 
_atom_sites.fract_transf_vector[3]      0.00000 
# 
loop_
_atom_type.symbol 
C 
H 
N 
O 
# 
loop_
_atom_site.group_PDB 
_atom_site.id 
_atom_site.type_symbol 
_atom_site.label_atom_id 
_atom_site.label_alt_id 
_atom_site.label_comp_id 
_atom_site.label_asym_id 
_atom_site.label_entity_id 
_atom_site.label_seq_id 
_atom_site.pdbx_PDB_ins_code 
_atom_site.Cartn_x 
_atom_site.Cartn_y 
_atom_site.Cartn_z 
_atom_site.occupancy 
_atom_site.B_iso_or_equiv 
_atom_site.pdbx_formal_charge 
_atom_site.auth_seq_id 
_atom_site.auth_comp_id 
_atom_site.auth_asym_id 
_atom_site.auth_atom_id 
_atom_site.pdbx_PDB_model_num 
HETATM 1    N N    . DPN A 1 1  ? 1.934  4.580   -3.075 1.00 0.00 ? 1  DPN A N    1 
HETATM 2    C CA   . DPN A 1 1  ? 1.678  6.014   -2.796 1.00 0.00 ? 1  DPN A CA   1 
HETATM 3    C C    . DPN A 1 1  ? 0.307  6.435   -3.345 1.00 0.00 ? 1  DPN A C    1 
HETATM 4    O O    . DPN A 1 1  ? 0.246  7.303   -4.208 1.00 0.00 ? 1  DPN A O    1 
HETATM 5    C CB   . DPN A 1 1  ? 1.948  6.468   -1.336 1.00 0.00 ? 1  DPN A CB   1 
HETATM 6    C CG   . DPN A 1 1  ? 0.841  7.292   -0.731 1.00 0.00 ? 1  DPN A CG   1 
HETATM 7    C CD1  . DPN A 1 1  ? -0.015 6.733   0.233  1.00 0.00 ? 1  DPN A CD1  1 
HETATM 8    C CD2  . DPN A 1 1  ? 0.654  8.636   -1.112 1.00 0.00 ? 1  DPN A CD2  1 
HETATM 9    C CE1  . DPN A 1 1  ? -1.063 7.496   0.804  1.00 0.00 ? 1  DPN A CE1  1 
HETATM 10   C CE2  . DPN A 1 1  ? -0.390 9.411   -0.547 1.00 0.00 ? 1  DPN A CE2  1 
HETATM 11   C CZ   . DPN A 1 1  ? -1.253 8.835   0.409  1.00 0.00 ? 1  DPN A CZ   1 
HETATM 12   H H    . DPN A 1 1  ? 2.398  4.377   -3.948 1.00 0.00 ? 1  DPN A H    1 
HETATM 13   H HA   . DPN A 1 1  ? 2.400  6.563   -3.400 1.00 0.00 ? 1  DPN A HA   1 
HETATM 14   H HB2  . DPN A 1 1  ? 2.134  5.608   -0.703 1.00 0.00 ? 1  DPN A HB2  1 
HETATM 15   H HB3  . DPN A 1 1  ? 2.856  7.073   -1.335 1.00 0.00 ? 1  DPN A HB3  1 
HETATM 16   H HD1  . DPN A 1 1  ? 0.124  5.706   0.541  1.00 0.00 ? 1  DPN A HD1  1 
HETATM 17   H HD2  . DPN A 1 1  ? 1.307  9.082   -1.852 1.00 0.00 ? 1  DPN A HD2  1 
HETATM 18   H HE1  . DPN A 1 1  ? -1.721 7.050   1.537  1.00 0.00 ? 1  DPN A HE1  1 
HETATM 19   H HE2  . DPN A 1 1  ? -0.530 10.437  -0.854 1.00 0.00 ? 1  DPN A HE2  1 
HETATM 20   H HZ   . DPN A 1 1  ? -2.056 9.418   0.836  1.00 0.00 ? 1  DPN A HZ   1 
HETATM 21   C C    . BE2 A 1 2  ? -2.829 4.713   -0.972 1.00 0.00 ? 2  BE2 A C    1 
HETATM 22   O O    . BE2 A 1 2  ? -1.674 4.438   -0.705 1.00 0.00 ? 2  BE2 A O    1 
HETATM 23   C C1   . BE2 A 1 2  ? -3.215 5.425   -2.268 1.00 0.00 ? 2  BE2 A C1   1 
HETATM 24   C CA   . BE2 A 1 2  ? -2.202 5.926   -3.153 1.00 0.00 ? 2  BE2 A CA   1 
HETATM 25   C C3   . BE2 A 1 2  ? -2.599 6.558   -4.356 1.00 0.00 ? 2  BE2 A C3   1 
HETATM 26   N N    . BE2 A 1 2  ? -0.804 5.774   -2.821 1.00 0.00 ? 2  BE2 A N    1 
HETATM 27   C C4   . BE2 A 1 2  ? -3.952 6.708   -4.680 1.00 0.00 ? 2  BE2 A C4   1 
HETATM 28   C C5   . BE2 A 1 2  ? -4.938 6.231   -3.820 1.00 0.00 ? 2  BE2 A C5   1 
HETATM 29   C C6   . BE2 A 1 2  ? -4.585 5.593   -2.629 1.00 0.00 ? 2  BE2 A C6   1 
HETATM 30   H H3   . BE2 A 1 2  ? -1.866 6.932   -5.056 1.00 0.00 ? 2  BE2 A H3   1 
HETATM 31   H H    . BE2 A 1 2  ? -0.611 5.107   -2.075 1.00 0.00 ? 2  BE2 A H    1 
HETATM 32   H H4   . BE2 A 1 2  ? -4.232 7.197   -5.609 1.00 0.00 ? 2  BE2 A H4   1 
HETATM 33   H H5   . BE2 A 1 2  ? -5.986 6.350   -4.082 1.00 0.00 ? 2  BE2 A H5   1 
HETATM 34   H H6   . BE2 A 1 2  ? -5.388 5.228   -2.002 1.00 0.00 ? 2  BE2 A H6   1 
ATOM   35   N N    . PHE A 1 3  ? -3.857 4.355   -0.115 1.00 0.00 ? 3  PHE A N    1 
ATOM   36   C CA   . PHE A 1 3  ? -3.613 3.672   1.124  1.00 0.00 ? 3  PHE A CA   1 
ATOM   37   C C    . PHE A 1 3  ? -3.728 2.186   0.854  1.00 0.00 ? 3  PHE A C    1 
ATOM   38   O O    . PHE A 1 3  ? -4.829 1.651   0.750  1.00 0.00 ? 3  PHE A O    1 
ATOM   39   C CB   . PHE A 1 3  ? -4.595 4.098   2.215  1.00 0.00 ? 3  PHE A CB   1 
ATOM   40   C CG   . PHE A 1 3  ? -4.404 3.362   3.518  1.00 0.00 ? 3  PHE A CG   1 
ATOM   41   C CD1  . PHE A 1 3  ? -3.378 3.733   4.408  1.00 0.00 ? 3  PHE A CD1  1 
ATOM   42   C CD2  . PHE A 1 3  ? -5.243 2.283   3.858  1.00 0.00 ? 3  PHE A CD2  1 
ATOM   43   C CE1  . PHE A 1 3  ? -3.188 3.033   5.628  1.00 0.00 ? 3  PHE A CE1  1 
ATOM   44   C CE2  . PHE A 1 3  ? -5.064 1.575   5.072  1.00 0.00 ? 3  PHE A CE2  1 
ATOM   45   C CZ   . PHE A 1 3  ? -4.033 1.951   5.958  1.00 0.00 ? 3  PHE A CZ   1 
ATOM   46   H H    . PHE A 1 3  ? -4.778 4.571   -0.337 1.00 0.00 ? 3  PHE A H    1 
ATOM   47   H HA   . PHE A 1 3  ? -2.633 3.912   1.427  1.00 0.00 ? 3  PHE A HA   1 
ATOM   48   H HB2  . PHE A 1 3  ? -4.477 5.167   2.394  1.00 0.00 ? 3  PHE A HB2  1 
ATOM   49   H HB3  . PHE A 1 3  ? -5.607 3.919   1.859  1.00 0.00 ? 3  PHE A HB3  1 
ATOM   50   H HD1  . PHE A 1 3  ? -2.728 4.560   4.162  1.00 0.00 ? 3  PHE A HD1  1 
ATOM   51   H HD2  . PHE A 1 3  ? -6.030 1.983   3.179  1.00 0.00 ? 3  PHE A HD2  1 
ATOM   52   H HE1  . PHE A 1 3  ? -2.401 3.332   6.307  1.00 0.00 ? 3  PHE A HE1  1 
ATOM   53   H HE2  . PHE A 1 3  ? -5.711 0.744   5.314  1.00 0.00 ? 3  PHE A HE2  1 
ATOM   54   H HZ   . PHE A 1 3  ? -3.894 1.416   6.886  1.00 0.00 ? 3  PHE A HZ   1 
HETATM 55   N N    . DPN A 1 4  ? -2.549 1.575   0.734  1.00 0.00 ? 4  DPN A N    1 
HETATM 56   C CA   . DPN A 1 4  ? -2.333 0.149   0.421  1.00 0.00 ? 4  DPN A CA   1 
HETATM 57   C C    . DPN A 1 4  ? -2.408 -0.645  1.721  1.00 0.00 ? 4  DPN A C    1 
HETATM 58   O O    . DPN A 1 4  ? -2.975 -0.189  2.707  1.00 0.00 ? 4  DPN A O    1 
HETATM 59   C CB   . DPN A 1 4  ? -3.263 -0.428  -0.674 1.00 0.00 ? 4  DPN A CB   1 
HETATM 60   C CG   . DPN A 1 4  ? -3.082 0.217   -2.033 1.00 0.00 ? 4  DPN A CG   1 
HETATM 61   C CD1  . DPN A 1 4  ? -3.773 1.397   -2.375 1.00 0.00 ? 4  DPN A CD1  1 
HETATM 62   C CD2  . DPN A 1 4  ? -2.221 -0.367  -2.982 1.00 0.00 ? 4  DPN A CD2  1 
HETATM 63   C CE1  . DPN A 1 4  ? -3.599 1.999   -3.647 1.00 0.00 ? 4  DPN A CE1  1 
HETATM 64   C CE2  . DPN A 1 4  ? -2.053 0.219   -4.265 1.00 0.00 ? 4  DPN A CE2  1 
HETATM 65   C CZ   . DPN A 1 4  ? -2.737 1.407   -4.591 1.00 0.00 ? 4  DPN A CZ   1 
HETATM 66   H H    . DPN A 1 4  ? -1.725 2.136   0.857  1.00 0.00 ? 4  DPN A H    1 
HETATM 67   H HA   . DPN A 1 4  ? -1.314 0.055   0.050  1.00 0.00 ? 4  DPN A HA   1 
HETATM 68   H HB2  . DPN A 1 4  ? -3.056 -1.490  -0.779 1.00 0.00 ? 4  DPN A HB2  1 
HETATM 69   H HB3  . DPN A 1 4  ? -4.300 -0.328  -0.369 1.00 0.00 ? 4  DPN A HB3  1 
HETATM 70   H HD1  . DPN A 1 4  ? -4.448 1.849   -1.666 1.00 0.00 ? 4  DPN A HD1  1 
HETATM 71   H HD2  . DPN A 1 4  ? -1.691 -1.274  -2.737 1.00 0.00 ? 4  DPN A HD2  1 
HETATM 72   H HE1  . DPN A 1 4  ? -4.132 2.904   -3.896 1.00 0.00 ? 4  DPN A HE1  1 
HETATM 73   H HE2  . DPN A 1 4  ? -1.398 -0.243  -4.990 1.00 0.00 ? 4  DPN A HE2  1 
HETATM 74   H HZ   . DPN A 1 4  ? -2.605 1.860   -5.563 1.00 0.00 ? 4  DPN A HZ   1 
ATOM   75   N N    . ASN A 1 5  ? -1.825 -1.830  1.723  1.00 0.00 ? 5  ASN A N    1 
ATOM   76   C CA   . ASN A 1 5  ? -1.847 -2.702  2.890  1.00 0.00 ? 5  ASN A CA   1 
ATOM   77   C C    . ASN A 1 5  ? -0.411 -3.090  3.249  1.00 0.00 ? 5  ASN A C    1 
ATOM   78   O O    . ASN A 1 5  ? 0.540  -2.534  2.705  1.00 0.00 ? 5  ASN A O    1 
ATOM   79   C CB   . ASN A 1 5  ? -2.745 -3.922  2.617  1.00 0.00 ? 5  ASN A CB   1 
ATOM   80   C CG   . ASN A 1 5  ? -2.257 -4.761  1.458  1.00 0.00 ? 5  ASN A CG   1 
ATOM   81   O OD1  . ASN A 1 5  ? -1.231 -5.413  1.553  1.00 0.00 ? 5  ASN A OD1  1 
ATOM   82   N ND2  . ASN A 1 5  ? -2.984 -4.761  0.371  1.00 0.00 ? 5  ASN A ND2  1 
ATOM   83   H H    . ASN A 1 5  ? -1.326 -2.150  0.895  1.00 0.00 ? 5  ASN A H    1 
ATOM   84   H HA   . ASN A 1 5  ? -2.266 -2.154  3.733  1.00 0.00 ? 5  ASN A HA   1 
ATOM   85   H HB2  . ASN A 1 5  ? -2.788 -4.547  3.508  1.00 0.00 ? 5  ASN A HB2  1 
ATOM   86   H HB3  . ASN A 1 5  ? -3.751 -3.568  2.405  1.00 0.00 ? 5  ASN A HB3  1 
ATOM   87   H HD21 . ASN A 1 5  ? -2.689 -5.318  -0.415 1.00 0.00 ? 5  ASN A HD21 1 
ATOM   88   H HD22 . ASN A 1 5  ? -3.827 -4.215  0.314  1.00 0.00 ? 5  ASN A HD22 1 
ATOM   89   N N    . GLN A 1 6  ? -0.263 -4.025  4.177  1.00 0.00 ? 6  GLN A N    1 
ATOM   90   C CA   . GLN A 1 6  ? 1.048  -4.421  4.693  1.00 0.00 ? 6  GLN A CA   1 
ATOM   91   C C    . GLN A 1 6  ? 1.971  -5.079  3.669  1.00 0.00 ? 6  GLN A C    1 
ATOM   92   O O    . GLN A 1 6  ? 3.187  -4.989  3.790  1.00 0.00 ? 6  GLN A O    1 
ATOM   93   C CB   . GLN A 1 6  ? 0.843  -5.383  5.865  1.00 0.00 ? 6  GLN A CB   1 
ATOM   94   C CG   . GLN A 1 6  ? 0.172  -4.731  7.079  1.00 0.00 ? 6  GLN A CG   1 
ATOM   95   C CD   . GLN A 1 6  ? -0.196 -5.711  8.142  1.00 0.00 ? 6  GLN A CD   1 
ATOM   96   O OE1  . GLN A 1 6  ? -0.268 -6.903  7.918  1.00 0.00 ? 6  GLN A OE1  1 
ATOM   97   N NE2  . GLN A 1 6  ? -0.451 -5.211  9.311  1.00 0.00 ? 6  GLN A NE2  1 
ATOM   98   H H    . GLN A 1 6  ? -1.076 -4.477  4.560  1.00 0.00 ? 6  GLN A H    1 
ATOM   99   H HA   . GLN A 1 6  ? 1.555  -3.535  5.057  1.00 0.00 ? 6  GLN A HA   1 
ATOM   100  H HB2  . GLN A 1 6  ? 0.227  -6.214  5.521  1.00 0.00 ? 6  GLN A HB2  1 
ATOM   101  H HB3  . GLN A 1 6  ? 1.812  -5.776  6.174  1.00 0.00 ? 6  GLN A HB3  1 
ATOM   102  H HG2  . GLN A 1 6  ? 0.845  -3.987  7.504  1.00 0.00 ? 6  GLN A HG2  1 
ATOM   103  H HG3  . GLN A 1 6  ? -0.741 -4.238  6.780  1.00 0.00 ? 6  GLN A HG3  1 
ATOM   104  H HE21 . GLN A 1 6  ? -0.723 -5.824  10.039 1.00 0.00 ? 6  GLN A HE21 1 
ATOM   105  H HE22 . GLN A 1 6  ? -0.376 -4.221  9.467  1.00 0.00 ? 6  GLN A HE22 1 
ATOM   106  N N    . TYR A 1 7  ? 1.398  -5.736  2.674  1.00 0.00 ? 7  TYR A N    1 
ATOM   107  C CA   . TYR A 1 7  ? 2.184  -6.460  1.671  1.00 0.00 ? 7  TYR A CA   1 
ATOM   108  C C    . TYR A 1 7  ? 2.253  -5.711  0.346  1.00 0.00 ? 7  TYR A C    1 
ATOM   109  O O    . TYR A 1 7  ? 3.280  -5.715  -0.322 1.00 0.00 ? 7  TYR A O    1 
ATOM   110  C CB   . TYR A 1 7  ? 1.576  -7.846  1.446  1.00 0.00 ? 7  TYR A CB   1 
ATOM   111  C CG   . TYR A 1 7  ? 1.615  -8.711  2.687  1.00 0.00 ? 7  TYR A CG   1 
ATOM   112  C CD1  . TYR A 1 7  ? 2.751  -9.491  2.983  1.00 0.00 ? 7  TYR A CD1  1 
ATOM   113  C CD2  . TYR A 1 7  ? 0.522  -8.749  3.584  1.00 0.00 ? 7  TYR A CD2  1 
ATOM   114  C CE1  . TYR A 1 7  ? 2.801  -10.295 4.153  1.00 0.00 ? 7  TYR A CE1  1 
ATOM   115  C CE2  . TYR A 1 7  ? 0.574  -9.546  4.761  1.00 0.00 ? 7  TYR A CE2  1 
ATOM   116  C CZ   . TYR A 1 7  ? 1.712  -10.310 5.030  1.00 0.00 ? 7  TYR A CZ   1 
ATOM   117  O OH   . TYR A 1 7  ? 1.759  -11.086 6.160  1.00 0.00 ? 7  TYR A OH   1 
ATOM   118  H H    . TYR A 1 7  ? 0.391  -5.751  2.602  1.00 0.00 ? 7  TYR A H    1 
ATOM   119  H HA   . TYR A 1 7  ? 3.203  -6.586  2.041  1.00 0.00 ? 7  TYR A HA   1 
ATOM   120  H HB2  . TYR A 1 7  ? 0.541  -7.731  1.127  1.00 0.00 ? 7  TYR A HB2  1 
ATOM   121  H HB3  . TYR A 1 7  ? 2.128  -8.348  0.652  1.00 0.00 ? 7  TYR A HB3  1 
ATOM   122  H HD1  . TYR A 1 7  ? 3.599  -9.478  2.311  1.00 0.00 ? 7  TYR A HD1  1 
ATOM   123  H HD2  . TYR A 1 7  ? -0.359 -8.160  3.379  1.00 0.00 ? 7  TYR A HD2  1 
ATOM   124  H HE1  . TYR A 1 7  ? 3.677  -10.887 4.368  1.00 0.00 ? 7  TYR A HE1  1 
ATOM   125  H HE2  . TYR A 1 7  ? -0.260 -9.561  5.446  1.00 0.00 ? 7  TYR A HE2  1 
ATOM   126  H HH   . TYR A 1 7  ? 2.587  -11.560 6.251  1.00 0.00 ? 7  TYR A HH   1 
ATOM   127  N N    . VAL A 1 8  ? 1.165  -5.058  -0.029 1.00 0.00 ? 8  VAL A N    1 
ATOM   128  C CA   . VAL A 1 8  ? 1.119  -4.274  -1.263 1.00 0.00 ? 8  VAL A CA   1 
ATOM   129  C C    . VAL A 1 8  ? 0.902  -2.825  -0.900 1.00 0.00 ? 8  VAL A C    1 
ATOM   130  O O    . VAL A 1 8  ? -0.198 -2.417  -0.506 1.00 0.00 ? 8  VAL A O    1 
ATOM   131  C CB   . VAL A 1 8  ? 0.016  -4.772  -2.227 1.00 0.00 ? 8  VAL A CB   1 
ATOM   132  C CG1  . VAL A 1 8  ? -0.002 -3.934  -3.522 1.00 0.00 ? 8  VAL A CG1  1 
ATOM   133  C CG2  . VAL A 1 8  ? 0.272  -6.233  -2.573 1.00 0.00 ? 8  VAL A CG2  1 
ATOM   134  H H    . VAL A 1 8  ? 0.336  -5.087  0.555  1.00 0.00 ? 8  VAL A H    1 
ATOM   135  H HA   . VAL A 1 8  ? 2.077  -4.360  -1.773 1.00 0.00 ? 8  VAL A HA   1 
ATOM   136  H HB   . VAL A 1 8  ? -0.954 -4.691  -1.738 1.00 0.00 ? 8  VAL A HB   1 
ATOM   137  H HG11 . VAL A 1 8  ? 0.972  -3.987  -4.012 1.00 0.00 ? 8  VAL A HG11 1 
ATOM   138  H HG12 . VAL A 1 8  ? -0.235 -2.898  -3.290 1.00 0.00 ? 8  VAL A HG12 1 
ATOM   139  H HG13 . VAL A 1 8  ? -0.763 -4.326  -4.199 1.00 0.00 ? 8  VAL A HG13 1 
ATOM   140  H HG21 . VAL A 1 8  ? -0.430 -6.563  -3.338 1.00 0.00 ? 8  VAL A HG21 1 
ATOM   141  H HG22 . VAL A 1 8  ? 0.148  -6.850  -1.685 1.00 0.00 ? 8  VAL A HG22 1 
ATOM   142  H HG23 . VAL A 1 8  ? 1.296  -6.339  -2.943 1.00 0.00 ? 8  VAL A HG23 1 
HETATM 143  N N    . ORN A 1 9  ? 1.982  -2.063  -1.030 1.00 0.00 ? 9  ORN A N    1 
HETATM 144  C CA   . ORN A 1 9  ? 2.139  -0.770  -0.355 1.00 0.00 ? 9  ORN A CA   1 
HETATM 145  C CB   . ORN A 1 9  ? 3.069  -0.954  0.869  1.00 0.00 ? 9  ORN A CB   1 
HETATM 146  C CG   . ORN A 1 9  ? 2.987  0.259   1.818  1.00 0.00 ? 9  ORN A CG   1 
HETATM 147  C CD   . ORN A 1 9  ? 3.870  0.015   3.051  1.00 0.00 ? 9  ORN A CD   1 
HETATM 148  N NE   . ORN A 1 9  ? 3.841  1.179   3.966  1.00 0.00 ? 9  ORN A NE   1 
HETATM 149  C C    . ORN A 1 9  ? 2.682  0.273   -1.352 1.00 0.00 ? 9  ORN A C    1 
HETATM 150  O O    . ORN A 1 9  ? 3.805  0.138   -1.853 1.00 0.00 ? 9  ORN A O    1 
HETATM 151  H H    . ORN A 1 9  ? 2.814  -2.491  -1.410 1.00 0.00 ? 9  ORN A H    1 
HETATM 152  H HA   . ORN A 1 9  ? 1.161  -0.440  -0.003 1.00 0.00 ? 9  ORN A HA   1 
HETATM 153  H HB2  . ORN A 1 9  ? 2.768  -1.853  1.412  1.00 0.00 ? 9  ORN A HB2  1 
HETATM 154  H HB3  . ORN A 1 9  ? 4.099  -1.078  0.523  1.00 0.00 ? 9  ORN A HB3  1 
HETATM 155  H HG2  . ORN A 1 9  ? 3.331  1.152   1.294  1.00 0.00 ? 9  ORN A HG2  1 
HETATM 156  H HG3  . ORN A 1 9  ? 1.953  0.400   2.136  1.00 0.00 ? 9  ORN A HG3  1 
HETATM 157  H HD2  . ORN A 1 9  ? 3.509  -0.870  3.581  1.00 0.00 ? 9  ORN A HD2  1 
HETATM 158  H HD3  . ORN A 1 9  ? 4.898  -0.163  2.725  1.00 0.00 ? 9  ORN A HD3  1 
HETATM 159  H HE1  . ORN A 1 9  ? 2.896  1.338   4.284  1.00 0.00 ? 9  ORN A HE1  1 
HETATM 160  H HE2  . ORN A 1 9  ? 4.437  0.999   4.763  1.00 0.00 ? 9  ORN A HE2  1 
HETATM 161  H HE3  . ORN A 1 9  ? 4.175  2.002   3.480  1.00 0.00 ? 9  ORN A HE3  1 
ATOM   162  N N    . LEU A 1 10 ? 1.832  1.239   -1.700 1.00 0.00 ? 10 LEU A N    1 
ATOM   163  C CA   . LEU A 1 10 ? 2.042  2.177   -2.794 1.00 0.00 ? 10 LEU A CA   1 
ATOM   164  C C    . LEU A 1 10 ? 1.624  3.550   -2.289 1.00 0.00 ? 10 LEU A C    1 
ATOM   165  O O    . LEU A 1 10 ? 1.023  3.632   -1.224 1.00 0.00 ? 10 LEU A O    1 
ATOM   166  C CB   . LEU A 1 10 ? 1.225  1.783   -4.013 1.00 0.00 ? 10 LEU A CB   1 
ATOM   167  C CG   . LEU A 1 10 ? 1.977  0.875   -4.998 1.00 0.00 ? 10 LEU A CG   1 
ATOM   168  C CD1  . LEU A 1 10 ? 1.781  -0.604  -4.692 1.00 0.00 ? 10 LEU A CD1  1 
ATOM   169  C CD2  . LEU A 1 10 ? 1.508  1.189   -6.396 1.00 0.00 ? 10 LEU A CD2  1 
ATOM   170  H H    . LEU A 1 10 ? 0.986  1.358   -1.190 1.00 0.00 ? 10 LEU A H    1 
ATOM   171  H HA   . LEU A 1 10 ? 3.068  2.188   -3.076 1.00 0.00 ? 10 LEU A HA   1 
ATOM   172  H HB2  . LEU A 1 10 ? 0.309  1.293   -3.691 1.00 0.00 ? 10 LEU A HB2  1 
ATOM   173  H HB3  . LEU A 1 10 ? 0.962  2.692   -4.537 1.00 0.00 ? 10 LEU A HB3  1 
ATOM   174  H HG   . LEU A 1 10 ? 3.040  1.103   -4.938 1.00 0.00 ? 10 LEU A HG   1 
ATOM   175  H HD11 . LEU A 1 10 ? 0.721  -0.852  -4.703 1.00 0.00 ? 10 LEU A HD11 1 
ATOM   176  H HD12 . LEU A 1 10 ? 2.199  -0.823  -3.713 1.00 0.00 ? 10 LEU A HD12 1 
ATOM   177  H HD13 . LEU A 1 10 ? 2.303  -1.204  -5.440 1.00 0.00 ? 10 LEU A HD13 1 
ATOM   178  H HD21 . LEU A 1 10 ? 0.434  1.020   -6.477 1.00 0.00 ? 10 LEU A HD21 1 
ATOM   179  H HD22 . LEU A 1 10 ? 2.035  0.552   -7.106 1.00 0.00 ? 10 LEU A HD22 1 
ATOM   180  H HD23 . LEU A 1 10 ? 1.733  2.231   -6.619 1.00 0.00 ? 10 LEU A HD23 1 
HETATM 181  N N    . DPN A 1 1  ? 2.012  4.565   -2.921 1.00 0.00 ? 1  DPN A N    2 
HETATM 182  C CA   . DPN A 1 1  ? 1.710  5.960   -2.521 1.00 0.00 ? 1  DPN A CA   2 
HETATM 183  C C    . DPN A 1 1  ? 0.366  6.400   -3.118 1.00 0.00 ? 1  DPN A C    2 
HETATM 184  O O    . DPN A 1 1  ? 0.330  7.368   -3.868 1.00 0.00 ? 1  DPN A O    2 
HETATM 185  C CB   . DPN A 1 1  ? 1.928  6.275   -1.011 1.00 0.00 ? 1  DPN A CB   2 
HETATM 186  C CG   . DPN A 1 1  ? 0.683  6.702   -0.263 1.00 0.00 ? 1  DPN A CG   2 
HETATM 187  C CD1  . DPN A 1 1  ? 0.067  7.944   -0.527 1.00 0.00 ? 1  DPN A CD1  2 
HETATM 188  C CD2  . DPN A 1 1  ? 0.135  5.870   0.731  1.00 0.00 ? 1  DPN A CD2  2 
HETATM 189  C CE1  . DPN A 1 1  ? -1.094 8.342   0.185  1.00 0.00 ? 1  DPN A CE1  2 
HETATM 190  C CE2  . DPN A 1 1  ? -1.022 6.265   1.456  1.00 0.00 ? 1  DPN A CE2  2 
HETATM 191  C CZ   . DPN A 1 1  ? -1.638 7.499   1.174  1.00 0.00 ? 1  DPN A CZ   2 
HETATM 192  H H    . DPN A 1 1  ? 2.515  4.452   -3.787 1.00 0.00 ? 1  DPN A H    2 
HETATM 193  H HA   . DPN A 1 1  ? 2.451  6.571   -3.038 1.00 0.00 ? 1  DPN A HA   2 
HETATM 194  H HB2  . DPN A 1 1  ? 2.357  5.406   -0.519 1.00 0.00 ? 1  DPN A HB2  2 
HETATM 195  H HB3  . DPN A 1 1  ? 2.653  7.085   -0.941 1.00 0.00 ? 1  DPN A HB3  2 
HETATM 196  H HD1  . DPN A 1 1  ? 0.479  8.600   -1.281 1.00 0.00 ? 1  DPN A HD1  2 
HETATM 197  H HD2  . DPN A 1 1  ? 0.597  4.919   0.947  1.00 0.00 ? 1  DPN A HD2  2 
HETATM 198  H HE1  . DPN A 1 1  ? -1.562 9.292   -0.035 1.00 0.00 ? 1  DPN A HE1  2 
HETATM 199  H HE2  . DPN A 1 1  ? -1.432 5.614   2.213  1.00 0.00 ? 1  DPN A HE2  2 
HETATM 200  H HZ   . DPN A 1 1  ? -2.523 7.799   1.715  1.00 0.00 ? 1  DPN A HZ   2 
HETATM 201  C C    . BE2 A 1 2  ? -2.937 4.570   -1.139 1.00 0.00 ? 2  BE2 A C    2 
HETATM 202  O O    . BE2 A 1 2  ? -1.816 4.271   -0.773 1.00 0.00 ? 2  BE2 A O    2 
HETATM 203  C C1   . BE2 A 1 2  ? -3.195 5.255   -2.481 1.00 0.00 ? 2  BE2 A C1   2 
HETATM 204  C CA   . BE2 A 1 2  ? -2.102 5.770   -3.249 1.00 0.00 ? 2  BE2 A CA   2 
HETATM 205  C C3   . BE2 A 1 2  ? -2.370 6.396   -4.490 1.00 0.00 ? 2  BE2 A C3   2 
HETATM 206  N N    . BE2 A 1 2  ? -0.747 5.637   -2.777 1.00 0.00 ? 2  BE2 A N    2 
HETATM 207  C C4   . BE2 A 1 2  ? -3.681 6.528   -4.962 1.00 0.00 ? 2  BE2 A C4   2 
HETATM 208  C C5   . BE2 A 1 2  ? -4.749 6.040   -4.212 1.00 0.00 ? 2  BE2 A C5   2 
HETATM 209  C C6   . BE2 A 1 2  ? -4.519 5.408   -2.986 1.00 0.00 ? 2  BE2 A C6   2 
HETATM 210  H H3   . BE2 A 1 2  ? -1.564 6.778   -5.102 1.00 0.00 ? 2  BE2 A H3   2 
HETATM 211  H H    . BE2 A 1 2  ? -0.597 4.907   -2.084 1.00 0.00 ? 2  BE2 A H    2 
HETATM 212  H H4   . BE2 A 1 2  ? -3.866 7.012   -5.917 1.00 0.00 ? 2  BE2 A H4   2 
HETATM 213  H H5   . BE2 A 1 2  ? -5.764 6.147   -4.584 1.00 0.00 ? 2  BE2 A H5   2 
HETATM 214  H H6   . BE2 A 1 2  ? -5.379 5.036   -2.443 1.00 0.00 ? 2  BE2 A H6   2 
ATOM   215  N N    . PHE A 1 3  ? -4.043 4.274   -0.362 1.00 0.00 ? 3  PHE A N    2 
ATOM   216  C CA   . PHE A 1 3  ? -3.937 3.705   0.956  1.00 0.00 ? 3  PHE A CA   2 
ATOM   217  C C    . PHE A 1 3  ? -3.965 2.195   0.814  1.00 0.00 ? 3  PHE A C    2 
ATOM   218  O O    . PHE A 1 3  ? -5.028 1.577   0.780  1.00 0.00 ? 3  PHE A O    2 
ATOM   219  C CB   . PHE A 1 3  ? -5.071 4.204   1.856  1.00 0.00 ? 3  PHE A CB   2 
ATOM   220  C CG   . PHE A 1 3  ? -4.924 3.789   3.298  1.00 0.00 ? 3  PHE A CG   2 
ATOM   221  C CD1  . PHE A 1 3  ? -4.179 4.580   4.194  1.00 0.00 ? 3  PHE A CD1  2 
ATOM   222  C CD2  . PHE A 1 3  ? -5.540 2.614   3.774  1.00 0.00 ? 3  PHE A CD2  2 
ATOM   223  C CE1  . PHE A 1 3  ? -4.047 4.204   5.556  1.00 0.00 ? 3  PHE A CE1  2 
ATOM   224  C CE2  . PHE A 1 3  ? -5.412 2.226   5.132  1.00 0.00 ? 3  PHE A CE2  2 
ATOM   225  C CZ   . PHE A 1 3  ? -4.668 3.026   6.024  1.00 0.00 ? 3  PHE A CZ   2 
ATOM   226  H H    . PHE A 1 3  ? -4.935 4.475   -0.692 1.00 0.00 ? 3  PHE A H    2 
ATOM   227  H HA   . PHE A 1 3  ? -3.016 4.018   1.357  1.00 0.00 ? 3  PHE A HA   2 
ATOM   228  H HB2  . PHE A 1 3  ? -5.099 5.290   1.809  1.00 0.00 ? 3  PHE A HB2  2 
ATOM   229  H HB3  . PHE A 1 3  ? -6.013 3.822   1.476  1.00 0.00 ? 3  PHE A HB3  2 
ATOM   230  H HD1  . PHE A 1 3  ? -3.710 5.488   3.845  1.00 0.00 ? 3  PHE A HD1  2 
ATOM   231  H HD2  . PHE A 1 3  ? -6.115 1.998   3.097  1.00 0.00 ? 3  PHE A HD2  2 
ATOM   232  H HE1  . PHE A 1 3  ? -3.481 4.824   6.236  1.00 0.00 ? 3  PHE A HE1  2 
ATOM   233  H HE2  . PHE A 1 3  ? -5.882 1.319   5.482  1.00 0.00 ? 3  PHE A HE2  2 
ATOM   234  H HZ   . PHE A 1 3  ? -4.572 2.738   7.061  1.00 0.00 ? 3  PHE A HZ   2 
HETATM 235  N N    . DPN A 1 4  ? -2.751 1.655   0.716  1.00 0.00 ? 4  DPN A N    2 
HETATM 236  C CA   . DPN A 1 4  ? -2.447 0.239   0.445  1.00 0.00 ? 4  DPN A CA   2 
HETATM 237  C C    . DPN A 1 4  ? -2.468 -0.562  1.748  1.00 0.00 ? 4  DPN A C    2 
HETATM 238  O O    . DPN A 1 4  ? -3.031 -0.128  2.747  1.00 0.00 ? 4  DPN A O    2 
HETATM 239  C CB   . DPN A 1 4  ? -3.334 -0.387  -0.655 1.00 0.00 ? 4  DPN A CB   2 
HETATM 240  C CG   . DPN A 1 4  ? -3.377 0.425   -1.932 1.00 0.00 ? 4  DPN A CG   2 
HETATM 241  C CD1  . DPN A 1 4  ? -2.275 0.443   -2.810 1.00 0.00 ? 4  DPN A CD1  2 
HETATM 242  C CD2  . DPN A 1 4  ? -4.523 1.178   -2.267 1.00 0.00 ? 4  DPN A CD2  2 
HETATM 243  C CE1  . DPN A 1 4  ? -2.315 1.213   -4.006 1.00 0.00 ? 4  DPN A CE1  2 
HETATM 244  C CE2  . DPN A 1 4  ? -4.566 1.953   -3.451 1.00 0.00 ? 4  DPN A CE2  2 
HETATM 245  C CZ   . DPN A 1 4  ? -3.461 1.970   -4.318 1.00 0.00 ? 4  DPN A CZ   2 
HETATM 246  H H    . DPN A 1 4  ? -1.960 2.274   0.806  1.00 0.00 ? 4  DPN A H    2 
HETATM 247  H HA   . DPN A 1 4  ? -1.423 0.207   0.076  1.00 0.00 ? 4  DPN A HA   2 
HETATM 248  H HB2  . DPN A 1 4  ? -2.949 -1.376  -0.895 1.00 0.00 ? 4  DPN A HB2  2 
HETATM 249  H HB3  . DPN A 1 4  ? -4.347 -0.505  -0.275 1.00 0.00 ? 4  DPN A HB3  2 
HETATM 250  H HD1  . DPN A 1 4  ? -1.393 -0.133  -2.575 1.00 0.00 ? 4  DPN A HD1  2 
HETATM 251  H HD2  . DPN A 1 4  ? -5.382 1.165   -1.611 1.00 0.00 ? 4  DPN A HD2  2 
HETATM 252  H HE1  . DPN A 1 4  ? -1.471 1.213   -4.679 1.00 0.00 ? 4  DPN A HE1  2 
HETATM 253  H HE2  . DPN A 1 4  ? -5.450 2.526   -3.691 1.00 0.00 ? 4  DPN A HE2  2 
HETATM 254  H HZ   . DPN A 1 4  ? -3.493 2.560   -5.224 1.00 0.00 ? 4  DPN A HZ   2 
ATOM   255  N N    . ASN A 1 5  ? -1.840 -1.728  1.739  1.00 0.00 ? 5  ASN A N    2 
ATOM   256  C CA   . ASN A 1 5  ? -1.810 -2.608  2.904  1.00 0.00 ? 5  ASN A CA   2 
ATOM   257  C C    . ASN A 1 5  ? -0.360 -2.998  3.199  1.00 0.00 ? 5  ASN A C    2 
ATOM   258  O O    . ASN A 1 5  ? 0.562  -2.443  2.612  1.00 0.00 ? 5  ASN A O    2 
ATOM   259  C CB   . ASN A 1 5  ? -2.707 -3.832  2.665  1.00 0.00 ? 5  ASN A CB   2 
ATOM   260  C CG   . ASN A 1 5  ? -2.244 -4.676  1.500  1.00 0.00 ? 5  ASN A CG   2 
ATOM   261  O OD1  . ASN A 1 5  ? -1.263 -5.396  1.602  1.00 0.00 ? 5  ASN A OD1  2 
ATOM   262  N ND2  . ASN A 1 5  ? -2.946 -4.606  0.400  1.00 0.00 ? 5  ASN A ND2  2 
ATOM   263  H H    . ASN A 1 5  ? -1.349 -2.030  0.901  1.00 0.00 ? 5  ASN A H    2 
ATOM   264  H HA   . ASN A 1 5  ? -2.196 -2.065  3.768  1.00 0.00 ? 5  ASN A HA   2 
ATOM   265  H HB2  . ASN A 1 5  ? -2.721 -4.451  3.561  1.00 0.00 ? 5  ASN A HB2  2 
ATOM   266  H HB3  . ASN A 1 5  ? -3.721 -3.488  2.477  1.00 0.00 ? 5  ASN A HB3  2 
ATOM   267  H HD21 . ASN A 1 5  ? -2.672 -5.159  -0.394 1.00 0.00 ? 5  ASN A HD21 2 
ATOM   268  H HD22 . ASN A 1 5  ? -3.748 -4.001  0.343  1.00 0.00 ? 5  ASN A HD22 2 
ATOM   269  N N    . GLN A 1 6  ? -0.162 -3.936  4.114  1.00 0.00 ? 6  GLN A N    2 
ATOM   270  C CA   . GLN A 1 6  ? 1.177  -4.326  4.560  1.00 0.00 ? 6  GLN A CA   2 
ATOM   271  C C    . GLN A 1 6  ? 2.058  -4.943  3.481  1.00 0.00 ? 6  GLN A C    2 
ATOM   272  O O    . GLN A 1 6  ? 3.262  -4.713  3.452  1.00 0.00 ? 6  GLN A O    2 
ATOM   273  C CB   . GLN A 1 6  ? 1.048  -5.335  5.705  1.00 0.00 ? 6  GLN A CB   2 
ATOM   274  C CG   . GLN A 1 6  ? 0.365  -4.775  6.957  1.00 0.00 ? 6  GLN A CG   2 
ATOM   275  C CD   . GLN A 1 6  ? 0.147  -5.812  8.007  1.00 0.00 ? 6  GLN A CD   2 
ATOM   276  O OE1  . GLN A 1 6  ? 0.230  -6.999  7.762  1.00 0.00 ? 6  GLN A OE1  2 
ATOM   277  N NE2  . GLN A 1 6  ? -0.152 -5.366  9.184  1.00 0.00 ? 6  GLN A NE2  2 
ATOM   278  H H    . GLN A 1 6  ? -0.955 -4.396  4.532  1.00 0.00 ? 6  GLN A H    2 
ATOM   279  H HA   . GLN A 1 6  ? 1.683  -3.447  4.923  1.00 0.00 ? 6  GLN A HA   2 
ATOM   280  H HB2  . GLN A 1 6  ? 0.473  -6.188  5.345  1.00 0.00 ? 6  GLN A HB2  2 
ATOM   281  H HB3  . GLN A 1 6  ? 2.044  -5.681  5.980  1.00 0.00 ? 6  GLN A HB3  2 
ATOM   282  H HG2  . GLN A 1 6  ? 0.978  -3.981  7.375  1.00 0.00 ? 6  GLN A HG2  2 
ATOM   283  H HG3  . GLN A 1 6  ? -0.605 -4.370  6.701  1.00 0.00 ? 6  GLN A HG3  2 
ATOM   284  H HE21 . GLN A 1 6  ? -0.328 -6.019  9.909  1.00 0.00 ? 6  GLN A HE21 2 
ATOM   285  H HE22 . GLN A 1 6  ? -0.209 -4.379  9.357  1.00 0.00 ? 6  GLN A HE22 2 
ATOM   286  N N    . TYR A 1 7  ? 1.453  -5.727  2.610  1.00 0.00 ? 7  TYR A N    2 
ATOM   287  C CA   . TYR A 1 7  ? 2.196  -6.451  1.578  1.00 0.00 ? 7  TYR A CA   2 
ATOM   288  C C    . TYR A 1 7  ? 2.202  -5.699  0.254  1.00 0.00 ? 7  TYR A C    2 
ATOM   289  O O    . TYR A 1 7  ? 3.192  -5.705  -0.469 1.00 0.00 ? 7  TYR A O    2 
ATOM   290  C CB   . TYR A 1 7  ? 1.587  -7.841  1.390  1.00 0.00 ? 7  TYR A CB   2 
ATOM   291  C CG   . TYR A 1 7  ? 1.682  -8.684  2.646  1.00 0.00 ? 7  TYR A CG   2 
ATOM   292  C CD1  . TYR A 1 7  ? 0.605  -8.759  3.557  1.00 0.00 ? 7  TYR A CD1  2 
ATOM   293  C CD2  . TYR A 1 7  ? 2.858  -9.407  2.939  1.00 0.00 ? 7  TYR A CD2  2 
ATOM   294  C CE1  . TYR A 1 7  ? 0.708  -9.533  4.746  1.00 0.00 ? 7  TYR A CE1  2 
ATOM   295  C CE2  . TYR A 1 7  ? 2.961  -10.183 4.125  1.00 0.00 ? 7  TYR A CE2  2 
ATOM   296  C CZ   . TYR A 1 7  ? 1.886  -10.231 5.019  1.00 0.00 ? 7  TYR A CZ   2 
ATOM   297  O OH   . TYR A 1 7  ? 1.987  -10.972 6.168  1.00 0.00 ? 7  TYR A OH   2 
ATOM   298  H H    . TYR A 1 7  ? 0.454  -5.840  2.661  1.00 0.00 ? 7  TYR A H    2 
ATOM   299  H HA   . TYR A 1 7  ? 3.231  -6.569  1.904  1.00 0.00 ? 7  TYR A HA   2 
ATOM   300  H HB2  . TYR A 1 7  ? 0.537  -7.736  1.113  1.00 0.00 ? 7  TYR A HB2  2 
ATOM   301  H HB3  . TYR A 1 7  ? 2.111  -8.350  0.583  1.00 0.00 ? 7  TYR A HB3  2 
ATOM   302  H HD1  . TYR A 1 7  ? -0.306 -8.215  3.357  1.00 0.00 ? 7  TYR A HD1  2 
ATOM   303  H HD2  . TYR A 1 7  ? 3.694  -9.364  2.256  1.00 0.00 ? 7  TYR A HD2  2 
ATOM   304  H HE1  . TYR A 1 7  ? -0.114 -9.576  5.443  1.00 0.00 ? 7  TYR A HE1  2 
ATOM   305  H HE2  . TYR A 1 7  ? 3.868  -10.725 4.340  1.00 0.00 ? 7  TYR A HE2  2 
ATOM   306  H HH   . TYR A 1 7  ? 2.839  -11.400 6.262  1.00 0.00 ? 7  TYR A HH   2 
ATOM   307  N N    . VAL A 1 8  ? 1.096  -5.043  -0.056 1.00 0.00 ? 8  VAL A N    2 
ATOM   308  C CA   . VAL A 1 8  ? 0.987  -4.249  -1.278 1.00 0.00 ? 8  VAL A CA   2 
ATOM   309  C C    . VAL A 1 8  ? 0.829  -2.798  -0.888 1.00 0.00 ? 8  VAL A C    2 
ATOM   310  O O    . VAL A 1 8  ? -0.263 -2.338  -0.526 1.00 0.00 ? 8  VAL A O    2 
ATOM   311  C CB   . VAL A 1 8  ? -0.174 -4.723  -2.180 1.00 0.00 ? 8  VAL A CB   2 
ATOM   312  C CG1  . VAL A 1 8  ? -0.266 -3.864  -3.458 1.00 0.00 ? 8  VAL A CG1  2 
ATOM   313  C CG2  . VAL A 1 8  ? 0.059  -6.177  -2.562 1.00 0.00 ? 8  VAL A CG2  2 
ATOM   314  H H    . VAL A 1 8  ? 0.299  -5.078  0.571  1.00 0.00 ? 8  VAL A H    2 
ATOM   315  H HA   . VAL A 1 8  ? 1.913  -4.345  -1.844 1.00 0.00 ? 8  VAL A HA   2 
ATOM   316  H HB   . VAL A 1 8  ? -1.111 -4.645  -1.634 1.00 0.00 ? 8  VAL A HB   2 
ATOM   317  H HG11 . VAL A 1 8  ? -1.048 -4.258  -4.108 1.00 0.00 ? 8  VAL A HG11 2 
ATOM   318  H HG12 . VAL A 1 8  ? 0.687  -3.886  -3.991 1.00 0.00 ? 8  VAL A HG12 2 
ATOM   319  H HG13 . VAL A 1 8  ? -0.513 -2.836  -3.196 1.00 0.00 ? 8  VAL A HG13 2 
ATOM   320  H HG21 . VAL A 1 8  ? 1.063  -6.277  -2.987 1.00 0.00 ? 8  VAL A HG21 2 
ATOM   321  H HG22 . VAL A 1 8  ? -0.681 -6.492  -3.294 1.00 0.00 ? 8  VAL A HG22 2 
ATOM   322  H HG23 . VAL A 1 8  ? -0.017 -6.805  -1.677 1.00 0.00 ? 8  VAL A HG23 2 
HETATM 323  N N    . ORN A 1 9  ? 1.953  -2.099  -0.959 1.00 0.00 ? 9  ORN A N    2 
HETATM 324  C CA   . ORN A 1 9  ? 2.128  -0.776  -0.355 1.00 0.00 ? 9  ORN A CA   2 
HETATM 325  C CB   . ORN A 1 9  ? 3.048  -0.896  0.885  1.00 0.00 ? 9  ORN A CB   2 
HETATM 326  C CG   . ORN A 1 9  ? 2.988  0.395   1.739  1.00 0.00 ? 9  ORN A CG   2 
HETATM 327  C CD   . ORN A 1 9  ? 4.019  0.356   2.879  1.00 0.00 ? 9  ORN A CD   2 
HETATM 328  N NE   . ORN A 1 9  ? 5.402  0.537   2.370  1.00 0.00 ? 9  ORN A NE   2 
HETATM 329  C C    . ORN A 1 9  ? 2.698  0.200   -1.402 1.00 0.00 ? 9  ORN A C    2 
HETATM 330  O O    . ORN A 1 9  ? 3.872  0.103   -1.782 1.00 0.00 ? 9  ORN A O    2 
HETATM 331  H H    . ORN A 1 9  ? 2.779  -2.574  -1.298 1.00 0.00 ? 9  ORN A H    2 
HETATM 332  H HA   . ORN A 1 9  ? 1.153  -0.410  -0.028 1.00 0.00 ? 9  ORN A HA   2 
HETATM 333  H HB2  . ORN A 1 9  ? 2.724  -1.745  1.493  1.00 0.00 ? 9  ORN A HB2  2 
HETATM 334  H HB3  . ORN A 1 9  ? 4.071  -1.074  0.551  1.00 0.00 ? 9  ORN A HB3  2 
HETATM 335  H HG2  . ORN A 1 9  ? 3.183  1.264   1.106  1.00 0.00 ? 9  ORN A HG2  2 
HETATM 336  H HG3  . ORN A 1 9  ? 1.989  0.490   2.168  1.00 0.00 ? 9  ORN A HG3  2 
HETATM 337  H HD2  . ORN A 1 9  ? 3.792  1.156   3.589  1.00 0.00 ? 9  ORN A HD2  2 
HETATM 338  H HD3  . ORN A 1 9  ? 3.946  -0.604  3.399  1.00 0.00 ? 9  ORN A HD3  2 
HETATM 339  H HE1  . ORN A 1 9  ? 5.475  1.428   1.894  1.00 0.00 ? 9  ORN A HE1  2 
HETATM 340  H HE2  . ORN A 1 9  ? 6.056  0.513   3.140  1.00 0.00 ? 9  ORN A HE2  2 
HETATM 341  H HE3  . ORN A 1 9  ? 5.624  -0.206  1.720  1.00 0.00 ? 9  ORN A HE3  2 
ATOM   342  N N    . LEU A 1 10 ? 1.870  1.163   -1.806 1.00 0.00 ? 10 LEU A N    2 
ATOM   343  C CA   . LEU A 1 10 ? 2.185  2.152   -2.821 1.00 0.00 ? 10 LEU A CA   2 
ATOM   344  C C    . LEU A 1 10 ? 1.698  3.468   -2.238 1.00 0.00 ? 10 LEU A C    2 
ATOM   345  O O    . LEU A 1 10 ? 1.039  3.450   -1.205 1.00 0.00 ? 10 LEU A O    2 
ATOM   346  C CB   . LEU A 1 10 ? 1.465  1.854   -4.153 1.00 0.00 ? 10 LEU A CB   2 
ATOM   347  C CG   . LEU A 1 10 ? 1.964  0.741   -5.102 1.00 0.00 ? 10 LEU A CG   2 
ATOM   348  C CD1  . LEU A 1 10 ? 3.471  0.846   -5.359 1.00 0.00 ? 10 LEU A CD1  2 
ATOM   349  C CD2  . LEU A 1 10 ? 1.621  -0.667  -4.607 1.00 0.00 ? 10 LEU A CD2  2 
ATOM   350  H H    . LEU A 1 10 ? 0.970  1.246   -1.388 1.00 0.00 ? 10 LEU A H    2 
ATOM   351  H HA   . LEU A 1 10 ? 3.247  2.193   -2.965 1.00 0.00 ? 10 LEU A HA   2 
ATOM   352  H HB2  . LEU A 1 10 ? 0.428  1.642   -3.917 1.00 0.00 ? 10 LEU A HB2  2 
ATOM   353  H HB3  . LEU A 1 10 ? 1.470  2.775   -4.734 1.00 0.00 ? 10 LEU A HB3  2 
ATOM   354  H HG   . LEU A 1 10 ? 1.457  0.880   -6.057 1.00 0.00 ? 10 LEU A HG   2 
ATOM   355  H HD11 . LEU A 1 10 ? 3.716  1.851   -5.702 1.00 0.00 ? 10 LEU A HD11 2 
ATOM   356  H HD12 . LEU A 1 10 ? 3.759  0.130   -6.131 1.00 0.00 ? 10 LEU A HD12 2 
ATOM   357  H HD13 . LEU A 1 10 ? 4.024  0.626   -4.446 1.00 0.00 ? 10 LEU A HD13 2 
ATOM   358  H HD21 . LEU A 1 10 ? 1.825  -1.388  -5.400 1.00 0.00 ? 10 LEU A HD21 2 
ATOM   359  H HD22 . LEU A 1 10 ? 0.566  -0.718  -4.344 1.00 0.00 ? 10 LEU A HD22 2 
ATOM   360  H HD23 . LEU A 1 10 ? 2.226  -0.915  -3.740 1.00 0.00 ? 10 LEU A HD23 2 
HETATM 361  N N    . DPN A 1 1  ? 1.733  4.886   -2.957 1.00 0.00 ? 1  DPN A N    3 
HETATM 362  C CA   . DPN A 1 1  ? 1.660  6.338   -2.617 1.00 0.00 ? 1  DPN A CA   3 
HETATM 363  C C    . DPN A 1 1  ? 0.316  6.924   -3.068 1.00 0.00 ? 1  DPN A C    3 
HETATM 364  O O    . DPN A 1 1  ? 0.284  7.973   -3.688 1.00 0.00 ? 1  DPN A O    3 
HETATM 365  C CB   . DPN A 1 1  ? 2.014  6.716   -1.142 1.00 0.00 ? 1  DPN A CB   3 
HETATM 366  C CG   . DPN A 1 1  ? 0.819  7.098   -0.275 1.00 0.00 ? 1  DPN A CG   3 
HETATM 367  C CD1  . DPN A 1 1  ? 0.192  8.351   -0.436 1.00 0.00 ? 1  DPN A CD1  3 
HETATM 368  C CD2  . DPN A 1 1  ? 0.323  6.216   0.712  1.00 0.00 ? 1  DPN A CD2  3 
HETATM 369  C CE1  . DPN A 1 1  ? -0.933 8.709   0.358  1.00 0.00 ? 1  DPN A CE1  3 
HETATM 370  C CE2  . DPN A 1 1  ? -0.792 6.572   1.512  1.00 0.00 ? 1  DPN A CE2  3 
HETATM 371  C CZ   . DPN A 1 1  ? -1.420 7.817   1.329  1.00 0.00 ? 1  DPN A CZ   3 
HETATM 372  H H    . DPN A 1 1  ? 2.009  4.679   -3.909 1.00 0.00 ? 1  DPN A H    3 
HETATM 373  H HA   . DPN A 1 1  ? 2.415  6.830   -3.237 1.00 0.00 ? 1  DPN A HA   3 
HETATM 374  H HB2  . DPN A 1 1  ? 2.550  5.897   -0.672 1.00 0.00 ? 1  DPN A HB2  3 
HETATM 375  H HB3  . DPN A 1 1  ? 2.696  7.568   -1.171 1.00 0.00 ? 1  DPN A HB3  3 
HETATM 376  H HD1  . DPN A 1 1  ? 0.562  9.045   -1.179 1.00 0.00 ? 1  DPN A HD1  3 
HETATM 377  H HD2  . DPN A 1 1  ? 0.799  5.263   0.861  1.00 0.00 ? 1  DPN A HD2  3 
HETATM 378  H HE1  . DPN A 1 1  ? -1.408 9.672   0.212  1.00 0.00 ? 1  DPN A HE1  3 
HETATM 379  H HE2  . DPN A 1 1  ? -1.159 5.888   2.263  1.00 0.00 ? 1  DPN A HE2  3 
HETATM 380  H HZ   . DPN A 1 1  ? -2.278 8.087   1.932  1.00 0.00 ? 1  DPN A HZ   3 
HETATM 381  C C    . BE2 A 1 2  ? -2.657 4.614   -1.295 1.00 0.00 ? 2  BE2 A C    3 
HETATM 382  O O    . BE2 A 1 2  ? -1.600 4.031   -1.486 1.00 0.00 ? 2  BE2 A O    3 
HETATM 383  C C1   . BE2 A 1 2  ? -3.135 5.712   -2.207 1.00 0.00 ? 2  BE2 A C1   3 
HETATM 384  C CA   . BE2 A 1 2  ? -2.188 6.474   -2.930 1.00 0.00 ? 2  BE2 A CA   3 
HETATM 385  C C3   . BE2 A 1 2  ? -2.634 7.497   -3.795 1.00 0.00 ? 2  BE2 A C3   3 
HETATM 386  N N    . BE2 A 1 2  ? -0.789 6.195   -2.726 1.00 0.00 ? 2  BE2 A N    3 
HETATM 387  C C4   . BE2 A 1 2  ? -4.006 7.764   -3.928 1.00 0.00 ? 2  BE2 A C4   3 
HETATM 388  C C5   . BE2 A 1 2  ? -4.945 7.015   -3.203 1.00 0.00 ? 2  BE2 A C5   3 
HETATM 389  C C6   . BE2 A 1 2  ? -4.515 5.989   -2.347 1.00 0.00 ? 2  BE2 A C6   3 
HETATM 390  H H3   . BE2 A 1 2  ? -1.945 8.101   -4.370 1.00 0.00 ? 2  BE2 A H3   3 
HETATM 391  H H    . BE2 A 1 2  ? -0.606 5.342   -2.202 1.00 0.00 ? 2  BE2 A H    3 
HETATM 392  H H4   . BE2 A 1 2  ? -4.343 8.562   -4.588 1.00 0.00 ? 2  BE2 A H4   3 
HETATM 393  H H5   . BE2 A 1 2  ? -6.007 7.227   -3.312 1.00 0.00 ? 2  BE2 A H5   3 
HETATM 394  H H6   . BE2 A 1 2  ? -5.258 5.403   -1.808 1.00 0.00 ? 2  BE2 A H6   3 
ATOM   395  N N    . PHE A 1 3  ? -3.473 4.283   -0.246 1.00 0.00 ? 3  PHE A N    3 
ATOM   396  C CA   . PHE A 1 3  ? -3.094 3.278   0.721  1.00 0.00 ? 3  PHE A CA   3 
ATOM   397  C C    . PHE A 1 3  ? -3.676 1.942   0.336  1.00 0.00 ? 3  PHE A C    3 
ATOM   398  O O    . PHE A 1 3  ? -4.889 1.765   0.364  1.00 0.00 ? 3  PHE A O    3 
ATOM   399  C CB   . PHE A 1 3  ? -3.530 3.672   2.130  1.00 0.00 ? 3  PHE A CB   3 
ATOM   400  C CG   . PHE A 1 3  ? -2.984 2.767   3.195  1.00 0.00 ? 3  PHE A CG   3 
ATOM   401  C CD1  . PHE A 1 3  ? -3.834 1.866   3.867  1.00 0.00 ? 3  PHE A CD1  3 
ATOM   402  C CD2  . PHE A 1 3  ? -1.614 2.798   3.531  1.00 0.00 ? 3  PHE A CD2  3 
ATOM   403  C CE1  . PHE A 1 3  ? -3.323 1.007   4.881  1.00 0.00 ? 3  PHE A CE1  3 
ATOM   404  C CE2  . PHE A 1 3  ? -1.094 1.941   4.537  1.00 0.00 ? 3  PHE A CE2  3 
ATOM   405  C CZ   . PHE A 1 3  ? -1.952 1.046   5.215  1.00 0.00 ? 3  PHE A CZ   3 
ATOM   406  H H    . PHE A 1 3  ? -4.327 4.743   -0.128 1.00 0.00 ? 3  PHE A H    3 
ATOM   407  H HA   . PHE A 1 3  ? -2.036 3.218   0.705  1.00 0.00 ? 3  PHE A HA   3 
ATOM   408  H HB2  . PHE A 1 3  ? -3.183 4.687   2.326  1.00 0.00 ? 3  PHE A HB2  3 
ATOM   409  H HB3  . PHE A 1 3  ? -4.617 3.661   2.181  1.00 0.00 ? 3  PHE A HB3  3 
ATOM   410  H HD1  . PHE A 1 3  ? -4.885 1.824   3.611  1.00 0.00 ? 3  PHE A HD1  3 
ATOM   411  H HD2  . PHE A 1 3  ? -0.953 3.482   3.023  1.00 0.00 ? 3  PHE A HD2  3 
ATOM   412  H HE1  . PHE A 1 3  ? -3.987 0.325   5.394  1.00 0.00 ? 3  PHE A HE1  3 
ATOM   413  H HE2  . PHE A 1 3  ? -0.043 1.969   4.779  1.00 0.00 ? 3  PHE A HE2  3 
ATOM   414  H HZ   . PHE A 1 3  ? -1.558 0.396   5.984  1.00 0.00 ? 3  PHE A HZ   3 
HETATM 415  N N    . DPN A 1 4  ? -2.763 1.035   -0.021 1.00 0.00 ? 4  DPN A N    3 
HETATM 416  C CA   . DPN A 1 4  ? -3.040 -0.346  -0.473 1.00 0.00 ? 4  DPN A CA   3 
HETATM 417  C C    . DPN A 1 4  ? -3.279 -1.225  0.746  1.00 0.00 ? 4  DPN A C    3 
HETATM 418  O O    . DPN A 1 4  ? -4.342 -1.202  1.351  1.00 0.00 ? 4  DPN A O    3 
HETATM 419  C CB   . DPN A 1 4  ? -4.176 -0.483  -1.503 1.00 0.00 ? 4  DPN A CB   3 
HETATM 420  C CG   . DPN A 1 4  ? -3.864 0.131   -2.841 1.00 0.00 ? 4  DPN A CG   3 
HETATM 421  C CD1  . DPN A 1 4  ? -3.490 -0.685  -3.929 1.00 0.00 ? 4  DPN A CD1  3 
HETATM 422  C CD2  . DPN A 1 4  ? -3.956 1.523   -3.036 1.00 0.00 ? 4  DPN A CD2  3 
HETATM 423  C CE1  . DPN A 1 4  ? -3.208 -0.117  -5.197 1.00 0.00 ? 4  DPN A CE1  3 
HETATM 424  C CE2  . DPN A 1 4  ? -3.673 2.102   -4.290 1.00 0.00 ? 4  DPN A CE2  3 
HETATM 425  C CZ   . DPN A 1 4  ? -3.300 1.279   -5.378 1.00 0.00 ? 4  DPN A CZ   3 
HETATM 426  H H    . DPN A 1 4  ? -1.812 1.315   0.006  1.00 0.00 ? 4  DPN A H    3 
HETATM 427  H HA   . DPN A 1 4  ? -2.129 -0.708  -0.959 1.00 0.00 ? 4  DPN A HA   3 
HETATM 428  H HB2  . DPN A 1 4  ? -4.349 -1.552  -1.643 1.00 0.00 ? 4  DPN A HB2  3 
HETATM 429  H HB3  . DPN A 1 4  ? -5.084 -0.049  -1.110 1.00 0.00 ? 4  DPN A HB3  3 
HETATM 430  H HD1  . DPN A 1 4  ? -3.423 -1.754  -3.802 1.00 0.00 ? 4  DPN A HD1  3 
HETATM 431  H HD2  . DPN A 1 4  ? -4.257 2.155   -2.215 1.00 0.00 ? 4  DPN A HD2  3 
HETATM 432  H HE1  . DPN A 1 4  ? -2.929 -0.754  -6.021 1.00 0.00 ? 4  DPN A HE1  3 
HETATM 433  H HE2  . DPN A 1 4  ? -3.750 3.173   -4.423 1.00 0.00 ? 4  DPN A HE2  3 
HETATM 434  H HZ   . DPN A 1 4  ? -3.094 1.720   -6.346 1.00 0.00 ? 4  DPN A HZ   3 
ATOM   435  N N    . ASN A 1 5  ? -2.271 -2.004  1.113  1.00 0.00 ? 5  ASN A N    3 
ATOM   436  C CA   . ASN A 1 5  ? -2.356 -2.842  2.303  1.00 0.00 ? 5  ASN A CA   3 
ATOM   437  C C    . ASN A 1 5  ? -0.978 -2.945  2.950  1.00 0.00 ? 5  ASN A C    3 
ATOM   438  O O    . ASN A 1 5  ? -0.053 -2.241  2.558  1.00 0.00 ? 5  ASN A O    3 
ATOM   439  C CB   . ASN A 1 5  ? -2.963 -4.215  1.963  1.00 0.00 ? 5  ASN A CB   3 
ATOM   440  C CG   . ASN A 1 5  ? -2.121 -5.007  0.997  1.00 0.00 ? 5  ASN A CG   3 
ATOM   441  O OD1  . ASN A 1 5  ? -1.050 -5.481  1.348  1.00 0.00 ? 5  ASN A OD1  3 
ATOM   442  N ND2  . ASN A 1 5  ? -2.595 -5.177  -0.207 1.00 0.00 ? 5  ASN A ND2  3 
ATOM   443  H H    . ASN A 1 5  ? -1.411 -2.023  0.570  1.00 0.00 ? 5  ASN A H    3 
ATOM   444  H HA   . ASN A 1 5  ? -3.019 -2.350  3.018  1.00 0.00 ? 5  ASN A HA   3 
ATOM   445  H HB2  . ASN A 1 5  ? -3.080 -4.789  2.879  1.00 0.00 ? 5  ASN A HB2  3 
ATOM   446  H HB3  . ASN A 1 5  ? -3.952 -4.059  1.538  1.00 0.00 ? 5  ASN A HB3  3 
ATOM   447  H HD21 . ASN A 1 5  ? -2.066 -5.708  -0.868 1.00 0.00 ? 5  ASN A HD21 3 
ATOM   448  H HD22 . ASN A 1 5  ? -3.482 -4.772  -0.476 1.00 0.00 ? 5  ASN A HD22 3 
ATOM   449  N N    . GLN A 1 6  ? -0.853 -3.809  3.943  1.00 0.00 ? 6  GLN A N    3 
ATOM   450  C CA   . GLN A 1 6  ? 0.380  -3.944  4.718  1.00 0.00 ? 6  GLN A CA   3 
ATOM   451  C C    . GLN A 1 6  ? 1.601  -4.387  3.922  1.00 0.00 ? 6  GLN A C    3 
ATOM   452  O O    . GLN A 1 6  ? 2.720  -3.977  4.213  1.00 0.00 ? 6  GLN A O    3 
ATOM   453  C CB   . GLN A 1 6  ? 0.151  -4.973  5.832  1.00 0.00 ? 6  GLN A CB   3 
ATOM   454  C CG   . GLN A 1 6  ? -0.903 -4.566  6.854  1.00 0.00 ? 6  GLN A CG   3 
ATOM   455  C CD   . GLN A 1 6  ? -1.169 -5.637  7.866  1.00 0.00 ? 6  GLN A CD   3 
ATOM   456  O OE1  . GLN A 1 6  ? -0.809 -6.789  7.694  1.00 0.00 ? 6  GLN A OE1  3 
ATOM   457  N NE2  . GLN A 1 6  ? -1.821 -5.261  8.923  1.00 0.00 ? 6  GLN A NE2  3 
ATOM   458  H H    . GLN A 1 6  ? -1.630 -4.394  4.188  1.00 0.00 ? 6  GLN A H    3 
ATOM   459  H HA   . GLN A 1 6  ? 0.610  -2.984  5.163  1.00 0.00 ? 6  GLN A HA   3 
ATOM   460  H HB2  . GLN A 1 6  ? -0.153 -5.912  5.371  1.00 0.00 ? 6  GLN A HB2  3 
ATOM   461  H HB3  . GLN A 1 6  ? 1.093  -5.129  6.353  1.00 0.00 ? 6  GLN A HB3  3 
ATOM   462  H HG2  . GLN A 1 6  ? -0.577 -3.669  7.375  1.00 0.00 ? 6  GLN A HG2  3 
ATOM   463  H HG3  . GLN A 1 6  ? -1.846 -4.354  6.357  1.00 0.00 ? 6  GLN A HG3  3 
ATOM   464  H HE21 . GLN A 1 6  ? -2.036 -5.939  9.615  1.00 0.00 ? 6  GLN A HE21 3 
ATOM   465  H HE22 . GLN A 1 6  ? -2.104 -4.302  9.038  1.00 0.00 ? 6  GLN A HE22 3 
ATOM   466  N N    . TYR A 1 7  ? 1.385  -5.235  2.933  1.00 0.00 ? 7  TYR A N    3 
ATOM   467  C CA   . TYR A 1 7  ? 2.481  -5.825  2.165  1.00 0.00 ? 7  TYR A CA   3 
ATOM   468  C C    . TYR A 1 7  ? 2.629  -5.201  0.782  1.00 0.00 ? 7  TYR A C    3 
ATOM   469  O O    . TYR A 1 7  ? 3.731  -5.062  0.268  1.00 0.00 ? 7  TYR A O    3 
ATOM   470  C CB   . TYR A 1 7  ? 2.258  -7.335  2.057  1.00 0.00 ? 7  TYR A CB   3 
ATOM   471  C CG   . TYR A 1 7  ? 2.219  -8.000  3.418  1.00 0.00 ? 7  TYR A CG   3 
ATOM   472  C CD1  . TYR A 1 7  ? 3.411  -8.393  4.056  1.00 0.00 ? 7  TYR A CD1  3 
ATOM   473  C CD2  . TYR A 1 7  ? 0.995  -8.225  4.082  1.00 0.00 ? 7  TYR A CD2  3 
ATOM   474  C CE1  . TYR A 1 7  ? 3.382  -8.986  5.353  1.00 0.00 ? 7  TYR A CE1  3 
ATOM   475  C CE2  . TYR A 1 7  ? 0.959  -8.815  5.370  1.00 0.00 ? 7  TYR A CE2  3 
ATOM   476  C CZ   . TYR A 1 7  ? 2.156  -9.184  5.998  1.00 0.00 ? 7  TYR A CZ   3 
ATOM   477  O OH   . TYR A 1 7  ? 2.126  -9.746  7.247  1.00 0.00 ? 7  TYR A OH   3 
ATOM   478  H H    . TYR A 1 7  ? 0.433  -5.496  2.710  1.00 0.00 ? 7  TYR A H    3 
ATOM   479  H HA   . TYR A 1 7  ? 3.409  -5.660  2.704  1.00 0.00 ? 7  TYR A HA   3 
ATOM   480  H HB2  . TYR A 1 7  ? 1.315  -7.522  1.548  1.00 0.00 ? 7  TYR A HB2  3 
ATOM   481  H HB3  . TYR A 1 7  ? 3.070  -7.770  1.474  1.00 0.00 ? 7  TYR A HB3  3 
ATOM   482  H HD1  . TYR A 1 7  ? 4.360  -8.234  3.565  1.00 0.00 ? 7  TYR A HD1  3 
ATOM   483  H HD2  . TYR A 1 7  ? 0.067  -7.935  3.605  1.00 0.00 ? 7  TYR A HD2  3 
ATOM   484  H HE1  . TYR A 1 7  ? 4.302  -9.275  5.839  1.00 0.00 ? 7  TYR A HE1  3 
ATOM   485  H HE2  . TYR A 1 7  ? 0.012  -8.972  5.872  1.00 0.00 ? 7  TYR A HE2  3 
ATOM   486  H HH   . TYR A 1 7  ? 1.240  -9.792  7.614  1.00 0.00 ? 7  TYR A HH   3 
ATOM   487  N N    . VAL A 1 8  ? 1.509  -4.804  0.194  1.00 0.00 ? 8  VAL A N    3 
ATOM   488  C CA   . VAL A 1 8  ? 1.506  -4.145  -1.109 1.00 0.00 ? 8  VAL A CA   3 
ATOM   489  C C    . VAL A 1 8  ? 1.144  -2.691  -0.884 1.00 0.00 ? 8  VAL A C    3 
ATOM   490  O O    . VAL A 1 8  ? -0.006 -2.340  -0.579 1.00 0.00 ? 8  VAL A O    3 
ATOM   491  C CB   . VAL A 1 8  ? 0.552  -4.830  -2.112 1.00 0.00 ? 8  VAL A CB   3 
ATOM   492  C CG1  . VAL A 1 8  ? 0.568  -4.099  -3.463 1.00 0.00 ? 8  VAL A CG1  3 
ATOM   493  C CG2  . VAL A 1 8  ? 0.959  -6.299  -2.290 1.00 0.00 ? 8  VAL A CG2  3 
ATOM   494  H H    . VAL A 1 8  ? 0.624  -4.946  0.656  1.00 0.00 ? 8  VAL A H    3 
ATOM   495  H HA   . VAL A 1 8  ? 2.507  -4.183  -1.526 1.00 0.00 ? 8  VAL A HA   3 
ATOM   496  H HB   . VAL A 1 8  ? -0.457 -4.800  -1.716 1.00 0.00 ? 8  VAL A HB   3 
ATOM   497  H HG11 . VAL A 1 8  ? 0.152  -3.099  -3.344 1.00 0.00 ? 8  VAL A HG11 3 
ATOM   498  H HG12 . VAL A 1 8  ? -0.044 -4.644  -4.171 1.00 0.00 ? 8  VAL A HG12 3 
ATOM   499  H HG13 . VAL A 1 8  ? 1.592  -4.026  -3.842 1.00 0.00 ? 8  VAL A HG13 3 
ATOM   500  H HG21 . VAL A 1 8  ? 0.347  -6.754  -3.068 1.00 0.00 ? 8  VAL A HG21 3 
ATOM   501  H HG22 . VAL A 1 8  ? 0.809  -6.840  -1.358 1.00 0.00 ? 8  VAL A HG22 3 
ATOM   502  H HG23 . VAL A 1 8  ? 2.009  -6.358  -2.570 1.00 0.00 ? 8  VAL A HG23 3 
HETATM 503  N N    . ORN A 1 9  ? 2.173  -1.861  -1.024 1.00 0.00 ? 9  ORN A N    3 
HETATM 504  C CA   . ORN A 1 9  ? 2.213  -0.497  -0.476 1.00 0.00 ? 9  ORN A CA   3 
HETATM 505  C CB   . ORN A 1 9  ? 3.332  -0.400  0.603  1.00 0.00 ? 9  ORN A CB   3 
HETATM 506  C CG   . ORN A 1 9  ? 3.019  -1.267  1.848  1.00 0.00 ? 9  ORN A CG   3 
HETATM 507  C CD   . ORN A 1 9  ? 4.237  -1.366  2.786  1.00 0.00 ? 9  ORN A CD   3 
HETATM 508  N NE   . ORN A 1 9  ? 4.425  -0.135  3.585  1.00 0.00 ? 9  ORN A NE   3 
HETATM 509  C C    . ORN A 1 9  ? 2.464  0.502   -1.614 1.00 0.00 ? 9  ORN A C    3 
HETATM 510  O O    . ORN A 1 9  ? 3.425  0.343   -2.379 1.00 0.00 ? 9  ORN A O    3 
HETATM 511  H H    . ORN A 1 9  ? 3.055  -2.274  -1.297 1.00 0.00 ? 9  ORN A H    3 
HETATM 512  H HA   . ORN A 1 9  ? 1.257  -0.273  -0.007 1.00 0.00 ? 9  ORN A HA   3 
HETATM 513  H HB2  . ORN A 1 9  ? 4.272  -0.727  0.158  1.00 0.00 ? 9  ORN A HB2  3 
HETATM 514  H HB3  . ORN A 1 9  ? 3.434  0.643   0.909  1.00 0.00 ? 9  ORN A HB3  3 
HETATM 515  H HG2  . ORN A 1 9  ? 2.172  -0.835  2.388  1.00 0.00 ? 9  ORN A HG2  3 
HETATM 516  H HG3  . ORN A 1 9  ? 2.754  -2.271  1.520  1.00 0.00 ? 9  ORN A HG3  3 
HETATM 517  H HD2  . ORN A 1 9  ? 4.088  -2.205  3.468  1.00 0.00 ? 9  ORN A HD2  3 
HETATM 518  H HD3  . ORN A 1 9  ? 5.136  -1.565  2.197  1.00 0.00 ? 9  ORN A HD3  3 
HETATM 519  H HE1  . ORN A 1 9  ? 4.630  0.644   2.967  1.00 0.00 ? 9  ORN A HE1  3 
HETATM 520  H HE2  . ORN A 1 9  ? 3.582  0.052   4.102  1.00 0.00 ? 9  ORN A HE2  3 
HETATM 521  H HE3  . ORN A 1 9  ? 5.193  -0.258  4.226  1.00 0.00 ? 9  ORN A HE3  3 
ATOM   522  N N    . LEU A 1 10 ? 1.604  1.520   -1.712 1.00 0.00 ? 10 LEU A N    3 
ATOM   523  C CA   . LEU A 1 10 ? 1.589  2.479   -2.809 1.00 0.00 ? 10 LEU A CA   3 
ATOM   524  C C    . LEU A 1 10 ? 1.478  3.844   -2.164 1.00 0.00 ? 10 LEU A C    3 
ATOM   525  O O    . LEU A 1 10 ? 1.159  3.908   -0.984 1.00 0.00 ? 10 LEU A O    3 
ATOM   526  C CB   . LEU A 1 10 ? 0.385  2.246   -3.749 1.00 0.00 ? 10 LEU A CB   3 
ATOM   527  C CG   . LEU A 1 10 ? 0.388  1.071   -4.758 1.00 0.00 ? 10 LEU A CG   3 
ATOM   528  C CD1  . LEU A 1 10 ? 1.672  1.043   -5.582 1.00 0.00 ? 10 LEU A CD1  3 
ATOM   529  C CD2  . LEU A 1 10 ? 0.171  -0.288  -4.088 1.00 0.00 ? 10 LEU A CD2  3 
ATOM   530  H H    . LEU A 1 10 ? 0.930  1.665   -0.998 1.00 0.00 ? 10 LEU A H    3 
ATOM   531  H HA   . LEU A 1 10 ? 2.514  2.412   -3.351 1.00 0.00 ? 10 LEU A HA   3 
ATOM   532  H HB2  . LEU A 1 10 ? -0.511 2.144   -3.128 1.00 0.00 ? 10 LEU A HB2  3 
ATOM   533  H HB3  . LEU A 1 10 ? 0.262  3.152   -4.337 1.00 0.00 ? 10 LEU A HB3  3 
ATOM   534  H HG   . LEU A 1 10 ? -0.439 1.231   -5.447 1.00 0.00 ? 10 LEU A HG   3 
ATOM   535  H HD11 . LEU A 1 10 ? 2.523  0.803   -4.936 1.00 0.00 ? 10 LEU A HD11 3 
ATOM   536  H HD12 . LEU A 1 10 ? 1.831  2.011   -6.055 1.00 0.00 ? 10 LEU A HD12 3 
ATOM   537  H HD13 . LEU A 1 10 ? 1.591  0.283   -6.358 1.00 0.00 ? 10 LEU A HD13 3 
ATOM   538  H HD21 . LEU A 1 10 ? -0.063 -1.036  -4.852 1.00 0.00 ? 10 LEU A HD21 3 
ATOM   539  H HD22 . LEU A 1 10 ? -0.662 -0.227  -3.395 1.00 0.00 ? 10 LEU A HD22 3 
ATOM   540  H HD23 . LEU A 1 10 ? 1.069  -0.590  -3.558 1.00 0.00 ? 10 LEU A HD23 3 
HETATM 541  N N    . DPN A 1 1  ? 2.152  4.806   -2.518 1.00 0.00 ? 1  DPN A N    4 
HETATM 542  C CA   . DPN A 1 1  ? 2.474  6.206   -2.119 1.00 0.00 ? 1  DPN A CA   4 
HETATM 543  C C    . DPN A 1 1  ? 1.315  7.102   -2.565 1.00 0.00 ? 1  DPN A C    4 
HETATM 544  O O    . DPN A 1 1  ? 1.550  8.159   -3.137 1.00 0.00 ? 1  DPN A O    4 
HETATM 545  C CB   . DPN A 1 1  ? 2.863  6.438   -0.632 1.00 0.00 ? 1  DPN A CB   4 
HETATM 546  C CG   . DPN A 1 1  ? 1.841  7.231   0.165  1.00 0.00 ? 1  DPN A CG   4 
HETATM 547  C CD1  . DPN A 1 1  ? 0.904  6.576   0.992  1.00 0.00 ? 1  DPN A CD1  4 
HETATM 548  C CD2  . DPN A 1 1  ? 1.813  8.641   0.096  1.00 0.00 ? 1  DPN A CD2  4 
HETATM 549  C CE1  . DPN A 1 1  ? -0.062 7.311   1.725  1.00 0.00 ? 1  DPN A CE1  4 
HETATM 550  C CE2  . DPN A 1 1  ? 0.853  9.387   0.828  1.00 0.00 ? 1  DPN A CE2  4 
HETATM 551  C CZ   . DPN A 1 1  ? -0.085 8.721   1.639  1.00 0.00 ? 1  DPN A CZ   4 
HETATM 552  H H    . DPN A 1 1  ? 2.309  4.594   -3.491 1.00 0.00 ? 1  DPN A H    4 
HETATM 553  H HA   . DPN A 1 1  ? 3.341  6.507   -2.706 1.00 0.00 ? 1  DPN A HA   4 
HETATM 554  H HB2  . DPN A 1 1  ? 3.051  5.491   -0.137 1.00 0.00 ? 1  DPN A HB2  4 
HETATM 555  H HB3  . DPN A 1 1  ? 3.797  6.995   -0.619 1.00 0.00 ? 1  DPN A HB3  4 
HETATM 556  H HD1  . DPN A 1 1  ? 0.909  5.498   1.068  1.00 0.00 ? 1  DPN A HD1  4 
HETATM 557  H HD2  . DPN A 1 1  ? 2.525  9.161   -0.529 1.00 0.00 ? 1  DPN A HD2  4 
HETATM 558  H HE1  . DPN A 1 1  ? -0.778 6.790   2.347  1.00 0.00 ? 1  DPN A HE1  4 
HETATM 559  H HE2  . DPN A 1 1  ? 0.849  10.465  0.760  1.00 0.00 ? 1  DPN A HE2  4 
HETATM 560  H HZ   . DPN A 1 1  ? -0.819 9.288   2.194  1.00 0.00 ? 1  DPN A HZ   4 
HETATM 561  C C    . BE2 A 1 2  ? -2.337 5.384   -1.126 1.00 0.00 ? 2  BE2 A C    4 
HETATM 562  O O    . BE2 A 1 2  ? -1.282 5.042   -0.627 1.00 0.00 ? 2  BE2 A O    4 
HETATM 563  C C1   . BE2 A 1 2  ? -2.433 6.537   -2.135 1.00 0.00 ? 2  BE2 A C1   4 
HETATM 564  C CA   . BE2 A 1 2  ? -1.249 7.135   -2.679 1.00 0.00 ? 2  BE2 A CA   4 
HETATM 565  C C3   . BE2 A 1 2  ? -1.373 8.203   -3.597 1.00 0.00 ? 2  BE2 A C3   4 
HETATM 566  N N    . BE2 A 1 2  ? 0.042  6.612   -2.308 1.00 0.00 ? 2  BE2 A N    4 
HETATM 567  C C4   . BE2 A 1 2  ? -2.629 8.691   -3.966 1.00 0.00 ? 2  BE2 A C4   4 
HETATM 568  C C5   . BE2 A 1 2  ? -3.786 8.118   -3.443 1.00 0.00 ? 2  BE2 A C5   4 
HETATM 569  C C6   . BE2 A 1 2  ? -3.700 7.055   -2.539 1.00 0.00 ? 2  BE2 A C6   4 
HETATM 570  H H3   . BE2 A 1 2  ? -0.506 8.665   -4.041 1.00 0.00 ? 2  BE2 A H3   4 
HETATM 571  H H    . BE2 A 1 2  ? 0.004  5.760   -1.760 1.00 0.00 ? 2  BE2 A H    4 
HETATM 572  H H4   . BE2 A 1 2  ? -2.702 9.515   -4.671 1.00 0.00 ? 2  BE2 A H4   4 
HETATM 573  H H5   . BE2 A 1 2  ? -4.760 8.507   -3.735 1.00 0.00 ? 2  BE2 A H5   4 
HETATM 574  H H6   . BE2 A 1 2  ? -4.633 6.652   -2.149 1.00 0.00 ? 2  BE2 A H6   4 
ATOM   575  N N    . PHE A 1 3  ? -3.516 4.752   -0.801 1.00 0.00 ? 3  PHE A N    4 
ATOM   576  C CA   . PHE A 1 3  ? -3.637 3.728   0.205  1.00 0.00 ? 3  PHE A CA   4 
ATOM   577  C C    . PHE A 1 3  ? -3.542 2.339   -0.430 1.00 0.00 ? 3  PHE A C    4 
ATOM   578  O O    . PHE A 1 3  ? -3.932 2.166   -1.583 1.00 0.00 ? 3  PHE A O    4 
ATOM   579  C CB   . PHE A 1 3  ? -4.977 3.900   0.920  1.00 0.00 ? 3  PHE A CB   4 
ATOM   580  C CG   . PHE A 1 3  ? -5.132 3.037   2.141  1.00 0.00 ? 3  PHE A CG   4 
ATOM   581  C CD1  . PHE A 1 3  ? -4.550 3.430   3.363  1.00 0.00 ? 3  PHE A CD1  4 
ATOM   582  C CD2  . PHE A 1 3  ? -5.849 1.828   2.082  1.00 0.00 ? 3  PHE A CD2  4 
ATOM   583  C CE1  . PHE A 1 3  ? -4.693 2.634   4.522  1.00 0.00 ? 3  PHE A CE1  4 
ATOM   584  C CE2  . PHE A 1 3  ? -6.004 1.018   3.235  1.00 0.00 ? 3  PHE A CE2  4 
ATOM   585  C CZ   . PHE A 1 3  ? -5.429 1.423   4.457  1.00 0.00 ? 3  PHE A CZ   4 
ATOM   586  H H    . PHE A 1 3  ? -4.327 5.014   -1.269 1.00 0.00 ? 3  PHE A H    4 
ATOM   587  H HA   . PHE A 1 3  ? -2.851 3.872   0.897  1.00 0.00 ? 3  PHE A HA   4 
ATOM   588  H HB2  . PHE A 1 3  ? -5.081 4.942   1.224  1.00 0.00 ? 3  PHE A HB2  4 
ATOM   589  H HB3  . PHE A 1 3  ? -5.776 3.668   0.220  1.00 0.00 ? 3  PHE A HB3  4 
ATOM   590  H HD1  . PHE A 1 3  ? -3.993 4.353   3.414  1.00 0.00 ? 3  PHE A HD1  4 
ATOM   591  H HD2  . PHE A 1 3  ? -6.297 1.509   1.149  1.00 0.00 ? 3  PHE A HD2  4 
ATOM   592  H HE1  . PHE A 1 3  ? -4.248 2.953   5.452  1.00 0.00 ? 3  PHE A HE1  4 
ATOM   593  H HE2  . PHE A 1 3  ? -6.565 0.094   3.180  1.00 0.00 ? 3  PHE A HE2  4 
ATOM   594  H HZ   . PHE A 1 3  ? -5.542 0.810   5.338  1.00 0.00 ? 3  PHE A HZ   4 
HETATM 595  N N    . DPN A 1 4  ? -3.003 1.390   0.339  1.00 0.00 ? 4  DPN A N    4 
HETATM 596  C CA   . DPN A 1 4  ? -2.865 -0.044  -0.004 1.00 0.00 ? 4  DPN A CA   4 
HETATM 597  C C    . DPN A 1 4  ? -2.712 -0.759  1.333  1.00 0.00 ? 4  DPN A C    4 
HETATM 598  O O    . DPN A 1 4  ? -3.085 -0.212  2.365  1.00 0.00 ? 4  DPN A O    4 
HETATM 599  C CB   . DPN A 1 4  ? -4.133 -0.645  -0.656 1.00 0.00 ? 4  DPN A CB   4 
HETATM 600  C CG   . DPN A 1 4  ? -3.875 -1.300  -1.989 1.00 0.00 ? 4  DPN A CG   4 
HETATM 601  C CD1  . DPN A 1 4  ? -4.127 -0.614  -3.190 1.00 0.00 ? 4  DPN A CD1  4 
HETATM 602  C CD2  . DPN A 1 4  ? -3.391 -2.615  -2.047 1.00 0.00 ? 4  DPN A CD2  4 
HETATM 603  C CE1  . DPN A 1 4  ? -3.892 -1.235  -4.438 1.00 0.00 ? 4  DPN A CE1  4 
HETATM 604  C CE2  . DPN A 1 4  ? -3.167 -3.250  -3.290 1.00 0.00 ? 4  DPN A CE2  4 
HETATM 605  C CZ   . DPN A 1 4  ? -3.412 -2.557  -4.487 1.00 0.00 ? 4  DPN A CZ   4 
HETATM 606  H H    . DPN A 1 4  ? -2.684 1.651   1.261  1.00 0.00 ? 4  DPN A H    4 
HETATM 607  H HA   . DPN A 1 4  ? -1.986 -0.212  -0.635 1.00 0.00 ? 4  DPN A HA   4 
HETATM 608  H HB2  . DPN A 1 4  ? -4.541 -1.402  0.019  1.00 0.00 ? 4  DPN A HB2  4 
HETATM 609  H HB3  . DPN A 1 4  ? -4.890 0.129   -0.770 1.00 0.00 ? 4  DPN A HB3  4 
HETATM 610  H HD1  . DPN A 1 4  ? -4.497 0.396   -3.161 1.00 0.00 ? 4  DPN A HD1  4 
HETATM 611  H HD2  . DPN A 1 4  ? -3.192 -3.145  -1.135 1.00 0.00 ? 4  DPN A HD2  4 
HETATM 612  H HE1  . DPN A 1 4  ? -4.080 -0.691  -5.359 1.00 0.00 ? 4  DPN A HE1  4 
HETATM 613  H HE2  . DPN A 1 4  ? -2.801 -4.265  -3.319 1.00 0.00 ? 4  DPN A HE2  4 
HETATM 614  H HZ   . DPN A 1 4  ? -3.231 -3.036  -5.443 1.00 0.00 ? 4  DPN A HZ   4 
ATOM   615  N N    . ASN A 1 5  ? -2.174 -1.971  1.321  1.00 0.00 ? 5  ASN A N    4 
ATOM   616  C CA   . ASN A 1 5  ? -2.053 -2.767  2.542  1.00 0.00 ? 5  ASN A CA   4 
ATOM   617  C C    . ASN A 1 5  ? -0.576 -2.937  2.900  1.00 0.00 ? 5  ASN A C    4 
ATOM   618  O O    . ASN A 1 5  ? 0.287  -2.373  2.245  1.00 0.00 ? 5  ASN A O    4 
ATOM   619  C CB   . ASN A 1 5  ? -2.792 -4.114  2.391  1.00 0.00 ? 5  ASN A CB   4 
ATOM   620  C CG   . ASN A 1 5  ? -2.163 -5.021  1.352  1.00 0.00 ? 5  ASN A CG   4 
ATOM   621  O OD1  . ASN A 1 5  ? -1.037 -5.453  1.505  1.00 0.00 ? 5  ASN A OD1  4 
ATOM   622  N ND2  . ASN A 1 5  ? -2.883 -5.325  0.302  1.00 0.00 ? 5  ASN A ND2  4 
ATOM   623  H H    . ASN A 1 5  ? -1.818 -2.359  0.447  1.00 0.00 ? 5  ASN A H    4 
ATOM   624  H HA   . ASN A 1 5  ? -2.525 -2.224  3.360  1.00 0.00 ? 5  ASN A HA   4 
ATOM   625  H HB2  . ASN A 1 5  ? -2.792 -4.631  3.344  1.00 0.00 ? 5  ASN A HB2  4 
ATOM   626  H HB3  . ASN A 1 5  ? -3.825 -3.912  2.116  1.00 0.00 ? 5  ASN A HB3  4 
ATOM   627  H HD21 . ASN A 1 5  ? -2.493 -5.925  -0.405 1.00 0.00 ? 5  ASN A HD21 4 
ATOM   628  H HD22 . ASN A 1 5  ? -3.813 -4.967  0.197  1.00 0.00 ? 5  ASN A HD22 4 
ATOM   629  N N    . GLN A 1 6  ? -0.290 -3.692  3.947  1.00 0.00 ? 6  GLN A N    4 
ATOM   630  C CA   . GLN A 1 6  ? 1.081  -3.845  4.450  1.00 0.00 ? 6  GLN A CA   4 
ATOM   631  C C    . GLN A 1 6  ? 2.062  -4.538  3.499  1.00 0.00 ? 6  GLN A C    4 
ATOM   632  O O    . GLN A 1 6  ? 3.258  -4.254  3.522  1.00 0.00 ? 6  GLN A O    4 
ATOM   633  C CB   . GLN A 1 6  ? 1.043  -4.618  5.772  1.00 0.00 ? 6  GLN A CB   4 
ATOM   634  C CG   . GLN A 1 6  ? 0.409  -3.821  6.917  1.00 0.00 ? 6  GLN A CG   4 
ATOM   635  C CD   . GLN A 1 6  ? 0.324  -4.602  8.187  1.00 0.00 ? 6  GLN A CD   4 
ATOM   636  O OE1  . GLN A 1 6  ? 0.473  -5.808  8.203  1.00 0.00 ? 6  GLN A OE1  4 
ATOM   637  N NE2  . GLN A 1 6  ? 0.068  -3.923  9.257  1.00 0.00 ? 6  GLN A NE2  4 
ATOM   638  H H    . GLN A 1 6  ? -1.030 -4.171  4.437  1.00 0.00 ? 6  GLN A H    4 
ATOM   639  H HA   . GLN A 1 6  ? 1.481  -2.857  4.645  1.00 0.00 ? 6  GLN A HA   4 
ATOM   640  H HB2  . GLN A 1 6  ? 0.475  -5.532  5.618  1.00 0.00 ? 6  GLN A HB2  4 
ATOM   641  H HB3  . GLN A 1 6  ? 2.060  -4.892  6.053  1.00 0.00 ? 6  GLN A HB3  4 
ATOM   642  H HG2  . GLN A 1 6  ? 0.998  -2.923  7.107  1.00 0.00 ? 6  GLN A HG2  4 
ATOM   643  H HG3  . GLN A 1 6  ? -0.599 -3.533  6.653  1.00 0.00 ? 6  GLN A HG3  4 
ATOM   644  H HE21 . GLN A 1 6  ? -0.014 -4.410  10.120 1.00 0.00 ? 6  GLN A HE21 4 
ATOM   645  H HE22 . GLN A 1 6  ? -0.054 -2.929  9.217  1.00 0.00 ? 6  GLN A HE22 4 
ATOM   646  N N    . TYR A 1 7  ? 1.557  -5.428  2.663  1.00 0.00 ? 7  TYR A N    4 
ATOM   647  C CA   . TYR A 1 7  ? 2.394  -6.195  1.742  1.00 0.00 ? 7  TYR A CA   4 
ATOM   648  C C    . TYR A 1 7  ? 2.443  -5.525  0.382  1.00 0.00 ? 7  TYR A C    4 
ATOM   649  O O    . TYR A 1 7  ? 3.472  -5.520  -0.280 1.00 0.00 ? 7  TYR A O    4 
ATOM   650  C CB   . TYR A 1 7  ? 1.830  -7.610  1.588  1.00 0.00 ? 7  TYR A CB   4 
ATOM   651  C CG   . TYR A 1 7  ? 1.971  -8.440  2.848  1.00 0.00 ? 7  TYR A CG   4 
ATOM   652  C CD1  . TYR A 1 7  ? 3.122  -9.220  3.064  1.00 0.00 ? 7  TYR A CD1  4 
ATOM   653  C CD2  . TYR A 1 7  ? 0.956  -8.451  3.830  1.00 0.00 ? 7  TYR A CD2  4 
ATOM   654  C CE1  . TYR A 1 7  ? 3.262  -10.005 4.243  1.00 0.00 ? 7  TYR A CE1  4 
ATOM   655  C CE2  . TYR A 1 7  ? 1.096  -9.232  5.013  1.00 0.00 ? 7  TYR A CE2  4 
ATOM   656  C CZ   . TYR A 1 7  ? 2.245  -10.005 5.201  1.00 0.00 ? 7  TYR A CZ   4 
ATOM   657  O OH   . TYR A 1 7  ? 2.388  -10.759 6.339  1.00 0.00 ? 7  TYR A OH   4 
ATOM   658  H H    . TYR A 1 7  ? 0.564  -5.598  2.659  1.00 0.00 ? 7  TYR A H    4 
ATOM   659  H HA   . TYR A 1 7  ? 3.410  -6.266  2.138  1.00 0.00 ? 7  TYR A HA   4 
ATOM   660  H HB2  . TYR A 1 7  ? 0.777  -7.558  1.315  1.00 0.00 ? 7  TYR A HB2  4 
ATOM   661  H HB3  . TYR A 1 7  ? 2.370  -8.116  0.785  1.00 0.00 ? 7  TYR A HB3  4 
ATOM   662  H HD1  . TYR A 1 7  ? 3.911  -9.212  2.331  1.00 0.00 ? 7  TYR A HD1  4 
ATOM   663  H HD2  . TYR A 1 7  ? 0.060  -7.867  3.692  1.00 0.00 ? 7  TYR A HD2  4 
ATOM   664  H HE1  . TYR A 1 7  ? 4.143  -10.605 4.397  1.00 0.00 ? 7  TYR A HE1  4 
ATOM   665  H HE2  . TYR A 1 7  ? 0.317  -9.230  5.764  1.00 0.00 ? 7  TYR A HE2  4 
ATOM   666  H HH   . TYR A 1 7  ? 1.638  -10.685 6.936  1.00 0.00 ? 7  TYR A HH   4 
ATOM   667  N N    . VAL A 1 8  ? 1.324  -4.942  -0.024 1.00 0.00 ? 8  VAL A N    4 
ATOM   668  C CA   . VAL A 1 8  ? 1.239  -4.235  -1.303 1.00 0.00 ? 8  VAL A CA   4 
ATOM   669  C C    . VAL A 1 8  ? 0.941  -2.780  -1.012 1.00 0.00 ? 8  VAL A C    4 
ATOM   670  O O    . VAL A 1 8  ? -0.208 -2.382  -0.755 1.00 0.00 ? 8  VAL A O    4 
ATOM   671  C CB   . VAL A 1 8  ? 0.195  -4.856  -2.255 1.00 0.00 ? 8  VAL A CB   4 
ATOM   672  C CG1  . VAL A 1 8  ? 0.202  -4.117  -3.616 1.00 0.00 ? 8  VAL A CG1  4 
ATOM   673  C CG2  . VAL A 1 8  ? 0.524  -6.328  -2.475 1.00 0.00 ? 8  VAL A CG2  4 
ATOM   674  H H    . VAL A 1 8  ? 0.499  -4.972  0.563  1.00 0.00 ? 8  VAL A H    4 
ATOM   675  H HA   . VAL A 1 8  ? 2.212  -4.288  -1.792 1.00 0.00 ? 8  VAL A HA   4 
ATOM   676  H HB   . VAL A 1 8  ? -0.796 -4.780  -1.809 1.00 0.00 ? 8  VAL A HB   4 
ATOM   677  H HG11 . VAL A 1 8  ? 1.205  -4.139  -4.042 1.00 0.00 ? 8  VAL A HG11 4 
ATOM   678  H HG12 . VAL A 1 8  ? -0.110 -3.080  -3.468 1.00 0.00 ? 8  VAL A HG12 4 
ATOM   679  H HG13 . VAL A 1 8  ? -0.491 -4.601  -4.301 1.00 0.00 ? 8  VAL A HG13 4 
ATOM   680  H HG21 . VAL A 1 8  ? 0.388  -6.877  -1.546 1.00 0.00 ? 8  VAL A HG21 4 
ATOM   681  H HG22 . VAL A 1 8  ? 1.562  -6.423  -2.798 1.00 0.00 ? 8  VAL A HG22 4 
ATOM   682  H HG23 . VAL A 1 8  ? -0.135 -6.745  -3.241 1.00 0.00 ? 8  VAL A HG23 4 
HETATM 683  N N    . ORN A 1 9  ? 2.025  -2.014  -1.043 1.00 0.00 ? 9  ORN A N    4 
HETATM 684  C CA   . ORN A 1 9  ? 2.092  -0.649  -0.513 1.00 0.00 ? 9  ORN A CA   4 
HETATM 685  C CB   . ORN A 1 9  ? 3.359  -0.503  0.371  1.00 0.00 ? 9  ORN A CB   4 
HETATM 686  C CG   . ORN A 1 9  ? 3.224  -1.292  1.698  1.00 0.00 ? 9  ORN A CG   4 
HETATM 687  C CD   . ORN A 1 9  ? 4.510  -1.212  2.542  1.00 0.00 ? 9  ORN A CD   4 
HETATM 688  N NE   . ORN A 1 9  ? 4.663  0.116   3.173  1.00 0.00 ? 9  ORN A NE   4 
HETATM 689  C C    . ORN A 1 9  ? 2.126  0.343   -1.681 1.00 0.00 ? 9  ORN A C    4 
HETATM 690  O O    . ORN A 1 9  ? 2.878  0.142   -2.645 1.00 0.00 ? 9  ORN A O    4 
HETATM 691  H H    . ORN A 1 9  ? 2.889  -2.448  -1.333 1.00 0.00 ? 9  ORN A H    4 
HETATM 692  H HA   . ORN A 1 9  ? 1.204  -0.452  0.093  1.00 0.00 ? 9  ORN A HA   4 
HETATM 693  H HB2  . ORN A 1 9  ? 4.227  -0.875  -0.183 1.00 0.00 ? 9  ORN A HB2  4 
HETATM 694  H HB3  . ORN A 1 9  ? 3.506  0.555   0.593  1.00 0.00 ? 9  ORN A HB3  4 
HETATM 695  H HG2  . ORN A 1 9  ? 2.389  -0.891  2.276  1.00 0.00 ? 9  ORN A HG2  4 
HETATM 696  H HG3  . ORN A 1 9  ? 3.024  -2.345  1.470  1.00 0.00 ? 9  ORN A HG3  4 
HETATM 697  H HD2  . ORN A 1 9  ? 4.466  -1.978  3.323  1.00 0.00 ? 9  ORN A HD2  4 
HETATM 698  H HD3  . ORN A 1 9  ? 5.374  -1.411  1.899  1.00 0.00 ? 9  ORN A HD3  4 
HETATM 699  H HE1  . ORN A 1 9  ? 4.721  0.832   2.456  1.00 0.00 ? 9  ORN A HE1  4 
HETATM 700  H HE2  . ORN A 1 9  ? 3.862  0.302   3.766  1.00 0.00 ? 9  ORN A HE2  4 
HETATM 701  H HE3  . ORN A 1 9  ? 5.504  0.131   3.731  1.00 0.00 ? 9  ORN A HE3  4 
ATOM   702  N N    . LEU A 1 10 ? 1.433  1.467   -1.514 1.00 0.00 ? 10 LEU A N    4 
ATOM   703  C CA   . LEU A 1 10 ? 1.364  2.530   -2.502 1.00 0.00 ? 10 LEU A CA   4 
ATOM   704  C C    . LEU A 1 10 ? 1.663  3.820   -1.761 1.00 0.00 ? 10 LEU A C    4 
ATOM   705  O O    . LEU A 1 10 ? 1.440  3.875   -0.563 1.00 0.00 ? 10 LEU A O    4 
ATOM   706  C CB   . LEU A 1 10 ? -0.032 2.606   -3.151 1.00 0.00 ? 10 LEU A CB   4 
ATOM   707  C CG   . LEU A 1 10 ? -0.444 1.611   -4.261 1.00 0.00 ? 10 LEU A CG   4 
ATOM   708  C CD1  . LEU A 1 10 ? 0.558  1.637   -5.417 1.00 0.00 ? 10 LEU A CD1  4 
ATOM   709  C CD2  . LEU A 1 10 ? -0.608 0.177   -3.762 1.00 0.00 ? 10 LEU A CD2  4 
ATOM   710  H H    . LEU A 1 10 ? 0.928  1.620   -0.669 1.00 0.00 ? 10 LEU A H    4 
ATOM   711  H HA   . LEU A 1 10 ? 2.114  2.364   -3.248 1.00 0.00 ? 10 LEU A HA   4 
ATOM   712  H HB2  . LEU A 1 10 ? -0.773 2.538   -2.354 1.00 0.00 ? 10 LEU A HB2  4 
ATOM   713  H HB3  . LEU A 1 10 ? -0.124 3.604   -3.577 1.00 0.00 ? 10 LEU A HB3  4 
ATOM   714  H HG   . LEU A 1 10 ? -1.411 1.933   -4.649 1.00 0.00 ? 10 LEU A HG   4 
ATOM   715  H HD11 . LEU A 1 10 ? 1.522  1.253   -5.084 1.00 0.00 ? 10 LEU A HD11 4 
ATOM   716  H HD12 . LEU A 1 10 ? 0.674  2.656   -5.782 1.00 0.00 ? 10 LEU A HD12 4 
ATOM   717  H HD13 . LEU A 1 10 ? 0.187  1.011   -6.225 1.00 0.00 ? 10 LEU A HD13 4 
ATOM   718  H HD21 . LEU A 1 10 ? -1.091 -0.426  -4.535 1.00 0.00 ? 10 LEU A HD21 4 
ATOM   719  H HD22 . LEU A 1 10 ? -1.235 0.169   -2.871 1.00 0.00 ? 10 LEU A HD22 4 
ATOM   720  H HD23 . LEU A 1 10 ? 0.363  -0.253  -3.526 1.00 0.00 ? 10 LEU A HD23 4 
HETATM 721  N N    . DPN A 1 1  ? 1.840  4.709   -3.152 1.00 0.00 ? 1  DPN A N    5 
HETATM 722  C CA   . DPN A 1 1  ? 1.491  6.086   -2.726 1.00 0.00 ? 1  DPN A CA   5 
HETATM 723  C C    . DPN A 1 1  ? 0.083  6.443   -3.220 1.00 0.00 ? 1  DPN A C    5 
HETATM 724  O O    . DPN A 1 1  ? -0.071 7.400   -3.967 1.00 0.00 ? 1  DPN A O    5 
HETATM 725  C CB   . DPN A 1 1  ? 1.765  6.409   -1.231 1.00 0.00 ? 1  DPN A CB   5 
HETATM 726  C CG   . DPN A 1 1  ? 0.579  6.980   -0.488 1.00 0.00 ? 1  DPN A CG   5 
HETATM 727  C CD1  . DPN A 1 1  ? -0.118 6.197   0.451  1.00 0.00 ? 1  DPN A CD1  5 
HETATM 728  C CD2  . DPN A 1 1  ? 0.163  8.308   -0.712 1.00 0.00 ? 1  DPN A CD2  5 
HETATM 729  C CE1  . DPN A 1 1  ? -1.230 6.725   1.155  1.00 0.00 ? 1  DPN A CE1  5 
HETATM 730  C CE2  . DPN A 1 1  ? -0.947 8.847   -0.017 1.00 0.00 ? 1  DPN A CE2  5 
HETATM 731  C CZ   . DPN A 1 1  ? -1.647 8.049   0.914  1.00 0.00 ? 1  DPN A CZ   5 
HETATM 732  H H    . DPN A 1 1  ? 2.305  4.622   -4.040 1.00 0.00 ? 1  DPN A H    5 
HETATM 733  H HA   . DPN A 1 1  ? 2.159  6.743   -3.284 1.00 0.00 ? 1  DPN A HA   5 
HETATM 734  H HB2  . DPN A 1 1  ? 2.110  5.518   -0.716 1.00 0.00 ? 1  DPN A HB2  5 
HETATM 735  H HB3  . DPN A 1 1  ? 2.571  7.141   -1.188 1.00 0.00 ? 1  DPN A HB3  5 
HETATM 736  H HD1  . DPN A 1 1  ? 0.193  5.178   0.633  1.00 0.00 ? 1  DPN A HD1  5 
HETATM 737  H HD2  . DPN A 1 1  ? 0.690  8.921   -1.432 1.00 0.00 ? 1  DPN A HD2  5 
HETATM 738  H HE1  . DPN A 1 1  ? -1.761 6.111   1.866  1.00 0.00 ? 1  DPN A HE1  5 
HETATM 739  H HE2  . DPN A 1 1  ? -1.262 9.864   -0.204 1.00 0.00 ? 1  DPN A HE2  5 
HETATM 740  H HZ   . DPN A 1 1  ? -2.500 8.453   1.441  1.00 0.00 ? 1  DPN A HZ   5 
HETATM 741  C C    . BE2 A 1 2  ? -2.908 4.391   -0.983 1.00 0.00 ? 2  BE2 A C    5 
HETATM 742  O O    . BE2 A 1 2  ? -1.750 4.087   -0.765 1.00 0.00 ? 2  BE2 A O    5 
HETATM 743  C C1   . BE2 A 1 2  ? -3.332 5.087   -2.270 1.00 0.00 ? 2  BE2 A C1   5 
HETATM 744  C CA   . BE2 A 1 2  ? -2.352 5.672   -3.133 1.00 0.00 ? 2  BE2 A CA   5 
HETATM 745  C C3   . BE2 A 1 2  ? -2.776 6.300   -4.327 1.00 0.00 ? 2  BE2 A C3   5 
HETATM 746  N N    . BE2 A 1 2  ? -0.952 5.617   -2.787 1.00 0.00 ? 2  BE2 A N    5 
HETATM 747  C C4   . BE2 A 1 2  ? -4.133 6.363   -4.662 1.00 0.00 ? 2  BE2 A C4   5 
HETATM 748  C C5   . BE2 A 1 2  ? -5.093 5.798   -3.821 1.00 0.00 ? 2  BE2 A C5   5 
HETATM 749  C C6   . BE2 A 1 2  ? -4.705 5.168   -2.634 1.00 0.00 ? 2  BE2 A C6   5 
HETATM 750  H H3   . BE2 A 1 2  ? -2.058 6.739   -5.006 1.00 0.00 ? 2  BE2 A H3   5 
HETATM 751  H H    . BE2 A 1 2  ? -0.701 4.896   -2.115 1.00 0.00 ? 2  BE2 A H    5 
HETATM 752  H H4   . BE2 A 1 2  ? -4.441 6.852   -5.583 1.00 0.00 ? 2  BE2 A H4   5 
HETATM 753  H H5   . BE2 A 1 2  ? -6.144 5.847   -4.092 1.00 0.00 ? 2  BE2 A H5   5 
HETATM 754  H H6   . BE2 A 1 2  ? -5.480 4.731   -2.014 1.00 0.00 ? 2  BE2 A H6   5 
ATOM   755  N N    . PHE A 1 3  ? -3.907 4.090   -0.077 1.00 0.00 ? 3  PHE A N    5 
ATOM   756  C CA   . PHE A 1 3  ? -3.624 3.486   1.197  1.00 0.00 ? 3  PHE A CA   5 
ATOM   757  C C    . PHE A 1 3  ? -3.750 1.983   1.045  1.00 0.00 ? 3  PHE A C    5 
ATOM   758  O O    . PHE A 1 3  ? -4.849 1.435   1.045  1.00 0.00 ? 3  PHE A O    5 
ATOM   759  C CB   . PHE A 1 3  ? -4.553 4.024   2.287  1.00 0.00 ? 3  PHE A CB   5 
ATOM   760  C CG   . PHE A 1 3  ? -4.039 3.784   3.682  1.00 0.00 ? 3  PHE A CG   5 
ATOM   761  C CD1  . PHE A 1 3  ? -4.170 2.519   4.291  1.00 0.00 ? 3  PHE A CD1  5 
ATOM   762  C CD2  . PHE A 1 3  ? -3.409 4.823   4.395  1.00 0.00 ? 3  PHE A CD2  5 
ATOM   763  C CE1  . PHE A 1 3  ? -3.673 2.289   5.600  1.00 0.00 ? 3  PHE A CE1  5 
ATOM   764  C CE2  . PHE A 1 3  ? -2.910 4.606   5.705  1.00 0.00 ? 3  PHE A CE2  5 
ATOM   765  C CZ   . PHE A 1 3  ? -3.043 3.337   6.307  1.00 0.00 ? 3  PHE A CZ   5 
ATOM   766  H H    . PHE A 1 3  ? -4.833 4.305   -0.281 1.00 0.00 ? 3  PHE A H    5 
ATOM   767  H HA   . PHE A 1 3  ? -2.631 3.747   1.437  1.00 0.00 ? 3  PHE A HA   5 
ATOM   768  H HB2  . PHE A 1 3  ? -4.668 5.099   2.148  1.00 0.00 ? 3  PHE A HB2  5 
ATOM   769  H HB3  . PHE A 1 3  ? -5.532 3.560   2.184  1.00 0.00 ? 3  PHE A HB3  5 
ATOM   770  H HD1  . PHE A 1 3  ? -4.648 1.710   3.754  1.00 0.00 ? 3  PHE A HD1  5 
ATOM   771  H HD2  . PHE A 1 3  ? -3.303 5.797   3.941  1.00 0.00 ? 3  PHE A HD2  5 
ATOM   772  H HE1  . PHE A 1 3  ? -3.780 1.316   6.056  1.00 0.00 ? 3  PHE A HE1  5 
ATOM   773  H HE2  . PHE A 1 3  ? -2.436 5.414   6.244  1.00 0.00 ? 3  PHE A HE2  5 
ATOM   774  H HZ   . PHE A 1 3  ? -2.670 3.170   7.308  1.00 0.00 ? 3  PHE A HZ   5 
HETATM 775  N N    . DPN A 1 4  ? -2.578 1.369   0.894  1.00 0.00 ? 4  DPN A N    5 
HETATM 776  C CA   . DPN A 1 4  ? -2.375 -0.063  0.613  1.00 0.00 ? 4  DPN A CA   5 
HETATM 777  C C    . DPN A 1 4  ? -2.383 -0.900  1.880  1.00 0.00 ? 4  DPN A C    5 
HETATM 778  O O    . DPN A 1 4  ? -2.951 -0.515  2.896  1.00 0.00 ? 4  DPN A O    5 
HETATM 779  C CB   . DPN A 1 4  ? -3.318 -0.634  -0.467 1.00 0.00 ? 4  DPN A CB   5 
HETATM 780  C CG   . DPN A 1 4  ? -3.183 0.048   -1.804 1.00 0.00 ? 4  DPN A CG   5 
HETATM 781  C CD1  . DPN A 1 4  ? -4.060 1.088   -2.176 1.00 0.00 ? 4  DPN A CD1  5 
HETATM 782  C CD2  . DPN A 1 4  ? -2.173 -0.345  -2.703 1.00 0.00 ? 4  DPN A CD2  5 
HETATM 783  C CE1  . DPN A 1 4  ? -3.923 1.738   -3.427 1.00 0.00 ? 4  DPN A CE1  5 
HETATM 784  C CE2  . DPN A 1 4  ? -2.035 0.292   -3.963 1.00 0.00 ? 4  DPN A CE2  5 
HETATM 785  C CZ   . DPN A 1 4  ? -2.910 1.338   -4.320 1.00 0.00 ? 4  DPN A CZ   5 
HETATM 786  H H    . DPN A 1 4  ? -1.749 1.937   0.955  1.00 0.00 ? 4  DPN A H    5 
HETATM 787  H HA   . DPN A 1 4  ? -1.378 -0.148  0.207  1.00 0.00 ? 4  DPN A HA   5 
HETATM 788  H HB2  . DPN A 1 4  ? -3.087 -1.690  -0.604 1.00 0.00 ? 4  DPN A HB2  5 
HETATM 789  H HB3  . DPN A 1 4  ? -4.347 -0.563  -0.129 1.00 0.00 ? 4  DPN A HB3  5 
HETATM 790  H HD1  . DPN A 1 4  ? -4.845 1.394   -1.500 1.00 0.00 ? 4  DPN A HD1  5 
HETATM 791  H HD2  . DPN A 1 4  ? -1.497 -1.146  -2.436 1.00 0.00 ? 4  DPN A HD2  5 
HETATM 792  H HE1  . DPN A 1 4  ? -4.601 2.533   -3.700 1.00 0.00 ? 4  DPN A HE1  5 
HETATM 793  H HE2  . DPN A 1 4  ? -1.267 -0.023  -4.650 1.00 0.00 ? 4  DPN A HE2  5 
HETATM 794  H HZ   . DPN A 1 4  ? -2.806 1.831   -5.278 1.00 0.00 ? 4  DPN A HZ   5 
ATOM   795  N N    . ASN A 1 5  ? -1.733 -2.050  1.817  1.00 0.00 ? 5  ASN A N    5 
ATOM   796  C CA   . ASN A 1 5  ? -1.676 -2.980  2.934  1.00 0.00 ? 5  ASN A CA   5 
ATOM   797  C C    . ASN A 1 5  ? -0.209 -3.281  3.243  1.00 0.00 ? 5  ASN A C    5 
ATOM   798  O O    . ASN A 1 5  ? 0.684  -2.642  2.694  1.00 0.00 ? 5  ASN A O    5 
ATOM   799  C CB   . ASN A 1 5  ? -2.480 -4.250  2.599  1.00 0.00 ? 5  ASN A CB   5 
ATOM   800  C CG   . ASN A 1 5  ? -1.952 -4.970  1.380  1.00 0.00 ? 5  ASN A CG   5 
ATOM   801  O OD1  . ASN A 1 5  ? -0.904 -5.584  1.432  1.00 0.00 ? 5  ASN A OD1  5 
ATOM   802  N ND2  . ASN A 1 5  ? -2.673 -4.911  0.291  1.00 0.00 ? 5  ASN A ND2  5 
ATOM   803  H H    . ASN A 1 5  ? -1.238 -2.302  0.961  1.00 0.00 ? 5  ASN A H    5 
ATOM   804  H HA   . ASN A 1 5  ? -2.119 -2.512  3.813  1.00 0.00 ? 5  ASN A HA   5 
ATOM   805  H HB2  . ASN A 1 5  ? -2.455 -4.929  3.449  1.00 0.00 ? 5  ASN A HB2  5 
ATOM   806  H HB3  . ASN A 1 5  ? -3.516 -3.966  2.426  1.00 0.00 ? 5  ASN A HB3  5 
ATOM   807  H HD21 . ASN A 1 5  ? -2.349 -5.382  -0.537 1.00 0.00 ? 5  ASN A HD21 5 
ATOM   808  H HD22 . ASN A 1 5  ? -3.537 -4.398  0.275  1.00 0.00 ? 5  ASN A HD22 5 
ATOM   809  N N    . GLN A 1 6  ? 0.033  -4.232  4.134  1.00 0.00 ? 6  GLN A N    5 
ATOM   810  C CA   . GLN A 1 6  ? 1.387  -4.550  4.588  1.00 0.00 ? 6  GLN A CA   5 
ATOM   811  C C    . GLN A 1 6  ? 2.303  -5.131  3.514  1.00 0.00 ? 6  GLN A C    5 
ATOM   812  O O    . GLN A 1 6  ? 3.506  -4.909  3.536  1.00 0.00 ? 6  GLN A O    5 
ATOM   813  C CB   . GLN A 1 6  ? 1.301  -5.554  5.742  1.00 0.00 ? 6  GLN A CB   5 
ATOM   814  C CG   . GLN A 1 6  ? 0.583  -5.009  6.980  1.00 0.00 ? 6  GLN A CG   5 
ATOM   815  C CD   . GLN A 1 6  ? 0.442  -6.024  8.064  1.00 0.00 ? 6  GLN A CD   5 
ATOM   816  O OE1  . GLN A 1 6  ? 0.617  -7.209  7.860  1.00 0.00 ? 6  GLN A OE1  5 
ATOM   817  N NE2  . GLN A 1 6  ? 0.106  -5.564  9.227  1.00 0.00 ? 6  GLN A NE2  5 
ATOM   818  H H    . GLN A 1 6  ? -0.734 -4.752  4.528  1.00 0.00 ? 6  GLN A H    5 
ATOM   819  H HA   . GLN A 1 6  ? 1.849  -3.642  4.952  1.00 0.00 ? 6  GLN A HA   5 
ATOM   820  H HB2  . GLN A 1 6  ? 0.770  -6.440  5.388  1.00 0.00 ? 6  GLN A HB2  5 
ATOM   821  H HB3  . GLN A 1 6  ? 2.311  -5.849  6.025  1.00 0.00 ? 6  GLN A HB3  5 
ATOM   822  H HG2  . GLN A 1 6  ? 1.139  -4.161  7.371  1.00 0.00 ? 6  GLN A HG2  5 
ATOM   823  H HG3  . GLN A 1 6  ? -0.413 -4.678  6.716  1.00 0.00 ? 6  GLN A HG3  5 
ATOM   824  H HE21 . GLN A 1 6  ? -0.019 -6.205  9.974  1.00 0.00 ? 6  GLN A HE21 5 
ATOM   825  H HE22 . GLN A 1 6  ? -0.032 -4.580  9.365  1.00 0.00 ? 6  GLN A HE22 5 
ATOM   826  N N    . TYR A 1 7  ? 1.727  -5.878  2.590  1.00 0.00 ? 7  TYR A N    5 
ATOM   827  C CA   . TYR A 1 7  ? 2.502  -6.577  1.564  1.00 0.00 ? 7  TYR A CA   5 
ATOM   828  C C    . TYR A 1 7  ? 2.596  -5.783  0.266  1.00 0.00 ? 7  TYR A C    5 
ATOM   829  O O    . TYR A 1 7  ? 3.624  -5.781  -0.404 1.00 0.00 ? 7  TYR A O    5 
ATOM   830  C CB   . TYR A 1 7  ? 1.847  -7.930  1.287  1.00 0.00 ? 7  TYR A CB   5 
ATOM   831  C CG   . TYR A 1 7  ? 1.193  -8.524  2.520  1.00 0.00 ? 7  TYR A CG   5 
ATOM   832  C CD1  . TYR A 1 7  ? -0.215 -8.580  2.633  1.00 0.00 ? 7  TYR A CD1  5 
ATOM   833  C CD2  . TYR A 1 7  ? 1.971  -9.021  3.585  1.00 0.00 ? 7  TYR A CD2  5 
ATOM   834  C CE1  . TYR A 1 7  ? -0.832 -9.118  3.797  1.00 0.00 ? 7  TYR A CE1  5 
ATOM   835  C CE2  . TYR A 1 7  ? 1.356  -9.554  4.751  1.00 0.00 ? 7  TYR A CE2  5 
ATOM   836  C CZ   . TYR A 1 7  ? -0.036 -9.599  4.842  1.00 0.00 ? 7  TYR A CZ   5 
ATOM   837  O OH   . TYR A 1 7  ? -0.626 -10.127 5.962  1.00 0.00 ? 7  TYR A OH   5 
ATOM   838  H H    . TYR A 1 7  ? 0.726  -5.988  2.594  1.00 0.00 ? 7  TYR A H    5 
ATOM   839  H HA   . TYR A 1 7  ? 3.512  -6.747  1.940  1.00 0.00 ? 7  TYR A HA   5 
ATOM   840  H HB2  . TYR A 1 7  ? 1.083  -7.803  0.521  1.00 0.00 ? 7  TYR A HB2  5 
ATOM   841  H HB3  . TYR A 1 7  ? 2.603  -8.620  0.911  1.00 0.00 ? 7  TYR A HB3  5 
ATOM   842  H HD1  . TYR A 1 7  ? -0.833 -8.209  1.828  1.00 0.00 ? 7  TYR A HD1  5 
ATOM   843  H HD2  . TYR A 1 7  ? 3.050  -8.987  3.524  1.00 0.00 ? 7  TYR A HD2  5 
ATOM   844  H HE1  . TYR A 1 7  ? -1.907 -9.160  3.869  1.00 0.00 ? 7  TYR A HE1  5 
ATOM   845  H HE2  . TYR A 1 7  ? 1.959  -9.925  5.566  1.00 0.00 ? 7  TYR A HE2  5 
ATOM   846  H HH   . TYR A 1 7  ? -1.583 -10.100 5.930  1.00 0.00 ? 7  TYR A HH   5 
ATOM   847  N N    . VAL A 1 8  ? 1.512  -5.105  -0.083 1.00 0.00 ? 8  VAL A N    5 
ATOM   848  C CA   . VAL A 1 8  ? 1.456  -4.292  -1.295 1.00 0.00 ? 8  VAL A CA   5 
ATOM   849  C C    . VAL A 1 8  ? 1.074  -2.884  -0.905 1.00 0.00 ? 8  VAL A C    5 
ATOM   850  O O    . VAL A 1 8  ? -0.061 -2.623  -0.468 1.00 0.00 ? 8  VAL A O    5 
ATOM   851  C CB   . VAL A 1 8  ? 0.446  -4.857  -2.327 1.00 0.00 ? 8  VAL A CB   5 
ATOM   852  C CG1  . VAL A 1 8  ? 0.384  -3.959  -3.582 1.00 0.00 ? 8  VAL A CG1  5 
ATOM   853  C CG2  . VAL A 1 8  ? 0.865  -6.265  -2.731 1.00 0.00 ? 8  VAL A CG2  5 
ATOM   854  H H    . VAL A 1 8  ? 0.687  -5.148  0.502  1.00 0.00 ? 8  VAL A H    5 
ATOM   855  H HA   . VAL A 1 8  ? 2.444  -4.268  -1.755 1.00 0.00 ? 8  VAL A HA   5 
ATOM   856  H HB   . VAL A 1 8  ? -0.544 -4.899  -1.874 1.00 0.00 ? 8  VAL A HB   5 
ATOM   857  H HG11 . VAL A 1 8  ? -0.001 -2.977  -3.315 1.00 0.00 ? 8  VAL A HG11 5 
ATOM   858  H HG12 . VAL A 1 8  ? -0.282 -4.412  -4.319 1.00 0.00 ? 8  VAL A HG12 5 
ATOM   859  H HG13 . VAL A 1 8  ? 1.382  -3.855  -4.014 1.00 0.00 ? 8  VAL A HG13 5 
ATOM   860  H HG21 . VAL A 1 8  ? 0.219  -6.629  -3.528 1.00 0.00 ? 8  VAL A HG21 5 
ATOM   861  H HG22 . VAL A 1 8  ? 0.786  -6.932  -1.874 1.00 0.00 ? 8  VAL A HG22 5 
ATOM   862  H HG23 . VAL A 1 8  ? 1.903  -6.249  -3.079 1.00 0.00 ? 8  VAL A HG23 5 
HETATM 863  N N    . ORN A 1 9  ? 2.041  -1.990  -1.065 1.00 0.00 ? 9  ORN A N    5 
HETATM 864  C CA   . ORN A 1 9  ? 1.942  -0.609  -0.596 1.00 0.00 ? 9  ORN A CA   5 
HETATM 865  C CB   . ORN A 1 9  ? 2.602  -0.487  0.799  1.00 0.00 ? 9  ORN A CB   5 
HETATM 866  C CG   . ORN A 1 9  ? 1.911  0.622   1.634  1.00 0.00 ? 9  ORN A CG   5 
HETATM 867  C CD   . ORN A 1 9  ? 2.409  0.613   3.092  1.00 0.00 ? 9  ORN A CD   5 
HETATM 868  N NE   . ORN A 1 9  ? 3.804  1.100   3.197  1.00 0.00 ? 9  ORN A NE   5 
HETATM 869  C C    . ORN A 1 9  ? 2.564  0.351   -1.619 1.00 0.00 ? 9  ORN A C    5 
HETATM 870  O O    . ORN A 1 9  ? 3.756  0.250   -1.937 1.00 0.00 ? 9  ORN A O    5 
HETATM 871  H H    . ORN A 1 9  ? 2.929  -2.305  -1.429 1.00 0.00 ? 9  ORN A H    5 
HETATM 872  H HA   . ORN A 1 9  ? 0.892  -0.365  -0.503 1.00 0.00 ? 9  ORN A HA   5 
HETATM 873  H HB2  . ORN A 1 9  ? 2.504  -1.441  1.325  1.00 0.00 ? 9  ORN A HB2  5 
HETATM 874  H HB3  . ORN A 1 9  ? 3.662  -0.256  0.681  1.00 0.00 ? 9  ORN A HB3  5 
HETATM 875  H HG2  . ORN A 1 9  ? 2.111  1.596   1.183  1.00 0.00 ? 9  ORN A HG2  5 
HETATM 876  H HG3  . ORN A 1 9  ? 0.832  0.447   1.635  1.00 0.00 ? 9  ORN A HG3  5 
HETATM 877  H HD2  . ORN A 1 9  ? 1.757  1.257   3.689  1.00 0.00 ? 9  ORN A HD2  5 
HETATM 878  H HD3  . ORN A 1 9  ? 2.346  -0.407  3.486  1.00 0.00 ? 9  ORN A HD3  5 
HETATM 879  H HE1  . ORN A 1 9  ? 3.863  2.044   2.840  1.00 0.00 ? 9  ORN A HE1  5 
HETATM 880  H HE2  . ORN A 1 9  ? 4.098  1.089   4.166  1.00 0.00 ? 9  ORN A HE2  5 
HETATM 881  H HE3  . ORN A 1 9  ? 4.414  0.500   2.658  1.00 0.00 ? 9  ORN A HE3  5 
ATOM   882  N N    . LEU A 1 10 ? 1.748  1.296   -2.081 1.00 0.00 ? 10 LEU A N    5 
ATOM   883  C CA   . LEU A 1 10 ? 2.103  2.293   -3.075 1.00 0.00 ? 10 LEU A CA   5 
ATOM   884  C C    . LEU A 1 10 ? 1.605  3.593   -2.461 1.00 0.00 ? 10 LEU A C    5 
ATOM   885  O O    . LEU A 1 10 ? 1.009  3.546   -1.393 1.00 0.00 ? 10 LEU A O    5 
ATOM   886  C CB   . LEU A 1 10 ? 1.410  2.016   -4.428 1.00 0.00 ? 10 LEU A CB   5 
ATOM   887  C CG   . LEU A 1 10 ? 1.966  0.943   -5.394 1.00 0.00 ? 10 LEU A CG   5 
ATOM   888  C CD1  . LEU A 1 10 ? 3.431  1.222   -5.738 1.00 0.00 ? 10 LEU A CD1  5 
ATOM   889  C CD2  . LEU A 1 10 ? 1.829  -0.491  -4.871 1.00 0.00 ? 10 LEU A CD2  5 
ATOM   890  H H    . LEU A 1 10 ? 0.821  1.361   -1.725 1.00 0.00 ? 10 LEU A H    5 
ATOM   891  H HA   . LEU A 1 10 ? 3.168  2.326   -3.186 1.00 0.00 ? 10 LEU A HA   5 
ATOM   892  H HB2  . LEU A 1 10 ? 0.370  1.766   -4.219 1.00 0.00 ? 10 LEU A HB2  5 
ATOM   893  H HB3  . LEU A 1 10 ? 1.400  2.950   -4.984 1.00 0.00 ? 10 LEU A HB3  5 
ATOM   894  H HG   . LEU A 1 10 ? 1.391  1.008   -6.316 1.00 0.00 ? 10 LEU A HG   5 
ATOM   895  H HD11 . LEU A 1 10 ? 3.535  2.241   -6.112 1.00 0.00 ? 10 LEU A HD11 5 
ATOM   896  H HD12 . LEU A 1 10 ? 3.757  0.528   -6.514 1.00 0.00 ? 10 LEU A HD12 5 
ATOM   897  H HD13 . LEU A 1 10 ? 4.057  1.090   -4.855 1.00 0.00 ? 10 LEU A HD13 5 
ATOM   898  H HD21 . LEU A 1 10 ? 2.022  -1.192  -5.687 1.00 0.00 ? 10 LEU A HD21 5 
ATOM   899  H HD22 . LEU A 1 10 ? 0.822  -0.654  -4.496 1.00 0.00 ? 10 LEU A HD22 5 
ATOM   900  H HD23 . LEU A 1 10 ? 2.548  -0.669  -4.075 1.00 0.00 ? 10 LEU A HD23 5 
HETATM 901  N N    . DPN A 1 1  ? 1.996  4.591   -2.684 1.00 0.00 ? 1  DPN A N    6 
HETATM 902  C CA   . DPN A 1 1  ? 1.945  6.037   -2.329 1.00 0.00 ? 1  DPN A CA   6 
HETATM 903  C C    . DPN A 1 1  ? 0.649  6.630   -2.891 1.00 0.00 ? 1  DPN A C    6 
HETATM 904  O O    . DPN A 1 1  ? 0.678  7.677   -3.526 1.00 0.00 ? 1  DPN A O    6 
HETATM 905  C CB   . DPN A 1 1  ? 2.161  6.382   -0.820 1.00 0.00 ? 1  DPN A CB   6 
HETATM 906  C CG   . DPN A 1 1  ? 0.911  6.876   -0.103 1.00 0.00 ? 1  DPN A CG   6 
HETATM 907  C CD1  . DPN A 1 1  ? 0.198  6.033   0.778  1.00 0.00 ? 1  DPN A CD1  6 
HETATM 908  C CD2  . DPN A 1 1  ? 0.455  8.201   -0.295 1.00 0.00 ? 1  DPN A CD2  6 
HETATM 909  C CE1  . DPN A 1 1  ? -0.964 6.500   1.441  1.00 0.00 ? 1  DPN A CE1  6 
HETATM 910  C CE2  . DPN A 1 1  ? -0.705 8.666   0.366  1.00 0.00 ? 1  DPN A CE2  6 
HETATM 911  C CZ   . DPN A 1 1  ? -1.414 7.812   1.229  1.00 0.00 ? 1  DPN A CZ   6 
HETATM 912  H H    . DPN A 1 1  ? 2.349  4.392   -3.607 1.00 0.00 ? 1  DPN A H    6 
HETATM 913  H HA   . DPN A 1 1  ? 2.757  6.520   -2.868 1.00 0.00 ? 1  DPN A HA   6 
HETATM 914  H HB2  . DPN A 1 1  ? 2.559  5.517   -0.295 1.00 0.00 ? 1  DPN A HB2  6 
HETATM 915  H HB3  . DPN A 1 1  ? 2.908  7.172   -0.764 1.00 0.00 ? 1  DPN A HB3  6 
HETATM 916  H HD1  . DPN A 1 1  ? 0.535  5.028   0.951  1.00 0.00 ? 1  DPN A HD1  6 
HETATM 917  H HD2  . DPN A 1 1  ? 0.995  8.864   -0.954 1.00 0.00 ? 1  DPN A HD2  6 
HETATM 918  H HE1  . DPN A 1 1  ? -1.505 5.847   2.110  1.00 0.00 ? 1  DPN A HE1  6 
HETATM 919  H HE2  . DPN A 1 1  ? -1.050 9.675   0.207  1.00 0.00 ? 1  DPN A HE2  6 
HETATM 920  H HZ   . DPN A 1 1  ? -2.302 8.167   1.725  1.00 0.00 ? 1  DPN A HZ   6 
HETATM 921  C C    . BE2 A 1 2  ? -2.605 4.578   -1.207 1.00 0.00 ? 2  BE2 A C    6 
HETATM 922  O O    . BE2 A 1 2  ? -1.516 4.039   -1.099 1.00 0.00 ? 2  BE2 A O    6 
HETATM 923  C C1   . BE2 A 1 2  ? -2.918 5.523   -2.345 1.00 0.00 ? 2  BE2 A C1   6 
HETATM 924  C CA   . BE2 A 1 2  ? -1.853 6.159   -3.042 1.00 0.00 ? 2  BE2 A CA   6 
HETATM 925  C C3   . BE2 A 1 2  ? -2.156 7.041   -4.109 1.00 0.00 ? 2  BE2 A C3   6 
HETATM 926  N N    . BE2 A 1 2  ? -0.496 5.901   -2.646 1.00 0.00 ? 2  BE2 A N    6 
HETATM 927  C C4   . BE2 A 1 2  ? -3.489 7.289   -4.472 1.00 0.00 ? 2  BE2 A C4   6 
HETATM 928  C C5   . BE2 A 1 2  ? -4.533 6.670   -3.776 1.00 0.00 ? 2  BE2 A C5   6 
HETATM 929  C C6   . BE2 A 1 2  ? -4.257 5.793   -2.720 1.00 0.00 ? 2  BE2 A C6   6 
HETATM 930  H H3   . BE2 A 1 2  ? -1.368 7.533   -4.663 1.00 0.00 ? 2  BE2 A H3   6 
HETATM 931  H H    . BE2 A 1 2  ? -0.373 5.082   -2.055 1.00 0.00 ? 2  BE2 A H    6 
HETATM 932  H H4   . BE2 A 1 2  ? -3.710 7.969   -5.290 1.00 0.00 ? 2  BE2 A H4   6 
HETATM 933  H H5   . BE2 A 1 2  ? -5.563 6.868   -4.060 1.00 0.00 ? 2  BE2 A H5   6 
HETATM 934  H H6   . BE2 A 1 2  ? -5.088 5.321   -2.208 1.00 0.00 ? 2  BE2 A H6   6 
ATOM   935  N N    . PHE A 1 3  ? -3.615 4.336   -0.298 1.00 0.00 ? 3  PHE A N    6 
ATOM   936  C CA   . PHE A 1 3  ? -3.399 3.512   0.865  1.00 0.00 ? 3  PHE A CA   6 
ATOM   937  C C    . PHE A 1 3  ? -3.747 2.073   0.556  1.00 0.00 ? 3  PHE A C    6 
ATOM   938  O O    . PHE A 1 3  ? -4.912 1.689   0.571  1.00 0.00 ? 3  PHE A O    6 
ATOM   939  C CB   . PHE A 1 3  ? -4.188 4.013   2.071  1.00 0.00 ? 3  PHE A CB   6 
ATOM   940  C CG   . PHE A 1 3  ? -3.883 3.255   3.339  1.00 0.00 ? 3  PHE A CG   6 
ATOM   941  C CD1  . PHE A 1 3  ? -4.755 2.252   3.800  1.00 0.00 ? 3  PHE A CD1  6 
ATOM   942  C CD2  . PHE A 1 3  ? -2.710 3.532   4.070  1.00 0.00 ? 3  PHE A CD2  6 
ATOM   943  C CE1  . PHE A 1 3  ? -4.468 1.525   4.983  1.00 0.00 ? 3  PHE A CE1  6 
ATOM   944  C CE2  . PHE A 1 3  ? -2.410 2.810   5.256  1.00 0.00 ? 3  PHE A CE2  6 
ATOM   945  C CZ   . PHE A 1 3  ? -3.288 1.802   5.710  1.00 0.00 ? 3  PHE A CZ   6 
ATOM   946  H H    . PHE A 1 3  ? -4.492 4.744   -0.420 1.00 0.00 ? 3  PHE A H    6 
ATOM   947  H HA   . PHE A 1 3  ? -2.369 3.581   1.092  1.00 0.00 ? 3  PHE A HA   6 
ATOM   948  H HB2  . PHE A 1 3  ? -3.954 5.063   2.228  1.00 0.00 ? 3  PHE A HB2  6 
ATOM   949  H HB3  . PHE A 1 3  ? -5.254 3.927   1.861  1.00 0.00 ? 3  PHE A HB3  6 
ATOM   950  H HD1  . PHE A 1 3  ? -5.656 2.026   3.240  1.00 0.00 ? 3  PHE A HD1  6 
ATOM   951  H HD2  . PHE A 1 3  ? -2.032 4.300   3.731  1.00 0.00 ? 3  PHE A HD2  6 
ATOM   952  H HE1  . PHE A 1 3  ? -5.146 0.755   5.324  1.00 0.00 ? 3  PHE A HE1  6 
ATOM   953  H HE2  . PHE A 1 3  ? -1.514 3.032   5.808  1.00 0.00 ? 3  PHE A HE2  6 
ATOM   954  H HZ   . PHE A 1 3  ? -3.063 1.249   6.608  1.00 0.00 ? 3  PHE A HZ   6 
HETATM 955  N N    . DPN A 1 4  ? -2.678 1.328   0.270  1.00 0.00 ? 4  DPN A N    6 
HETATM 956  C CA   . DPN A 1 4  ? -2.673 -0.100  -0.110 1.00 0.00 ? 4  DPN A CA   6 
HETATM 957  C C    . DPN A 1 4  ? -2.685 -0.921  1.179  1.00 0.00 ? 4  DPN A C    6 
HETATM 958  O O    . DPN A 1 4  ? -3.117 -0.438  2.219  1.00 0.00 ? 4  DPN A O    6 
HETATM 959  C CB   . DPN A 1 4  ? -3.802 -0.511  -1.085 1.00 0.00 ? 4  DPN A CB   6 
HETATM 960  C CG   . DPN A 1 4  ? -3.789 0.253   -2.388 1.00 0.00 ? 4  DPN A CG   6 
HETATM 961  C CD1  . DPN A 1 4  ? -2.938 -0.146  -3.436 1.00 0.00 ? 4  DPN A CD1  6 
HETATM 962  C CD2  . DPN A 1 4  ? -4.630 1.363   -2.586 1.00 0.00 ? 4  DPN A CD2  6 
HETATM 963  C CE1  . DPN A 1 4  ? -2.923 0.564   -4.673 1.00 0.00 ? 4  DPN A CE1  6 
HETATM 964  C CE2  . DPN A 1 4  ? -4.612 2.085   -3.809 1.00 0.00 ? 4  DPN A CE2  6 
HETATM 965  C CZ   . DPN A 1 4  ? -3.756 1.682   -4.850 1.00 0.00 ? 4  DPN A CZ   6 
HETATM 966  H H    . DPN A 1 4  ? -1.780 1.782   0.306  1.00 0.00 ? 4  DPN A H    6 
HETATM 967  H HA   . DPN A 1 4  ? -1.725 -0.303  -0.606 1.00 0.00 ? 4  DPN A HA   6 
HETATM 968  H HB2  . DPN A 1 4  ? -3.690 -1.571  -1.313 1.00 0.00 ? 4  DPN A HB2  6 
HETATM 969  H HB3  . DPN A 1 4  ? -4.768 -0.372  -0.606 1.00 0.00 ? 4  DPN A HB3  6 
HETATM 970  H HD1  . DPN A 1 4  ? -2.292 -1.007  -3.306 1.00 0.00 ? 4  DPN A HD1  6 
HETATM 971  H HD2  . DPN A 1 4  ? -5.300 1.674   -1.803 1.00 0.00 ? 4  DPN A HD2  6 
HETATM 972  H HE1  . DPN A 1 4  ? -2.272 0.239   -5.471 1.00 0.00 ? 4  DPN A HE1  6 
HETATM 973  H HE2  . DPN A 1 4  ? -5.259 2.942   -3.936 1.00 0.00 ? 4  DPN A HE2  6 
HETATM 974  H HZ   . DPN A 1 4  ? -3.740 2.227   -5.782 1.00 0.00 ? 4  DPN A HZ   6 
ATOM   975  N N    . ASN A 1 5  ? -2.205 -2.150  1.120  1.00 0.00 ? 5  ASN A N    6 
ATOM   976  C CA   . ASN A 1 5  ? -2.172 -3.002  2.307  1.00 0.00 ? 5  ASN A CA   6 
ATOM   977  C C    . ASN A 1 5  ? -0.732 -3.097  2.822  1.00 0.00 ? 5  ASN A C    6 
ATOM   978  O O    . ASN A 1 5  ? 0.159  -2.431  2.312  1.00 0.00 ? 5  ASN A O    6 
ATOM   979  C CB   . ASN A 1 5  ? -2.788 -4.383  2.021  1.00 0.00 ? 5  ASN A CB   6 
ATOM   980  C CG   . ASN A 1 5  ? -2.011 -5.174  1.007  1.00 0.00 ? 5  ASN A CG   6 
ATOM   981  O OD1  . ASN A 1 5  ? -0.958 -5.714  1.309  1.00 0.00 ? 5  ASN A OD1  6 
ATOM   982  N ND2  . ASN A 1 5  ? -2.520 -5.264  -0.193 1.00 0.00 ? 5  ASN A ND2  6 
ATOM   983  H H    . ASN A 1 5  ? -1.827 -2.514  0.249  1.00 0.00 ? 5  ASN A H    6 
ATOM   984  H HA   . ASN A 1 5  ? -2.768 -2.529  3.089  1.00 0.00 ? 5  ASN A HA   6 
ATOM   985  H HB2  . ASN A 1 5  ? -2.832 -4.954  2.948  1.00 0.00 ? 5  ASN A HB2  6 
ATOM   986  H HB3  . ASN A 1 5  ? -3.807 -4.240  1.659  1.00 0.00 ? 5  ASN A HB3  6 
ATOM   987  H HD21 . ASN A 1 5  ? -2.032 -5.794  -0.898 1.00 0.00 ? 5  ASN A HD21 6 
ATOM   988  H HD22 . ASN A 1 5  ? -3.393 -4.816  -0.411 1.00 0.00 ? 5  ASN A HD22 6 
ATOM   989  N N    . GLN A 1 6  ? -0.520 -3.909  3.846  1.00 0.00 ? 6  GLN A N    6 
ATOM   990  C CA   . GLN A 1 6  ? 0.784  -4.018  4.499  1.00 0.00 ? 6  GLN A CA   6 
ATOM   991  C C    . GLN A 1 6  ? 1.899  -4.559  3.614  1.00 0.00 ? 6  GLN A C    6 
ATOM   992  O O    . GLN A 1 6  ? 3.050  -4.149  3.751  1.00 0.00 ? 6  GLN A O    6 
ATOM   993  C CB   . GLN A 1 6  ? 0.634  -4.929  5.718  1.00 0.00 ? 6  GLN A CB   6 
ATOM   994  C CG   . GLN A 1 6  ? -0.195 -4.304  6.848  1.00 0.00 ? 6  GLN A CG   6 
ATOM   995  C CD   . GLN A 1 6  ? -0.433 -5.243  7.982  1.00 0.00 ? 6  GLN A CD   6 
ATOM   996  O OE1  . GLN A 1 6  ? -0.249 -6.437  7.873  1.00 0.00 ? 6  GLN A OE1  6 
ATOM   997  N NE2  . GLN A 1 6  ? -0.858 -4.707  9.080  1.00 0.00 ? 6  GLN A NE2  6 
ATOM   998  H H    . GLN A 1 6  ? -1.275 -4.471  4.200  1.00 0.00 ? 6  GLN A H    6 
ATOM   999  H HA   . GLN A 1 6  ? 1.083  -3.034  4.829  1.00 0.00 ? 6  GLN A HA   6 
ATOM   1000 H HB2  . GLN A 1 6  ? 0.146  -5.853  5.397  1.00 0.00 ? 6  GLN A HB2  6 
ATOM   1001 H HB3  . GLN A 1 6  ? 1.624  -5.167  6.099  1.00 0.00 ? 6  GLN A HB3  6 
ATOM   1002 H HG2  . GLN A 1 6  ? 0.318  -3.425  7.226  1.00 0.00 ? 6  GLN A HG2  6 
ATOM   1003 H HG3  . GLN A 1 6  ? -1.161 -4.006  6.470  1.00 0.00 ? 6  GLN A HG3  6 
ATOM   1004 H HE21 . GLN A 1 6  ? -1.049 -5.296  9.860  1.00 0.00 ? 6  GLN A HE21 6 
ATOM   1005 H HE22 . GLN A 1 6  ? -1.000 -3.716  9.140  1.00 0.00 ? 6  GLN A HE22 6 
ATOM   1006 N N    . TYR A 1 7  ? 1.559  -5.475  2.726  1.00 0.00 ? 7  TYR A N    6 
ATOM   1007 C CA   . TYR A 1 7  ? 2.552  -6.144  1.882  1.00 0.00 ? 7  TYR A CA   6 
ATOM   1008 C C    . TYR A 1 7  ? 2.638  -5.508  0.502  1.00 0.00 ? 7  TYR A C    6 
ATOM   1009 O O    . TYR A 1 7  ? 3.717  -5.353  -0.057 1.00 0.00 ? 7  TYR A O    6 
ATOM   1010 C CB   . TYR A 1 7  ? 2.182  -7.617  1.754  1.00 0.00 ? 7  TYR A CB   6 
ATOM   1011 C CG   . TYR A 1 7  ? 1.942  -8.273  3.103  1.00 0.00 ? 7  TYR A CG   6 
ATOM   1012 C CD1  . TYR A 1 7  ? 3.017  -8.757  3.879  1.00 0.00 ? 7  TYR A CD1  6 
ATOM   1013 C CD2  . TYR A 1 7  ? 0.629  -8.402  3.624  1.00 0.00 ? 7  TYR A CD2  6 
ATOM   1014 C CE1  . TYR A 1 7  ? 2.792  -9.357  5.145  1.00 0.00 ? 7  TYR A CE1  6 
ATOM   1015 C CE2  . TYR A 1 7  ? 0.408  -9.006  4.893  1.00 0.00 ? 7  TYR A CE2  6 
ATOM   1016 C CZ   . TYR A 1 7  ? 1.489  -9.475  5.634  1.00 0.00 ? 7  TYR A CZ   6 
ATOM   1017 O OH   . TYR A 1 7  ? 1.265  -10.065 6.851  1.00 0.00 ? 7  TYR A OH   6 
ATOM   1018 H H    . TYR A 1 7  ? 0.592  -5.734  2.638  1.00 0.00 ? 7  TYR A H    6 
ATOM   1019 H HA   . TYR A 1 7  ? 3.529  -6.073  2.362  1.00 0.00 ? 7  TYR A HA   6 
ATOM   1020 H HB2  . TYR A 1 7  ? 1.273  -7.699  1.159  1.00 0.00 ? 7  TYR A HB2  6 
ATOM   1021 H HB3  . TYR A 1 7  ? 2.982  -8.141  1.231  1.00 0.00 ? 7  TYR A HB3  6 
ATOM   1022 H HD1  . TYR A 1 7  ? 4.028  -8.665  3.509  1.00 0.00 ? 7  TYR A HD1  6 
ATOM   1023 H HD2  . TYR A 1 7  ? -0.212 -8.032  3.058  1.00 0.00 ? 7  TYR A HD2  6 
ATOM   1024 H HE1  . TYR A 1 7  ? 3.623  -9.720  5.730  1.00 0.00 ? 7  TYR A HE1  6 
ATOM   1025 H HE2  . TYR A 1 7  ? -0.594 -9.095  5.286  1.00 0.00 ? 7  TYR A HE2  6 
ATOM   1026 H HH   . TYR A 1 7  ? 2.073  -10.337 7.286  1.00 0.00 ? 7  TYR A HH   6 
ATOM   1027 N N    . VAL A 1 8  ? 1.492  -5.127  -0.042 1.00 0.00 ? 8  VAL A N    6 
ATOM   1028 C CA   . VAL A 1 8  ? 1.422  -4.463  -1.345 1.00 0.00 ? 8  VAL A CA   6 
ATOM   1029 C C    . VAL A 1 8  ? 0.988  -3.033  -1.099 1.00 0.00 ? 8  VAL A C    6 
ATOM   1030 O O    . VAL A 1 8  ? -0.203 -2.733  -0.905 1.00 0.00 ? 8  VAL A O    6 
ATOM   1031 C CB   . VAL A 1 8  ? 0.479  -5.200  -2.324 1.00 0.00 ? 8  VAL A CB   6 
ATOM   1032 C CG1  . VAL A 1 8  ? 0.425  -4.474  -3.688 1.00 0.00 ? 8  VAL A CG1  6 
ATOM   1033 C CG2  . VAL A 1 8  ? 0.974  -6.632  -2.519 1.00 0.00 ? 8  VAL A CG2  6 
ATOM   1034 H H    . VAL A 1 8  ? 0.625  -5.289  0.458  1.00 0.00 ? 8  VAL A H    6 
ATOM   1035 H HA   . VAL A 1 8  ? 2.422  -4.444  -1.781 1.00 0.00 ? 8  VAL A HA   6 
ATOM   1036 H HB   . VAL A 1 8  ? -0.521 -5.229  -1.900 1.00 0.00 ? 8  VAL A HB   6 
ATOM   1037 H HG11 . VAL A 1 8  ? 1.428  -4.399  -4.111 1.00 0.00 ? 8  VAL A HG11 6 
ATOM   1038 H HG12 . VAL A 1 8  ? 0.007  -3.476  -3.556 1.00 0.00 ? 8  VAL A HG12 6 
ATOM   1039 H HG13 . VAL A 1 8  ? -0.209 -5.034  -4.375 1.00 0.00 ? 8  VAL A HG13 6 
ATOM   1040 H HG21 . VAL A 1 8  ? 0.374  -7.133  -3.281 1.00 0.00 ? 8  VAL A HG21 6 
ATOM   1041 H HG22 . VAL A 1 8  ? 0.889  -7.181  -1.584 1.00 0.00 ? 8  VAL A HG22 6 
ATOM   1042 H HG23 . VAL A 1 8  ? 2.021  -6.613  -2.836 1.00 0.00 ? 8  VAL A HG23 6 
HETATM 1043 N N    . ORN A 1 9  ? 1.994  -2.170  -1.092 1.00 0.00 ? 9  ORN A N    6 
HETATM 1044 C CA   . ORN A 1 9  ? 1.956  -0.891  -0.388 1.00 0.00 ? 9  ORN A CA   6 
HETATM 1045 C CB   . ORN A 1 9  ? 2.849  -0.987  0.873  1.00 0.00 ? 9  ORN A CB   6 
HETATM 1046 C CG   . ORN A 1 9  ? 2.622  0.211   1.822  1.00 0.00 ? 9  ORN A CG   6 
HETATM 1047 C CD   . ORN A 1 9  ? 3.462  0.061   3.111  1.00 0.00 ? 9  ORN A CD   6 
HETATM 1048 N NE   . ORN A 1 9  ? 4.909  0.249   2.848  1.00 0.00 ? 9  ORN A NE   6 
HETATM 1049 C C    . ORN A 1 9  ? 2.419  0.225   -1.336 1.00 0.00 ? 9  ORN A C    6 
HETATM 1050 O O    . ORN A 1 9  ? 3.526  0.160   -1.877 1.00 0.00 ? 9  ORN A O    6 
HETATM 1051 H H    . ORN A 1 9  ? 2.904  -2.524  -1.352 1.00 0.00 ? 9  ORN A H    6 
HETATM 1052 H HA   . ORN A 1 9  ? 0.929  -0.693  -0.076 1.00 0.00 ? 9  ORN A HA   6 
HETATM 1053 H HB2  . ORN A 1 9  ? 2.614  -1.911  1.407  1.00 0.00 ? 9  ORN A HB2  6 
HETATM 1054 H HB3  . ORN A 1 9  ? 3.897  -1.017  0.566  1.00 0.00 ? 9  ORN A HB3  6 
HETATM 1055 H HG2  . ORN A 1 9  ? 2.893  1.140   1.318  1.00 0.00 ? 9  ORN A HG2  6 
HETATM 1056 H HG3  . ORN A 1 9  ? 1.566  0.257   2.096  1.00 0.00 ? 9  ORN A HG3  6 
HETATM 1057 H HD2  . ORN A 1 9  ? 3.131  0.807   3.833  1.00 0.00 ? 9  ORN A HD2  6 
HETATM 1058 H HD3  . ORN A 1 9  ? 3.297  -0.940  3.529  1.00 0.00 ? 9  ORN A HD3  6 
HETATM 1059 H HE1  . ORN A 1 9  ? 5.423  0.170   3.720  1.00 0.00 ? 9  ORN A HE1  6 
HETATM 1060 H HE2  . ORN A 1 9  ? 5.235  -0.455  2.209  1.00 0.00 ? 9  ORN A HE2  6 
HETATM 1061 H HE3  . ORN A 1 9  ? 5.068  1.168   2.452  1.00 0.00 ? 9  ORN A HE3  6 
ATOM   1062 N N    . LEU A 1 10 ? 1.529  1.185   -1.584 1.00 0.00 ? 10 LEU A N    6 
ATOM   1063 C CA   . LEU A 1 10 ? 1.686  2.196   -2.623 1.00 0.00 ? 10 LEU A CA   6 
ATOM   1064 C C    . LEU A 1 10 ? 1.612  3.550   -1.941 1.00 0.00 ? 10 LEU A C    6 
ATOM   1065 O O    . LEU A 1 10 ? 1.212  3.608   -0.794 1.00 0.00 ? 10 LEU A O    6 
ATOM   1066 C CB   . LEU A 1 10 ? 0.567  2.083   -3.675 1.00 0.00 ? 10 LEU A CB   6 
ATOM   1067 C CG   . LEU A 1 10 ? 0.711  1.088   -4.850 1.00 0.00 ? 10 LEU A CG   6 
ATOM   1068 C CD1  . LEU A 1 10 ? 1.913  1.453   -5.722 1.00 0.00 ? 10 LEU A CD1  6 
ATOM   1069 C CD2  . LEU A 1 10 ? 0.824  -0.371  -4.392 1.00 0.00 ? 10 LEU A CD2  6 
ATOM   1070 H H    . LEU A 1 10 ? 0.709  1.245   -1.038 1.00 0.00 ? 10 LEU A H    6 
ATOM   1071 H HA   . LEU A 1 10 ? 2.637  2.083   -3.087 1.00 0.00 ? 10 LEU A HA   6 
ATOM   1072 H HB2  . LEU A 1 10 ? -0.361 1.846   -3.154 1.00 0.00 ? 10 LEU A HB2  6 
ATOM   1073 H HB3  . LEU A 1 10 ? 0.447  3.066   -4.114 1.00 0.00 ? 10 LEU A HB3  6 
ATOM   1074 H HG   . LEU A 1 10 ? -0.184 1.178   -5.462 1.00 0.00 ? 10 LEU A HG   6 
ATOM   1075 H HD11 . LEU A 1 10 ? 1.839  2.496   -6.033 1.00 0.00 ? 10 LEU A HD11 6 
ATOM   1076 H HD12 . LEU A 1 10 ? 1.920  0.818   -6.610 1.00 0.00 ? 10 LEU A HD12 6 
ATOM   1077 H HD13 . LEU A 1 10 ? 2.840  1.304   -5.166 1.00 0.00 ? 10 LEU A HD13 6 
ATOM   1078 H HD21 . LEU A 1 10 ? 0.732  -1.033  -5.254 1.00 0.00 ? 10 LEU A HD21 6 
ATOM   1079 H HD22 . LEU A 1 10 ? 0.028  -0.599  -3.682 1.00 0.00 ? 10 LEU A HD22 6 
ATOM   1080 H HD23 . LEU A 1 10 ? 1.791  -0.536  -3.917 1.00 0.00 ? 10 LEU A HD23 6 
HETATM 1081 N N    . DPN A 1 1  ? 1.956  4.603   -2.897 1.00 0.00 ? 1  DPN A N    7 
HETATM 1082 C CA   . DPN A 1 1  ? 1.723  5.979   -2.399 1.00 0.00 ? 1  DPN A CA   7 
HETATM 1083 C C    . DPN A 1 1  ? 0.390  6.519   -2.933 1.00 0.00 ? 1  DPN A C    7 
HETATM 1084 O O    . DPN A 1 1  ? 0.377  7.553   -3.591 1.00 0.00 ? 1  DPN A O    7 
HETATM 1085 C CB   . DPN A 1 1  ? 1.993  6.191   -0.876 1.00 0.00 ? 1  DPN A CB   7 
HETATM 1086 C CG   . DPN A 1 1  ? 0.764  6.480   -0.034 1.00 0.00 ? 1  DPN A CG   7 
HETATM 1087 C CD1  . DPN A 1 1  ? 0.054  7.692   -0.175 1.00 0.00 ? 1  DPN A CD1  7 
HETATM 1088 C CD2  . DPN A 1 1  ? 0.328  5.546   0.928  1.00 0.00 ? 1  DPN A CD2  7 
HETATM 1089 C CE1  . DPN A 1 1  ? -1.087 7.962   0.625  1.00 0.00 ? 1  DPN A CE1  7 
HETATM 1090 C CE2  . DPN A 1 1  ? -0.807 5.811   1.740  1.00 0.00 ? 1  DPN A CE2  7 
HETATM 1091 C CZ   . DPN A 1 1  ? -1.517 7.016   1.581  1.00 0.00 ? 1  DPN A CZ   7 
HETATM 1092 H H    . DPN A 1 1  ? 2.425  4.527   -3.785 1.00 0.00 ? 1  DPN A H    7 
HETATM 1093 H HA   . DPN A 1 1  ? 2.478  6.588   -2.895 1.00 0.00 ? 1  DPN A HA   7 
HETATM 1094 H HB2  . DPN A 1 1  ? 2.498  5.314   -0.478 1.00 0.00 ? 1  DPN A HB2  7 
HETATM 1095 H HB3  . DPN A 1 1  ? 2.673  7.037   -0.773 1.00 0.00 ? 1  DPN A HB3  7 
HETATM 1096 H HD1  . DPN A 1 1  ? 0.382  8.426   -0.899 1.00 0.00 ? 1  DPN A HD1  7 
HETATM 1097 H HD2  . DPN A 1 1  ? 0.866  4.618   1.053  1.00 0.00 ? 1  DPN A HD2  7 
HETATM 1098 H HE1  . DPN A 1 1  ? -1.626 8.890   0.499  1.00 0.00 ? 1  DPN A HE1  7 
HETATM 1099 H HE2  . DPN A 1 1  ? -1.129 5.084   2.472  1.00 0.00 ? 1  DPN A HE2  7 
HETATM 1100 H HZ   . DPN A 1 1  ? -2.386 7.219   2.190  1.00 0.00 ? 1  DPN A HZ   7 
HETATM 1101 C C    . BE2 A 1 2  ? -2.946 4.660   -1.063 1.00 0.00 ? 2  BE2 A C    7 
HETATM 1102 O O    . BE2 A 1 2  ? -1.830 4.317   -0.728 1.00 0.00 ? 2  BE2 A O    7 
HETATM 1103 C C1   . BE2 A 1 2  ? -3.196 5.448   -2.348 1.00 0.00 ? 2  BE2 A C1   7 
HETATM 1104 C CA   . BE2 A 1 2  ? -2.097 5.980   -3.092 1.00 0.00 ? 2  BE2 A CA   7 
HETATM 1105 C C3   . BE2 A 1 2  ? -2.354 6.706   -4.277 1.00 0.00 ? 2  BE2 A C3   7 
HETATM 1106 N N    . BE2 A 1 2  ? -0.744 5.766   -2.648 1.00 0.00 ? 2  BE2 A N    7 
HETATM 1107 C C4   . BE2 A 1 2  ? -3.663 6.916   -4.721 1.00 0.00 ? 2  BE2 A C4   7 
HETATM 1108 C C5   . BE2 A 1 2  ? -4.740 6.408   -3.997 1.00 0.00 ? 2  BE2 A C5   7 
HETATM 1109 C C6   . BE2 A 1 2  ? -4.520 5.680   -2.823 1.00 0.00 ? 2  BE2 A C6   7 
HETATM 1110 H H3   . BE2 A 1 2  ? -1.540 7.105   -4.868 1.00 0.00 ? 2  BE2 A H3   7 
HETATM 1111 H H    . BE2 A 1 2  ? -0.611 4.974   -2.023 1.00 0.00 ? 2  BE2 A H    7 
HETATM 1112 H H4   . BE2 A 1 2  ? -3.841 7.476   -5.637 1.00 0.00 ? 2  BE2 A H4   7 
HETATM 1113 H H5   . BE2 A 1 2  ? -5.755 6.575   -4.350 1.00 0.00 ? 2  BE2 A H5   7 
HETATM 1114 H H6   . BE2 A 1 2  ? -5.386 5.294   -2.301 1.00 0.00 ? 2  BE2 A H6   7 
ATOM   1115 N N    . PHE A 1 3  ? -4.054 4.328   -0.302 1.00 0.00 ? 3  PHE A N    7 
ATOM   1116 C CA   . PHE A 1 3  ? -3.942 3.673   0.976  1.00 0.00 ? 3  PHE A CA   7 
ATOM   1117 C C    . PHE A 1 3  ? -3.982 2.173   0.757  1.00 0.00 ? 3  PHE A C    7 
ATOM   1118 O O    . PHE A 1 3  ? -5.051 1.573   0.659  1.00 0.00 ? 3  PHE A O    7 
ATOM   1119 C CB   . PHE A 1 3  ? -5.062 4.121   1.918  1.00 0.00 ? 3  PHE A CB   7 
ATOM   1120 C CG   . PHE A 1 3  ? -4.973 3.513   3.297  1.00 0.00 ? 3  PHE A CG   7 
ATOM   1121 C CD1  . PHE A 1 3  ? -5.742 2.381   3.630  1.00 0.00 ? 3  PHE A CD1  7 
ATOM   1122 C CD2  . PHE A 1 3  ? -4.120 4.068   4.271  1.00 0.00 ? 3  PHE A CD2  7 
ATOM   1123 C CE1  . PHE A 1 3  ? -5.661 1.800   4.919  1.00 0.00 ? 3  PHE A CE1  7 
ATOM   1124 C CE2  . PHE A 1 3  ? -4.027 3.494   5.565  1.00 0.00 ? 3  PHE A CE2  7 
ATOM   1125 C CZ   . PHE A 1 3  ? -4.803 2.359   5.889  1.00 0.00 ? 3  PHE A CZ   7 
ATOM   1126 H H    . PHE A 1 3  ? -4.946 4.564   -0.610 1.00 0.00 ? 3  PHE A H    7 
ATOM   1127 H HA   . PHE A 1 3  ? -3.016 3.952   1.387  1.00 0.00 ? 3  PHE A HA   7 
ATOM   1128 H HB2  . PHE A 1 3  ? -5.021 5.206   2.014  1.00 0.00 ? 3  PHE A HB2  7 
ATOM   1129 H HB3  . PHE A 1 3  ? -6.016 3.852   1.480  1.00 0.00 ? 3  PHE A HB3  7 
ATOM   1130 H HD1  . PHE A 1 3  ? -6.398 1.941   2.890  1.00 0.00 ? 3  PHE A HD1  7 
ATOM   1131 H HD2  . PHE A 1 3  ? -3.532 4.943   4.032  1.00 0.00 ? 3  PHE A HD2  7 
ATOM   1132 H HE1  . PHE A 1 3  ? -6.250 0.928   5.158  1.00 0.00 ? 3  PHE A HE1  7 
ATOM   1133 H HE2  . PHE A 1 3  ? -3.372 3.929   6.304  1.00 0.00 ? 3  PHE A HE2  7 
ATOM   1134 H HZ   . PHE A 1 3  ? -4.738 1.920   6.872  1.00 0.00 ? 3  PHE A HZ   7 
HETATM 1135 N N    . DPN A 1 4  ? -2.770 1.627   0.676  1.00 0.00 ? 4  DPN A N    7 
HETATM 1136 C CA   . DPN A 1 4  ? -2.462 0.210   0.411  1.00 0.00 ? 4  DPN A CA   7 
HETATM 1137 C C    . DPN A 1 4  ? -2.507 -0.576  1.720  1.00 0.00 ? 4  DPN A C    7 
HETATM 1138 O O    . DPN A 1 4  ? -3.128 -0.154  2.688  1.00 0.00 ? 4  DPN A O    7 
HETATM 1139 C CB   . DPN A 1 4  ? -3.331 -0.439  -0.691 1.00 0.00 ? 4  DPN A CB   7 
HETATM 1140 C CG   . DPN A 1 4  ? -3.189 0.222   -2.043 1.00 0.00 ? 4  DPN A CG   7 
HETATM 1141 C CD1  . DPN A 1 4  ? -2.202 -0.217  -2.946 1.00 0.00 ? 4  DPN A CD1  7 
HETATM 1142 C CD2  . DPN A 1 4  ? -4.042 1.277   -2.430 1.00 0.00 ? 4  DPN A CD2  7 
HETATM 1143 C CE1  . DPN A 1 4  ? -2.066 0.387   -4.224 1.00 0.00 ? 4  DPN A CE1  7 
HETATM 1144 C CE2  . DPN A 1 4  ? -3.904 1.897   -3.697 1.00 0.00 ? 4  DPN A CE2  7 
HETATM 1145 C CZ   . DPN A 1 4  ? -2.915 1.451   -4.592 1.00 0.00 ? 4  DPN A CZ   7 
HETATM 1146 H H    . DPN A 1 4  ? -1.979 2.242   0.792  1.00 0.00 ? 4  DPN A H    7 
HETATM 1147 H HA   . DPN A 1 4  ? -1.433 0.173   0.060  1.00 0.00 ? 4  DPN A HA   7 
HETATM 1148 H HB2  . DPN A 1 4  ? -3.036 -1.480  -0.795 1.00 0.00 ? 4  DPN A HB2  7 
HETATM 1149 H HB3  . DPN A 1 4  ? -4.374 -0.420  -0.394 1.00 0.00 ? 4  DPN A HB3  7 
HETATM 1150 H HD1  . DPN A 1 4  ? -1.542 -1.025  -2.665 1.00 0.00 ? 4  DPN A HD1  7 
HETATM 1151 H HD2  . DPN A 1 4  ? -4.811 1.619   -1.756 1.00 0.00 ? 4  DPN A HD2  7 
HETATM 1152 H HE1  . DPN A 1 4  ? -1.313 0.037   -4.910 1.00 0.00 ? 4  DPN A HE1  7 
HETATM 1153 H HE2  . DPN A 1 4  ? -4.560 2.710   -3.977 1.00 0.00 ? 4  DPN A HE2  7 
HETATM 1154 H HZ   . DPN A 1 4  ? -2.809 1.920   -5.560 1.00 0.00 ? 4  DPN A HZ   7 
ATOM   1155 N N    . ASN A 1 5  ? -1.835 -1.712  1.745  1.00 0.00 ? 5  ASN A N    7 
ATOM   1156 C CA   . ASN A 1 5  ? -1.803 -2.569  2.924  1.00 0.00 ? 5  ASN A CA   7 
ATOM   1157 C C    . ASN A 1 5  ? -0.351 -2.938  3.232  1.00 0.00 ? 5  ASN A C    7 
ATOM   1158 O O    . ASN A 1 5  ? 0.569  -2.388  2.638  1.00 0.00 ? 5  ASN A O    7 
ATOM   1159 C CB   . ASN A 1 5  ? -2.684 -3.809  2.699  1.00 0.00 ? 5  ASN A CB   7 
ATOM   1160 C CG   . ASN A 1 5  ? -2.211 -4.662  1.544  1.00 0.00 ? 5  ASN A CG   7 
ATOM   1161 O OD1  . ASN A 1 5  ? -1.221 -5.366  1.658  1.00 0.00 ? 5  ASN A OD1  7 
ATOM   1162 N ND2  . ASN A 1 5  ? -2.909 -4.611  0.441  1.00 0.00 ? 5  ASN A ND2  7 
ATOM   1163 H H    . ASN A 1 5  ? -1.306 -2.006  0.926  1.00 0.00 ? 5  ASN A H    7 
ATOM   1164 H HA   . ASN A 1 5  ? -2.200 -2.017  3.776  1.00 0.00 ? 5  ASN A HA   7 
ATOM   1165 H HB2  . ASN A 1 5  ? -2.696 -4.417  3.602  1.00 0.00 ? 5  ASN A HB2  7 
ATOM   1166 H HB3  . ASN A 1 5  ? -3.703 -3.478  2.503  1.00 0.00 ? 5  ASN A HB3  7 
ATOM   1167 H HD21 . ASN A 1 5  ? -2.625 -5.170  -0.345 1.00 0.00 ? 5  ASN A HD21 7 
ATOM   1168 H HD22 . ASN A 1 5  ? -3.717 -4.015  0.374  1.00 0.00 ? 5  ASN A HD22 7 
ATOM   1169 N N    . GLN A 1 6  ? -0.153 -3.854  4.169  1.00 0.00 ? 6  GLN A N    7 
ATOM   1170 C CA   . GLN A 1 6  ? 1.185  -4.230  4.637  1.00 0.00 ? 6  GLN A CA   7 
ATOM   1171 C C    . GLN A 1 6  ? 2.079  -4.870  3.580  1.00 0.00 ? 6  GLN A C    7 
ATOM   1172 O O    . GLN A 1 6  ? 3.292  -4.706  3.610  1.00 0.00 ? 6  GLN A O    7 
ATOM   1173 C CB   . GLN A 1 6  ? 1.043  -5.215  5.801  1.00 0.00 ? 6  GLN A CB   7 
ATOM   1174 C CG   . GLN A 1 6  ? 0.359  -4.625  7.039  1.00 0.00 ? 6  GLN A CG   7 
ATOM   1175 C CD   . GLN A 1 6  ? 0.092  -5.647  8.096  1.00 0.00 ? 6  GLN A CD   7 
ATOM   1176 O OE1  . GLN A 1 6  ? 0.125  -6.841  7.860  1.00 0.00 ? 6  GLN A OE1  7 
ATOM   1177 N NE2  . GLN A 1 6  ? -0.190 -5.181  9.270  1.00 0.00 ? 6  GLN A NE2  7 
ATOM   1178 H H    . GLN A 1 6  ? -0.945 -4.310  4.593  1.00 0.00 ? 6  GLN A H    7 
ATOM   1179 H HA   . GLN A 1 6  ? 1.688  -3.338  4.988  1.00 0.00 ? 6  GLN A HA   7 
ATOM   1180 H HB2  . GLN A 1 6  ? 0.466  -6.071  5.454  1.00 0.00 ? 6  GLN A HB2  7 
ATOM   1181 H HB3  . GLN A 1 6  ? 2.035  -5.564  6.088  1.00 0.00 ? 6  GLN A HB3  7 
ATOM   1182 H HG2  . GLN A 1 6  ? 0.986  -3.842  7.458  1.00 0.00 ? 6  GLN A HG2  7 
ATOM   1183 H HG3  . GLN A 1 6  ? -0.598 -4.199  6.768  1.00 0.00 ? 6  GLN A HG3  7 
ATOM   1184 H HE21 . GLN A 1 6  ? -0.396 -5.820  9.997  1.00 0.00 ? 6  GLN A HE21 7 
ATOM   1185 H HE22 . GLN A 1 6  ? -0.207 -4.192  9.434  1.00 0.00 ? 6  GLN A HE22 7 
ATOM   1186 N N    . TYR A 1 7  ? 1.477  -5.601  2.659  1.00 0.00 ? 7  TYR A N    7 
ATOM   1187 C CA   . TYR A 1 7  ? 2.230  -6.344  1.647  1.00 0.00 ? 7  TYR A CA   7 
ATOM   1188 C C    . TYR A 1 7  ? 2.230  -5.633  0.302  1.00 0.00 ? 7  TYR A C    7 
ATOM   1189 O O    . TYR A 1 7  ? 3.228  -5.631  -0.411 1.00 0.00 ? 7  TYR A O    7 
ATOM   1190 C CB   . TYR A 1 7  ? 1.630  -7.744  1.499  1.00 0.00 ? 7  TYR A CB   7 
ATOM   1191 C CG   . TYR A 1 7  ? 1.614  -8.509  2.808  1.00 0.00 ? 7  TYR A CG   7 
ATOM   1192 C CD1  . TYR A 1 7  ? 0.476  -8.493  3.644  1.00 0.00 ? 7  TYR A CD1  7 
ATOM   1193 C CD2  . TYR A 1 7  ? 2.743  -9.242  3.226  1.00 0.00 ? 7  TYR A CD2  7 
ATOM   1194 C CE1  . TYR A 1 7  ? 0.472  -9.188  4.884  1.00 0.00 ? 7  TYR A CE1  7 
ATOM   1195 C CE2  . TYR A 1 7  ? 2.739  -9.942  4.464  1.00 0.00 ? 7  TYR A CE2  7 
ATOM   1196 C CZ   . TYR A 1 7  ? 1.608  -9.902  5.280  1.00 0.00 ? 7  TYR A CZ   7 
ATOM   1197 O OH   . TYR A 1 7  ? 1.614  -10.567 6.480  1.00 0.00 ? 7  TYR A OH   7 
ATOM   1198 H H    . TYR A 1 7  ? 0.469  -5.661  2.656  1.00 0.00 ? 7  TYR A H    7 
ATOM   1199 H HA   . TYR A 1 7  ? 3.263  -6.444  1.980  1.00 0.00 ? 7  TYR A HA   7 
ATOM   1200 H HB2  . TYR A 1 7  ? 0.607  -7.656  1.131  1.00 0.00 ? 7  TYR A HB2  7 
ATOM   1201 H HB3  . TYR A 1 7  ? 2.214  -8.303  0.769  1.00 0.00 ? 7  TYR A HB3  7 
ATOM   1202 H HD1  . TYR A 1 7  ? -0.402 -7.939  3.344  1.00 0.00 ? 7  TYR A HD1  7 
ATOM   1203 H HD2  . TYR A 1 7  ? 3.626  -9.270  2.604  1.00 0.00 ? 7  TYR A HD2  7 
ATOM   1204 H HE1  . TYR A 1 7  ? -0.398 -9.162  5.521  1.00 0.00 ? 7  TYR A HE1  7 
ATOM   1205 H HE2  . TYR A 1 7  ? 3.609  -10.501 4.775  1.00 0.00 ? 7  TYR A HE2  7 
ATOM   1206 H HH   . TYR A 1 7  ? 0.817  -10.418 6.991  1.00 0.00 ? 7  TYR A HH   7 
ATOM   1207 N N    . VAL A 1 8  ? 1.108  -5.016  -0.043 1.00 0.00 ? 8  VAL A N    7 
ATOM   1208 C CA   . VAL A 1 8  ? 0.994  -4.265  -1.292 1.00 0.00 ? 8  VAL A CA   7 
ATOM   1209 C C    . VAL A 1 8  ? 0.808  -2.808  -0.949 1.00 0.00 ? 8  VAL A C    7 
ATOM   1210 O O    . VAL A 1 8  ? -0.276 -2.372  -0.536 1.00 0.00 ? 8  VAL A O    7 
ATOM   1211 C CB   . VAL A 1 8  ? -0.158 -4.786  -2.182 1.00 0.00 ? 8  VAL A CB   7 
ATOM   1212 C CG1  . VAL A 1 8  ? -0.245 -3.976  -3.493 1.00 0.00 ? 8  VAL A CG1  7 
ATOM   1213 C CG2  . VAL A 1 8  ? 0.084  -6.252  -2.508 1.00 0.00 ? 8  VAL A CG2  7 
ATOM   1214 H H    . VAL A 1 8  ? 0.304  -5.050  0.578  1.00 0.00 ? 8  VAL A H    7 
ATOM   1215 H HA   . VAL A 1 8  ? 1.924  -4.367  -1.850 1.00 0.00 ? 8  VAL A HA   7 
ATOM   1216 H HB   . VAL A 1 8  ? -1.100 -4.692  -1.646 1.00 0.00 ? 8  VAL A HB   7 
ATOM   1217 H HG11 . VAL A 1 8  ? -0.485 -2.938  -3.273 1.00 0.00 ? 8  VAL A HG11 7 
ATOM   1218 H HG12 . VAL A 1 8  ? -1.032 -4.390  -4.125 1.00 0.00 ? 8  VAL A HG12 7 
ATOM   1219 H HG13 . VAL A 1 8  ? 0.706  -4.025  -4.025 1.00 0.00 ? 8  VAL A HG13 7 
ATOM   1220 H HG21 . VAL A 1 8  ? 1.086  -6.365  -2.931 1.00 0.00 ? 8  VAL A HG21 7 
ATOM   1221 H HG22 . VAL A 1 8  ? -0.657 -6.600  -3.226 1.00 0.00 ? 8  VAL A HG22 7 
ATOM   1222 H HG23 . VAL A 1 8  ? 0.010  -6.846  -1.599 1.00 0.00 ? 8  VAL A HG23 7 
HETATM 1223 N N    . ORN A 1 9  ? 1.898  -2.069  -1.121 1.00 0.00 ? 9  ORN A N    7 
HETATM 1224 C CA   . ORN A 1 9  ? 2.089  -0.758  -0.499 1.00 0.00 ? 9  ORN A CA   7 
HETATM 1225 C CB   . ORN A 1 9  ? 3.046  -0.904  0.711  1.00 0.00 ? 9  ORN A CB   7 
HETATM 1226 C CG   . ORN A 1 9  ? 3.078  0.398   1.553  1.00 0.00 ? 9  ORN A CG   7 
HETATM 1227 C CD   . ORN A 1 9  ? 4.314  0.434   2.470  1.00 0.00 ? 9  ORN A CD   7 
HETATM 1228 N NE   . ORN A 1 9  ? 5.553  0.703   1.696  1.00 0.00 ? 9  ORN A NE   7 
HETATM 1229 C C    . ORN A 1 9  ? 2.625  0.240   -1.545 1.00 0.00 ? 9  ORN A C    7 
HETATM 1230 O O    . ORN A 1 9  ? 3.822  0.232   -1.875 1.00 0.00 ? 9  ORN A O    7 
HETATM 1231 H H    . ORN A 1 9  ? 2.715  -2.527  -1.504 1.00 0.00 ? 9  ORN A H    7 
HETATM 1232 H HA   . ORN A 1 9  ? 1.124  -0.400  -0.134 1.00 0.00 ? 9  ORN A HA   7 
HETATM 1233 H HB2  . ORN A 1 9  ? 2.706  -1.729  1.342  1.00 0.00 ? 9  ORN A HB2  7 
HETATM 1234 H HB3  . ORN A 1 9  ? 4.047  -1.136  0.342  1.00 0.00 ? 9  ORN A HB3  7 
HETATM 1235 H HG2  . ORN A 1 9  ? 3.099  1.270   0.894  1.00 0.00 ? 9  ORN A HG2  7 
HETATM 1236 H HG3  . ORN A 1 9  ? 2.177  0.446   2.168  1.00 0.00 ? 9  ORN A HG3  7 
HETATM 1237 H HD2  . ORN A 1 9  ? 4.179  1.223   3.214  1.00 0.00 ? 9  ORN A HD2  7 
HETATM 1238 H HD3  . ORN A 1 9  ? 4.406  -0.523  2.988  1.00 0.00 ? 9  ORN A HD3  7 
HETATM 1239 H HE1  . ORN A 1 9  ? 5.479  1.599   1.234  1.00 0.00 ? 9  ORN A HE1  7 
HETATM 1240 H HE2  . ORN A 1 9  ? 6.349  0.711   2.318  1.00 0.00 ? 9  ORN A HE2  7 
HETATM 1241 H HE3  . ORN A 1 9  ? 5.680  -0.020  1.000  1.00 0.00 ? 9  ORN A HE3  7 
ATOM   1242 N N    . LEU A 1 10 ? 1.749  1.142   -1.982 1.00 0.00 ? 10 LEU A N    7 
ATOM   1243 C CA   . LEU A 1 10 ? 2.046  2.182   -2.950 1.00 0.00 ? 10 LEU A CA   7 
ATOM   1244 C C    . LEU A 1 10 ? 1.623  3.476   -2.272 1.00 0.00 ? 10 LEU A C    7 
ATOM   1245 O O    . LEU A 1 10 ? 1.002  3.417   -1.221 1.00 0.00 ? 10 LEU A O    7 
ATOM   1246 C CB   . LEU A 1 10 ? 1.268  1.969   -4.265 1.00 0.00 ? 10 LEU A CB   7 
ATOM   1247 C CG   . LEU A 1 10 ? 1.765  0.935   -5.302 1.00 0.00 ? 10 LEU A CG   7 
ATOM   1248 C CD1  . LEU A 1 10 ? 3.189  1.263   -5.761 1.00 0.00 ? 10 LEU A CD1  7 
ATOM   1249 C CD2  . LEU A 1 10 ? 1.711  -0.516  -4.806 1.00 0.00 ? 10 LEU A CD2  7 
ATOM   1250 H H    . LEU A 1 10 ? 0.822  1.138   -1.627 1.00 0.00 ? 10 LEU A H    7 
ATOM   1251 H HA   . LEU A 1 10 ? 3.097  2.200   -3.134 1.00 0.00 ? 10 LEU A HA   7 
ATOM   1252 H HB2  . LEU A 1 10 ? 0.247  1.711   -4.001 1.00 0.00 ? 10 LEU A HB2  7 
ATOM   1253 H HB3  . LEU A 1 10 ? 1.226  2.928   -4.777 1.00 0.00 ? 10 LEU A HB3  7 
ATOM   1254 H HG   . LEU A 1 10 ? 1.112  1.009   -6.170 1.00 0.00 ? 10 LEU A HG   7 
ATOM   1255 H HD11 . LEU A 1 10 ? 3.891  1.127   -4.938 1.00 0.00 ? 10 LEU A HD11 7 
ATOM   1256 H HD12 . LEU A 1 10 ? 3.235  2.292   -6.114 1.00 0.00 ? 10 LEU A HD12 7 
ATOM   1257 H HD13 . LEU A 1 10 ? 3.469  0.597   -6.581 1.00 0.00 ? 10 LEU A HD13 7 
ATOM   1258 H HD21 . LEU A 1 10 ? 1.863  -1.190  -5.651 1.00 0.00 ? 10 LEU A HD21 7 
ATOM   1259 H HD22 . LEU A 1 10 ? 0.741  -0.717  -4.360 1.00 0.00 ? 10 LEU A HD22 7 
ATOM   1260 H HD23 . LEU A 1 10 ? 2.496  -0.688  -4.070 1.00 0.00 ? 10 LEU A HD23 7 
HETATM 1261 N N    . DPN A 1 1  ? 1.695  4.838   -3.157 1.00 0.00 ? 1  DPN A N    8 
HETATM 1262 C CA   . DPN A 1 1  ? 1.588  6.299   -2.881 1.00 0.00 ? 1  DPN A CA   8 
HETATM 1263 C C    . DPN A 1 1  ? 0.209  6.824   -3.308 1.00 0.00 ? 1  DPN A C    8 
HETATM 1264 O O    . DPN A 1 1  ? 0.125  7.849   -3.962 1.00 0.00 ? 1  DPN A O    8 
HETATM 1265 C CB   . DPN A 1 1  ? 1.962  6.739   -1.442 1.00 0.00 ? 1  DPN A CB   8 
HETATM 1266 C CG   . DPN A 1 1  ? 0.835  7.399   -0.686 1.00 0.00 ? 1  DPN A CG   8 
HETATM 1267 C CD1  . DPN A 1 1  ? -0.026 6.648   0.139  1.00 0.00 ? 1  DPN A CD1  8 
HETATM 1268 C CD2  . DPN A 1 1  ? 0.629  8.793   -0.789 1.00 0.00 ? 1  DPN A CD2  8 
HETATM 1269 C CE1  . DPN A 1 1  ? -1.075 7.269   0.849  1.00 0.00 ? 1  DPN A CE1  8 
HETATM 1270 C CE2  . DPN A 1 1  ? -0.425 9.423   -0.086 1.00 0.00 ? 1  DPN A CE2  8 
HETATM 1271 C CZ   . DPN A 1 1  ? -1.273 8.658   0.738  1.00 0.00 ? 1  DPN A CZ   8 
HETATM 1272 H H    . DPN A 1 1  ? 1.969  4.599   -4.101 1.00 0.00 ? 1  DPN A H    8 
HETATM 1273 H HA   . DPN A 1 1  ? 2.309  6.787   -3.541 1.00 0.00 ? 1  DPN A HA   8 
HETATM 1274 H HB2  . DPN A 1 1  ? 2.323  5.899   -0.872 1.00 0.00 ? 1  DPN A HB2  8 
HETATM 1275 H HB3  . DPN A 1 1  ? 2.787  7.458   -1.507 1.00 0.00 ? 1  DPN A HB3  8 
HETATM 1276 H HD1  . DPN A 1 1  ? 0.122  5.586   0.237  1.00 0.00 ? 1  DPN A HD1  8 
HETATM 1277 H HD2  . DPN A 1 1  ? 1.279  9.390   -1.416 1.00 0.00 ? 1  DPN A HD2  8 
HETATM 1278 H HE1  . DPN A 1 1  ? -1.720 6.679   1.487  1.00 0.00 ? 1  DPN A HE1  8 
HETATM 1279 H HE2  . DPN A 1 1  ? -0.572 10.488  -0.178 1.00 0.00 ? 1  DPN A HE2  8 
HETATM 1280 H HZ   . DPN A 1 1  ? -2.068 9.139   1.285  1.00 0.00 ? 1  DPN A HZ   8 
HETATM 1281 C C    . BE2 A 1 2  ? -2.666 4.494   -1.328 1.00 0.00 ? 2  BE2 A C    8 
HETATM 1282 O O    . BE2 A 1 2  ? -1.603 3.940   -1.499 1.00 0.00 ? 2  BE2 A O    8 
HETATM 1283 C C1   . BE2 A 1 2  ? -3.190 5.525   -2.307 1.00 0.00 ? 2  BE2 A C1   8 
HETATM 1284 C CA   . BE2 A 1 2  ? -2.271 6.277   -3.098 1.00 0.00 ? 2  BE2 A CA   8 
HETATM 1285 C C3   . BE2 A 1 2  ? -2.768 7.230   -4.013 1.00 0.00 ? 2  BE2 A C3   8 
HETATM 1286 N N    . BE2 A 1 2  ? -0.864 6.058   -2.910 1.00 0.00 ? 2  BE2 A N    8 
HETATM 1287 C C4   . BE2 A 1 2  ? -4.141 7.436   -4.142 1.00 0.00 ? 2  BE2 A C4   8 
HETATM 1288 C C5   . BE2 A 1 2  ? -5.047 6.708   -3.363 1.00 0.00 ? 2  BE2 A C5   8 
HETATM 1289 C C6   . BE2 A 1 2  ? -4.581 5.761   -2.439 1.00 0.00 ? 2  BE2 A C6   8 
HETATM 1290 H H3   . BE2 A 1 2  ? -2.100 7.813   -4.633 1.00 0.00 ? 2  BE2 A H3   8 
HETATM 1291 H H    . BE2 A 1 2  ? -0.640 5.238   -2.348 1.00 0.00 ? 2  BE2 A H    8 
HETATM 1292 H H4   . BE2 A 1 2  ? -4.516 8.174   -4.850 1.00 0.00 ? 2  BE2 A H4   8 
HETATM 1293 H H5   . BE2 A 1 2  ? -6.112 6.883   -3.476 1.00 0.00 ? 2  BE2 A H5   8 
HETATM 1294 H H6   . BE2 A 1 2  ? -5.306 5.206   -1.849 1.00 0.00 ? 2  BE2 A H6   8 
ATOM   1295 N N    . PHE A 1 3  ? -3.468 4.200   -0.248 1.00 0.00 ? 3  PHE A N    8 
ATOM   1296 C CA   . PHE A 1 3  ? -3.067 3.274   0.781  1.00 0.00 ? 3  PHE A CA   8 
ATOM   1297 C C    . PHE A 1 3  ? -3.629 1.896   0.470  1.00 0.00 ? 3  PHE A C    8 
ATOM   1298 O O    . PHE A 1 3  ? -4.840 1.701   0.518  1.00 0.00 ? 3  PHE A O    8 
ATOM   1299 C CB   . PHE A 1 3  ? -3.530 3.743   2.149  1.00 0.00 ? 3  PHE A CB   8 
ATOM   1300 C CG   . PHE A 1 3  ? -2.960 2.926   3.277  1.00 0.00 ? 3  PHE A CG   8 
ATOM   1301 C CD1  . PHE A 1 3  ? -1.722 3.270   3.839  1.00 0.00 ? 3  PHE A CD1  8 
ATOM   1302 C CD2  . PHE A 1 3  ? -3.651 1.804   3.772  1.00 0.00 ? 3  PHE A CD2  8 
ATOM   1303 C CE1  . PHE A 1 3  ? -1.162 2.509   4.897  1.00 0.00 ? 3  PHE A CE1  8 
ATOM   1304 C CE2  . PHE A 1 3  ? -3.104 1.026   4.829  1.00 0.00 ? 3  PHE A CE2  8 
ATOM   1305 C CZ   . PHE A 1 3  ? -1.858 1.387   5.394  1.00 0.00 ? 3  PHE A CZ   8 
ATOM   1306 H H    . PHE A 1 3  ? -4.336 4.635   -0.152 1.00 0.00 ? 3  PHE A H    8 
ATOM   1307 H HA   . PHE A 1 3  ? -2.003 3.256   0.764  1.00 0.00 ? 3  PHE A HA   8 
ATOM   1308 H HB2  . PHE A 1 3  ? -3.223 4.782   2.280  1.00 0.00 ? 3  PHE A HB2  8 
ATOM   1309 H HB3  . PHE A 1 3  ? -4.625 3.698   2.197  1.00 0.00 ? 3  PHE A HB3  8 
ATOM   1310 H HD1  . PHE A 1 3  ? -1.184 4.124   3.462  1.00 0.00 ? 3  PHE A HD1  8 
ATOM   1311 H HD2  . PHE A 1 3  ? -4.612 1.534   3.346  1.00 0.00 ? 3  PHE A HD2  8 
ATOM   1312 H HE1  . PHE A 1 3  ? -0.208 2.797   5.326  1.00 0.00 ? 3  PHE A HE1  8 
ATOM   1313 H HE2  . PHE A 1 3  ? -3.644 0.166   5.198  1.00 0.00 ? 3  PHE A HE2  8 
ATOM   1314 H HZ   . PHE A 1 3  ? -1.439 0.809   6.206  1.00 0.00 ? 3  PHE A HZ   8 
HETATM 1315 N N    . DPN A 1 4  ? -2.714 0.982   0.158  1.00 0.00 ? 4  DPN A N    8 
HETATM 1316 C CA   . DPN A 1 4  ? -2.981 -0.414  -0.254 1.00 0.00 ? 4  DPN A CA   8 
HETATM 1317 C C    . DPN A 1 4  ? -3.242 -1.283  0.968  1.00 0.00 ? 4  DPN A C    8 
HETATM 1318 O O    . DPN A 1 4  ? -4.305 -1.238  1.576  1.00 0.00 ? 4  DPN A O    8 
HETATM 1319 C CB   . DPN A 1 4  ? -4.104 -0.554  -1.302 1.00 0.00 ? 4  DPN A CB   8 
HETATM 1320 C CG   . DPN A 1 4  ? -3.854 0.213   -2.567 1.00 0.00 ? 4  DPN A CG   8 
HETATM 1321 C CD1  . DPN A 1 4  ? -3.093 -0.352  -3.613 1.00 0.00 ? 4  DPN A CD1  8 
HETATM 1322 C CD2  . DPN A 1 4  ? -4.375 1.515   -2.740 1.00 0.00 ? 4  DPN A CD2  8 
HETATM 1323 C CE1  . DPN A 1 4  ? -2.851 0.358   -4.807 1.00 0.00 ? 4  DPN A CE1  8 
HETATM 1324 C CE2  . DPN A 1 4  ? -4.131 2.240   -3.940 1.00 0.00 ? 4  DPN A CE2  8 
HETATM 1325 C CZ   . DPN A 1 4  ? -3.369 1.662   -4.963 1.00 0.00 ? 4  DPN A CZ   8 
HETATM 1326 H H    . DPN A 1 4  ? -1.751 1.266   0.185  1.00 0.00 ? 4  DPN A H    8 
HETATM 1327 H HA   . DPN A 1 4  ? -2.072 -0.788  -0.723 1.00 0.00 ? 4  DPN A HA   8 
HETATM 1328 H HB2  . DPN A 1 4  ? -4.185 -1.612  -1.562 1.00 0.00 ? 4  DPN A HB2  8 
HETATM 1329 H HB3  . DPN A 1 4  ? -5.052 -0.254  -0.864 1.00 0.00 ? 4  DPN A HB3  8 
HETATM 1330 H HD1  . DPN A 1 4  ? -2.693 -1.354  -3.503 1.00 0.00 ? 4  DPN A HD1  8 
HETATM 1331 H HD2  . DPN A 1 4  ? -4.970 1.967   -1.950 1.00 0.00 ? 4  DPN A HD2  8 
HETATM 1332 H HE1  . DPN A 1 4  ? -2.270 -0.095  -5.601 1.00 0.00 ? 4  DPN A HE1  8 
HETATM 1333 H HE2  . DPN A 1 4  ? -4.525 3.244   -4.063 1.00 0.00 ? 4  DPN A HE2  8 
HETATM 1334 H HZ   . DPN A 1 4  ? -3.184 2.212   -5.877 1.00 0.00 ? 4  DPN A HZ   8 
ATOM   1335 N N    . ASN A 1 5  ? -2.250 -2.079  1.340  1.00 0.00 ? 5  ASN A N    8 
ATOM   1336 C CA   . ASN A 1 5  ? -2.356 -2.950  2.500  1.00 0.00 ? 5  ASN A CA   8 
ATOM   1337 C C    . ASN A 1 5  ? -0.979 -3.083  3.143  1.00 0.00 ? 5  ASN A C    8 
ATOM   1338 O O    . ASN A 1 5  ? -0.064 -2.358  2.787  1.00 0.00 ? 5  ASN A O    8 
ATOM   1339 C CB   . ASN A 1 5  ? -2.946 -4.315  2.103  1.00 0.00 ? 5  ASN A CB   8 
ATOM   1340 C CG   . ASN A 1 5  ? -2.104 -5.043  1.073  1.00 0.00 ? 5  ASN A CG   8 
ATOM   1341 O OD1  . ASN A 1 5  ? -1.022 -5.537  1.383  1.00 0.00 ? 5  ASN A OD1  8 
ATOM   1342 N ND2  . ASN A 1 5  ? -2.575 -5.126  -0.137 1.00 0.00 ? 5  ASN A ND2  8 
ATOM   1343 H H    . ASN A 1 5  ? -1.376 -2.086  0.811  1.00 0.00 ? 5  ASN A H    8 
ATOM   1344 H HA   . ASN A 1 5  ? -3.024 -2.487  3.225  1.00 0.00 ? 5  ASN A HA   8 
ATOM   1345 H HB2  . ASN A 1 5  ? -3.031 -4.944  2.982  1.00 0.00 ? 5  ASN A HB2  8 
ATOM   1346 H HB3  . ASN A 1 5  ? -3.959 -4.158  1.692  1.00 0.00 ? 5  ASN A HB3  8 
ATOM   1347 H HD21 . ASN A 1 5  ? -2.041 -5.604  -0.843 1.00 0.00 ? 5  ASN A HD21 8 
ATOM   1348 H HD22 . ASN A 1 5  ? -3.461 -4.712  -0.357 1.00 0.00 ? 5  ASN A HD22 8 
ATOM   1349 N N    . GLN A 1 6  ? -0.836 -3.989  4.095  1.00 0.00 ? 6  GLN A N    8 
ATOM   1350 C CA   . GLN A 1 6  ? 0.423  -4.146  4.826  1.00 0.00 ? 6  GLN A CA   8 
ATOM   1351 C C    . GLN A 1 6  ? 1.618  -4.566  3.974  1.00 0.00 ? 6  GLN A C    8 
ATOM   1352 O O    . GLN A 1 6  ? 2.740  -4.105  4.215  1.00 0.00 ? 6  GLN A O    8 
ATOM   1353 C CB   . GLN A 1 6  ? 0.240  -5.177  5.946  1.00 0.00 ? 6  GLN A CB   8 
ATOM   1354 C CG   . GLN A 1 6  ? -0.643 -4.679  7.104  1.00 0.00 ? 6  GLN A CG   8 
ATOM   1355 C CD   . GLN A 1 6  ? -0.847 -5.713  8.164  1.00 0.00 ? 6  GLN A CD   8 
ATOM   1356 O OE1  . GLN A 1 6  ? -0.606 -6.887  7.964  1.00 0.00 ? 6  GLN A OE1  8 
ATOM   1357 N NE2  . GLN A 1 6  ? -1.301 -5.280  9.302  1.00 0.00 ? 6  GLN A NE2  8 
ATOM   1358 H H    . GLN A 1 6  ? -1.618 -4.583  4.347  1.00 0.00 ? 6  GLN A H    8 
ATOM   1359 H HA   . GLN A 1 6  ? 0.669  -3.194  5.265  1.00 0.00 ? 6  GLN A HA   8 
ATOM   1360 H HB2  . GLN A 1 6  ? -0.208 -6.075  5.517  1.00 0.00 ? 6  GLN A HB2  8 
ATOM   1361 H HB3  . GLN A 1 6  ? 1.210  -5.423  6.344  1.00 0.00 ? 6  GLN A HB3  8 
ATOM   1362 H HG2  . GLN A 1 6  ? -0.181 -3.803  7.552  1.00 0.00 ? 6  GLN A HG2  8 
ATOM   1363 H HG3  . GLN A 1 6  ? -1.626 -4.405  6.735  1.00 0.00 ? 6  GLN A HG3  8 
ATOM   1364 H HE21 . GLN A 1 6  ? -1.460 -5.938  10.023 1.00 0.00 ? 6  GLN A HE21 8 
ATOM   1365 H HE22 . GLN A 1 6  ? -1.497 -4.306  9.446  1.00 0.00 ? 6  GLN A HE22 8 
ATOM   1366 N N    . TYR A 1 7  ? 1.384  -5.421  3.003  1.00 0.00 ? 7  TYR A N    8 
ATOM   1367 C CA   . TYR A 1 7  ? 2.466  -5.964  2.185  1.00 0.00 ? 7  TYR A CA   8 
ATOM   1368 C C    . TYR A 1 7  ? 2.644  -5.217  0.872  1.00 0.00 ? 7  TYR A C    8 
ATOM   1369 O O    . TYR A 1 7  ? 3.758  -5.014  0.398  1.00 0.00 ? 7  TYR A O    8 
ATOM   1370 C CB   . TYR A 1 7  ? 2.179  -7.435  1.888  1.00 0.00 ? 7  TYR A CB   8 
ATOM   1371 C CG   . TYR A 1 7  ? 2.021  -8.261  3.149  1.00 0.00 ? 7  TYR A CG   8 
ATOM   1372 C CD1  . TYR A 1 7  ? 3.152  -8.714  3.853  1.00 0.00 ? 7  TYR A CD1  8 
ATOM   1373 C CD2  . TYR A 1 7  ? 0.742  -8.576  3.653  1.00 0.00 ? 7  TYR A CD2  8 
ATOM   1374 C CE1  . TYR A 1 7  ? 3.013  -9.487  5.048  1.00 0.00 ? 7  TYR A CE1  8 
ATOM   1375 C CE2  . TYR A 1 7  ? 0.594  -9.345  4.849  1.00 0.00 ? 7  TYR A CE2  8 
ATOM   1376 C CZ   . TYR A 1 7  ? 1.739  -9.790  5.533  1.00 0.00 ? 7  TYR A CZ   8 
ATOM   1377 O OH   . TYR A 1 7  ? 1.597  -10.522 6.682  1.00 0.00 ? 7  TYR A OH   8 
ATOM   1378 H H    . TYR A 1 7  ? 0.436  -5.726  2.824  1.00 0.00 ? 7  TYR A H    8 
ATOM   1379 H HA   . TYR A 1 7  ? 3.398  -5.904  2.743  1.00 0.00 ? 7  TYR A HA   8 
ATOM   1380 H HB2  . TYR A 1 7  ? 1.264  -7.501  1.318  1.00 0.00 ? 7  TYR A HB2  8 
ATOM   1381 H HB3  . TYR A 1 7  ? 3.002  -7.850  1.301  1.00 0.00 ? 7  TYR A HB3  8 
ATOM   1382 H HD1  . TYR A 1 7  ? 4.136  -8.479  3.483  1.00 0.00 ? 7  TYR A HD1  8 
ATOM   1383 H HD2  . TYR A 1 7  ? -0.138 -8.232  3.131  1.00 0.00 ? 7  TYR A HD2  8 
ATOM   1384 H HE1  . TYR A 1 7  ? 3.885  -9.832  5.571  1.00 0.00 ? 7  TYR A HE1  8 
ATOM   1385 H HE2  . TYR A 1 7  ? -0.391 -9.585  5.227  1.00 0.00 ? 7  TYR A HE2  8 
ATOM   1386 H HH   . TYR A 1 7  ? 2.437  -10.761 7.076  1.00 0.00 ? 7  TYR A HH   8 
ATOM   1387 N N    . VAL A 1 8  ? 1.529  -4.797  0.289  1.00 0.00 ? 8  VAL A N    8 
ATOM   1388 C CA   . VAL A 1 8  ? 1.533  -4.083  -0.980 1.00 0.00 ? 8  VAL A CA   8 
ATOM   1389 C C    . VAL A 1 8  ? 1.144  -2.641  -0.718 1.00 0.00 ? 8  VAL A C    8 
ATOM   1390 O O    . VAL A 1 8  ? -0.011 -2.315  -0.415 1.00 0.00 ? 8  VAL A O    8 
ATOM   1391 C CB   . VAL A 1 8  ? 0.591  -4.735  -2.021 1.00 0.00 ? 8  VAL A CB   8 
ATOM   1392 C CG1  . VAL A 1 8  ? 0.662  -3.977  -3.354 1.00 0.00 ? 8  VAL A CG1  8 
ATOM   1393 C CG2  . VAL A 1 8  ? 0.987  -6.198  -2.227 1.00 0.00 ? 8  VAL A CG2  8 
ATOM   1394 H H    . VAL A 1 8  ? 0.634  -4.975  0.733  1.00 0.00 ? 8  VAL A H    8 
ATOM   1395 H HA   . VAL A 1 8  ? 2.543  -4.097  -1.377 1.00 0.00 ? 8  VAL A HA   8 
ATOM   1396 H HB   . VAL A 1 8  ? -0.429 -4.693  -1.649 1.00 0.00 ? 8  VAL A HB   8 
ATOM   1397 H HG11 . VAL A 1 8  ? 0.043  -4.475  -4.106 1.00 0.00 ? 8  VAL A HG11 8 
ATOM   1398 H HG12 . VAL A 1 8  ? 1.694  -3.944  -3.713 1.00 0.00 ? 8  VAL A HG12 8 
ATOM   1399 H HG13 . VAL A 1 8  ? 0.297  -2.965  -3.214 1.00 0.00 ? 8  VAL A HG13 8 
ATOM   1400 H HG21 . VAL A 1 8  ? 2.045  -6.253  -2.487 1.00 0.00 ? 8  VAL A HG21 8 
ATOM   1401 H HG22 . VAL A 1 8  ? 0.397  -6.635  -3.031 1.00 0.00 ? 8  VAL A HG22 8 
ATOM   1402 H HG23 . VAL A 1 8  ? 0.809  -6.762  -1.303 1.00 0.00 ? 8  VAL A HG23 8 
HETATM 1403 N N    . ORN A 1 9  ? 2.161  -1.798  -0.839 1.00 0.00 ? 9  ORN A N    8 
HETATM 1404 C CA   . ORN A 1 9  ? 2.138  -0.399  -0.389 1.00 0.00 ? 9  ORN A CA   8 
HETATM 1405 C CB   . ORN A 1 9  ? 3.194  -0.190  0.722  1.00 0.00 ? 9  ORN A CB   8 
HETATM 1406 C CG   . ORN A 1 9  ? 2.788  -0.882  2.045  1.00 0.00 ? 9  ORN A CG   8 
HETATM 1407 C CD   . ORN A 1 9  ? 3.900  -0.735  3.087  1.00 0.00 ? 9  ORN A CD   8 
HETATM 1408 N NE   . ORN A 1 9  ? 3.539  -1.406  4.347  1.00 0.00 ? 9  ORN A NE   8 
HETATM 1409 C C    . ORN A 1 9  ? 2.430  0.520   -1.591 1.00 0.00 ? 9  ORN A C    8 
HETATM 1410 O O    . ORN A 1 9  ? 3.425  0.330   -2.303 1.00 0.00 ? 9  ORN A O    8 
HETATM 1411 H H    . ORN A 1 9  ? 3.051  -2.188  -1.098 1.00 0.00 ? 9  ORN A H    8 
HETATM 1412 H HA   . ORN A 1 9  ? 1.151  -0.155  0.001  1.00 0.00 ? 9  ORN A HA   8 
HETATM 1413 H HB2  . ORN A 1 9  ? 4.146  -0.587  0.376  1.00 0.00 ? 9  ORN A HB2  8 
HETATM 1414 H HB3  . ORN A 1 9  ? 3.307  0.887   0.906  1.00 0.00 ? 9  ORN A HB3  8 
HETATM 1415 H HG2  . ORN A 1 9  ? 1.869  -0.433  2.425  1.00 0.00 ? 9  ORN A HG2  8 
HETATM 1416 H HG3  . ORN A 1 9  ? 2.605  -1.944  1.861  1.00 0.00 ? 9  ORN A HG3  8 
HETATM 1417 H HD2  . ORN A 1 9  ? 4.812  -1.191  2.702  1.00 0.00 ? 9  ORN A HD2  8 
HETATM 1418 H HD3  . ORN A 1 9  ? 4.084  0.327   3.275  1.00 0.00 ? 9  ORN A HD3  8 
HETATM 1419 H HE1  . ORN A 1 9  ? 2.702  -0.994  4.729  1.00 0.00 ? 9  ORN A HE1  8 
HETATM 1420 H HE2  . ORN A 1 9  ? 3.366  -2.401  4.164  1.00 0.00 ? 9  ORN A HE2  8 
HETATM 1421 H HE3  . ORN A 1 9  ? 4.295  -1.325  5.009  1.00 0.00 ? 9  ORN A HE3  8 
ATOM   1422 N N    . LEU A 1 10 ? 1.567  1.510   -1.791 1.00 0.00 ? 10 LEU A N    8 
ATOM   1423 C CA   . LEU A 1 10 ? 1.615  2.434   -2.915 1.00 0.00 ? 10 LEU A CA   8 
ATOM   1424 C C    . LEU A 1 10 ? 1.464  3.824   -2.318 1.00 0.00 ? 10 LEU A C    8 
ATOM   1425 O O    . LEU A 1 10 ? 1.135  3.926   -1.143 1.00 0.00 ? 10 LEU A O    8 
ATOM   1426 C CB   . LEU A 1 10 ? 0.470  2.152   -3.912 1.00 0.00 ? 10 LEU A CB   8 
ATOM   1427 C CG   . LEU A 1 10 ? 0.670  1.139   -5.051 1.00 0.00 ? 10 LEU A CG   8 
ATOM   1428 C CD1  . LEU A 1 10 ? 1.875  1.504   -5.921 1.00 0.00 ? 10 LEU A CD1  8 
ATOM   1429 C CD2  . LEU A 1 10 ? 0.804  -0.300  -4.556 1.00 0.00 ? 10 LEU A CD2  8 
ATOM   1430 H H    . LEU A 1 10 ? 0.833  1.666   -1.147 1.00 0.00 ? 10 LEU A H    8 
ATOM   1431 H HA   . LEU A 1 10 ? 2.558  2.358   -3.413 1.00 0.00 ? 10 LEU A HA   8 
ATOM   1432 H HB2  . LEU A 1 10 ? -0.410 1.850   -3.335 1.00 0.00 ? 10 LEU A HB2  8 
ATOM   1433 H HB3  . LEU A 1 10 ? 0.236  3.098   -4.392 1.00 0.00 ? 10 LEU A HB3  8 
ATOM   1434 H HG   . LEU A 1 10 ? -0.212 1.191   -5.687 1.00 0.00 ? 10 LEU A HG   8 
ATOM   1435 H HD11 . LEU A 1 10 ? 1.783  2.532   -6.254 1.00 0.00 ? 10 LEU A HD11 8 
ATOM   1436 H HD12 . LEU A 1 10 ? 1.892  0.857   -6.806 1.00 0.00 ? 10 LEU A HD12 8 
ATOM   1437 H HD13 . LEU A 1 10 ? 2.799  1.371   -5.369 1.00 0.00 ? 10 LEU A HD13 8 
ATOM   1438 H HD21 . LEU A 1 10 ? 1.767  -0.441  -4.063 1.00 0.00 ? 10 LEU A HD21 8 
ATOM   1439 H HD22 . LEU A 1 10 ? 0.738  -0.981  -5.409 1.00 0.00 ? 10 LEU A HD22 8 
ATOM   1440 H HD23 . LEU A 1 10 ? -0.003 -0.518  -3.863 1.00 0.00 ? 10 LEU A HD23 8 
HETATM 1441 N N    . DPN A 1 1  ? 1.673  4.767   -3.019 1.00 0.00 ? 1  DPN A N    9 
HETATM 1442 C CA   . DPN A 1 1  ? 1.519  6.237   -2.839 1.00 0.00 ? 1  DPN A CA   9 
HETATM 1443 C C    . DPN A 1 1  ? 0.168  6.719   -3.377 1.00 0.00 ? 1  DPN A C    9 
HETATM 1444 O O    . DPN A 1 1  ? 0.126  7.661   -4.156 1.00 0.00 ? 1  DPN A O    9 
HETATM 1445 C CB   . DPN A 1 1  ? 1.795  6.789   -1.411 1.00 0.00 ? 1  DPN A CB   9 
HETATM 1446 C CG   . DPN A 1 1  ? 0.596  7.450   -0.764 1.00 0.00 ? 1  DPN A CG   9 
HETATM 1447 C CD1  . DPN A 1 1  ? -0.224 6.746   0.140  1.00 0.00 ? 1  DPN A CD1  9 
HETATM 1448 C CD2  . DPN A 1 1  ? 0.286  8.800   -1.052 1.00 0.00 ? 1  DPN A CD2  9 
HETATM 1449 C CE1  . DPN A 1 1  ? -1.346 7.368   0.741  1.00 0.00 ? 1  DPN A CE1  9 
HETATM 1450 C CE2  . DPN A 1 1  ? -0.836 9.427   -0.461 1.00 0.00 ? 1  DPN A CE2  9 
HETATM 1451 C CZ   . DPN A 1 1  ? -1.653 8.713   0.437  1.00 0.00 ? 1  DPN A CZ   9 
HETATM 1452 H H    . DPN A 1 1  ? 2.002  4.481   -3.922 1.00 0.00 ? 1  DPN A H    9 
HETATM 1453 H HA   . DPN A 1 1  ? 2.276  6.699   -3.469 1.00 0.00 ? 1  DPN A HA   9 
HETATM 1454 H HB2  . DPN A 1 1  ? 2.145  5.993   -0.772 1.00 0.00 ? 1  DPN A HB2  9 
HETATM 1455 H HB3  . DPN A 1 1  ? 2.591  7.533   -1.482 1.00 0.00 ? 1  DPN A HB3  9 
HETATM 1456 H HD1  . DPN A 1 1  ? 0.005  5.723   0.379  1.00 0.00 ? 1  DPN A HD1  9 
HETATM 1457 H HD2  . DPN A 1 1  ? 0.908  9.353   -1.731 1.00 0.00 ? 1  DPN A HD2  9 
HETATM 1458 H HE1  . DPN A 1 1  ? -1.966 6.813   1.434  1.00 0.00 ? 1  DPN A HE1  9 
HETATM 1459 H HE2  . DPN A 1 1  ? -1.052 10.459  -0.693 1.00 0.00 ? 1  DPN A HE2  9 
HETATM 1460 H HZ   . DPN A 1 1  ? -2.511 9.198   0.893  1.00 0.00 ? 1  DPN A HZ   9 
HETATM 1461 C C    . BE2 A 1 2  ? -2.865 4.684   -1.264 1.00 0.00 ? 2  BE2 A C    9 
HETATM 1462 O O    . BE2 A 1 2  ? -1.751 4.193   -1.236 1.00 0.00 ? 2  BE2 A O    9 
HETATM 1463 C C1   . BE2 A 1 2  ? -3.313 5.593   -2.387 1.00 0.00 ? 2  BE2 A C1   9 
HETATM 1464 C CA   . BE2 A 1 2  ? -2.341 6.238   -3.210 1.00 0.00 ? 2  BE2 A CA   9 
HETATM 1465 C C3   . BE2 A 1 2  ? -2.781 7.082   -4.256 1.00 0.00 ? 2  BE2 A C3   9 
HETATM 1466 N N    . BE2 A 1 2  ? -0.942 6.023   -2.942 1.00 0.00 ? 2  BE2 A N    9 
HETATM 1467 C C4   . BE2 A 1 2  ? -4.159 7.287   -4.478 1.00 0.00 ? 2  BE2 A C4   9 
HETATM 1468 C C5   . BE2 A 1 2  ? -5.105 6.653   -3.658 1.00 0.00 ? 2  BE2 A C5   9 
HETATM 1469 C C6   . BE2 A 1 2  ? -4.685 5.820   -2.619 1.00 0.00 ? 2  BE2 A C6   9 
HETATM 1470 H H3   . BE2 A 1 2  ? -2.075 7.579   -4.903 1.00 0.00 ? 2  BE2 A H3   9 
HETATM 1471 H H    . BE2 A 1 2  ? -0.752 5.272   -2.284 1.00 0.00 ? 2  BE2 A H    9 
HETATM 1472 H H4   . BE2 A 1 2  ? -4.484 7.946   -5.280 1.00 0.00 ? 2  BE2 A H4   9 
HETATM 1473 H H5   . BE2 A 1 2  ? -6.167 6.815   -3.825 1.00 0.00 ? 2  BE2 A H5   9 
HETATM 1474 H H6   . BE2 A 1 2  ? -5.442 5.342   -2.006 1.00 0.00 ? 2  BE2 A H6   9 
ATOM   1475 N N    . PHE A 1 3  ? -3.791 4.415   -0.275 1.00 0.00 ? 3  PHE A N    9 
ATOM   1476 C CA   . PHE A 1 3  ? -3.458 3.609   0.874  1.00 0.00 ? 3  PHE A CA   9 
ATOM   1477 C C    . PHE A 1 3  ? -3.779 2.147   0.606  1.00 0.00 ? 3  PHE A C    9 
ATOM   1478 O O    . PHE A 1 3  ? -4.942 1.763   0.621  1.00 0.00 ? 3  PHE A O    9 
ATOM   1479 C CB   . PHE A 1 3  ? -4.185 4.096   2.129  1.00 0.00 ? 3  PHE A CB   9 
ATOM   1480 C CG   . PHE A 1 3  ? -3.664 3.481   3.403  1.00 0.00 ? 3  PHE A CG   9 
ATOM   1481 C CD1  . PHE A 1 3  ? -4.251 2.317   3.935  1.00 0.00 ? 3  PHE A CD1  9 
ATOM   1482 C CD2  . PHE A 1 3  ? -2.576 4.062   4.083  1.00 0.00 ? 3  PHE A CD2  9 
ATOM   1483 C CE1  . PHE A 1 3  ? -3.763 1.734   5.132  1.00 0.00 ? 3  PHE A CE1  9 
ATOM   1484 C CE2  . PHE A 1 3  ? -2.074 3.486   5.285  1.00 0.00 ? 3  PHE A CE2  9 
ATOM   1485 C CZ   . PHE A 1 3  ? -2.676 2.322   5.809  1.00 0.00 ? 3  PHE A CZ   9 
ATOM   1486 H H    . PHE A 1 3  ? -4.696 4.793   -0.340 1.00 0.00 ? 3  PHE A H    9 
ATOM   1487 H HA   . PHE A 1 3  ? -2.422 3.722   1.029  1.00 0.00 ? 3  PHE A HA   9 
ATOM   1488 H HB2  . PHE A 1 3  ? -4.057 5.182   2.205  1.00 0.00 ? 3  PHE A HB2  9 
ATOM   1489 H HB3  . PHE A 1 3  ? -5.249 3.865   2.032  1.00 0.00 ? 3  PHE A HB3  9 
ATOM   1490 H HD1  . PHE A 1 3  ? -5.092 1.860   3.424  1.00 0.00 ? 3  PHE A HD1  9 
ATOM   1491 H HD2  . PHE A 1 3  ? -2.117 4.950   3.679  1.00 0.00 ? 3  PHE A HD2  9 
ATOM   1492 H HE1  . PHE A 1 3  ? -4.222 0.837   5.526  1.00 0.00 ? 3  PHE A HE1  9 
ATOM   1493 H HE2  . PHE A 1 3  ? -1.235 3.942   5.804  1.00 0.00 ? 3  PHE A HE2  9 
ATOM   1494 H HZ   . PHE A 1 3  ? -2.309 1.882   6.725  1.00 0.00 ? 3  PHE A HZ   9 
HETATM 1495 N N    . DPN A 1 4  ? -2.710 1.389   0.349  1.00 0.00 ? 4  DPN A N    9 
HETATM 1496 C CA   . DPN A 1 4  ? -2.724 -0.046  -0.019 1.00 0.00 ? 4  DPN A CA   9 
HETATM 1497 C C    . DPN A 1 4  ? -2.848 -0.899  1.239  1.00 0.00 ? 4  DPN A C    9 
HETATM 1498 O O    . DPN A 1 4  ? -3.668 -0.629  2.100  1.00 0.00 ? 4  DPN A O    9 
HETATM 1499 C CB   . DPN A 1 4  ? -3.806 -0.422  -1.065 1.00 0.00 ? 4  DPN A CB   9 
HETATM 1500 C CG   . DPN A 1 4  ? -3.658 0.300   -2.388 1.00 0.00 ? 4  DPN A CG   9 
HETATM 1501 C CD1  . DPN A 1 4  ? -2.929 -0.285  -3.437 1.00 0.00 ? 4  DPN A CD1  9 
HETATM 1502 C CD2  . DPN A 1 4  ? -4.255 1.561   -2.594 1.00 0.00 ? 4  DPN A CD2  9 
HETATM 1503 C CE1  . DPN A 1 4  ? -2.803 0.375   -4.688 1.00 0.00 ? 4  DPN A CE1  9 
HETATM 1504 C CE2  . DPN A 1 4  ? -4.115 2.240   -3.835 1.00 0.00 ? 4  DPN A CE2  9 
HETATM 1505 C CZ   . DPN A 1 4  ? -3.387 1.644   -4.880 1.00 0.00 ? 4  DPN A CZ   9 
HETATM 1506 H H    . DPN A 1 4  ? -1.808 1.830   0.401  1.00 0.00 ? 4  DPN A H    9 
HETATM 1507 H HA   . DPN A 1 4  ? -1.759 -0.275  -0.460 1.00 0.00 ? 4  DPN A HA   9 
HETATM 1508 H HB2  . DPN A 1 4  ? -3.737 -1.499  -1.259 1.00 0.00 ? 4  DPN A HB2  9 
HETATM 1509 H HB3  . DPN A 1 4  ? -4.792 -0.222  -0.660 1.00 0.00 ? 4  DPN A HB3  9 
HETATM 1510 H HD1  . DPN A 1 4  ? -2.462 -1.253  -3.299 1.00 0.00 ? 4  DPN A HD1  9 
HETATM 1511 H HD2  . DPN A 1 4  ? -4.829 2.022   -1.799 1.00 0.00 ? 4  DPN A HD2  9 
HETATM 1512 H HE1  . DPN A 1 4  ? -2.253 -0.088  -5.483 1.00 0.00 ? 4  DPN A HE1  9 
HETATM 1513 H HE2  . DPN A 1 4  ? -4.570 3.204   -3.973 1.00 0.00 ? 4  DPN A HE2  9 
HETATM 1514 H HZ   . DPN A 1 4  ? -3.284 2.150   -5.828 1.00 0.00 ? 4  DPN A HZ   9 
ATOM   1515 N N    . ASN A 1 5  ? -2.033 -1.940  1.347  1.00 0.00 ? 5  ASN A N    9 
ATOM   1516 C CA   . ASN A 1 5  ? -2.106 -2.849  2.493  1.00 0.00 ? 5  ASN A CA   9 
ATOM   1517 C C    . ASN A 1 5  ? -0.720 -3.098  3.092  1.00 0.00 ? 5  ASN A C    9 
ATOM   1518 O O    . ASN A 1 5  ? 0.262  -2.481  2.695  1.00 0.00 ? 5  ASN A O    9 
ATOM   1519 C CB   . ASN A 1 5  ? -2.817 -4.156  2.092  1.00 0.00 ? 5  ASN A CB   9 
ATOM   1520 C CG   . ASN A 1 5  ? -2.049 -4.955  1.064  1.00 0.00 ? 5  ASN A CG   9 
ATOM   1521 O OD1  . ASN A 1 5  ? -1.006 -5.501  1.366  1.00 0.00 ? 5  ASN A OD1  9 
ATOM   1522 N ND2  . ASN A 1 5  ? -2.557 -5.031  -0.134 1.00 0.00 ? 5  ASN A ND2  9 
ATOM   1523 H H    . ASN A 1 5  ? -1.341 -2.126  0.625  1.00 0.00 ? 5  ASN A H    9 
ATOM   1524 H HA   . ASN A 1 5  ? -2.710 -2.367  3.272  1.00 0.00 ? 5  ASN A HA   9 
ATOM   1525 H HB2  . ASN A 1 5  ? -2.965 -4.770  2.978  1.00 0.00 ? 5  ASN A HB2  9 
ATOM   1526 H HB3  . ASN A 1 5  ? -3.794 -3.903  1.688  1.00 0.00 ? 5  ASN A HB3  9 
ATOM   1527 H HD21 . ASN A 1 5  ? -2.071 -5.555  -0.845 1.00 0.00 ? 5  ASN A HD21 9 
ATOM   1528 H HD22 . ASN A 1 5  ? -3.433 -4.573  -0.352 1.00 0.00 ? 5  ASN A HD22 9 
ATOM   1529 N N    . GLN A 1 6  ? -0.654 -4.005  4.061  1.00 0.00 ? 6  GLN A N    9 
ATOM   1530 C CA   . GLN A 1 6  ? 0.576  -4.277  4.814  1.00 0.00 ? 6  GLN A CA   9 
ATOM   1531 C C    . GLN A 1 6  ? 1.752  -4.748  3.962  1.00 0.00 ? 6  GLN A C    9 
ATOM   1532 O O    . GLN A 1 6  ? 2.904  -4.418  4.253  1.00 0.00 ? 6  GLN A O    9 
ATOM   1533 C CB   . GLN A 1 6  ? 0.310  -5.341  5.877  1.00 0.00 ? 6  GLN A CB   9 
ATOM   1534 C CG   . GLN A 1 6  ? -0.680 -4.914  6.952  1.00 0.00 ? 6  GLN A CG   9 
ATOM   1535 C CD   . GLN A 1 6  ? -0.986 -6.008  7.920  1.00 0.00 ? 6  GLN A CD   9 
ATOM   1536 O OE1  . GLN A 1 6  ? -0.719 -7.167  7.678  1.00 0.00 ? 6  GLN A OE1  9 
ATOM   1537 N NE2  . GLN A 1 6  ? -1.563 -5.652  9.017  1.00 0.00 ? 6  GLN A NE2  9 
ATOM   1538 H H    . GLN A 1 6  ? -1.489 -4.517  4.316  1.00 0.00 ? 6  GLN A H    9 
ATOM   1539 H HA   . GLN A 1 6  ? 0.891  -3.370  5.308  1.00 0.00 ? 6  GLN A HA   9 
ATOM   1540 H HB2  . GLN A 1 6  ? -0.064 -6.238  5.382  1.00 0.00 ? 6  GLN A HB2  9 
ATOM   1541 H HB3  . GLN A 1 6  ? 1.251  -5.599  6.347  1.00 0.00 ? 6  GLN A HB3  9 
ATOM   1542 H HG2  . GLN A 1 6  ? -0.266 -4.076  7.503  1.00 0.00 ? 6  GLN A HG2  9 
ATOM   1543 H HG3  . GLN A 1 6  ? -1.619 -4.606  6.498  1.00 0.00 ? 6  GLN A HG3  9 
ATOM   1544 H HE21 . GLN A 1 6  ? -1.807 -6.358  9.679  1.00 0.00 ? 6  GLN A HE21 9 
ATOM   1545 H HE22 . GLN A 1 6  ? -1.776 -4.689  9.189  1.00 0.00 ? 6  GLN A HE22 9 
ATOM   1546 N N    . TYR A 1 7  ? 1.468  -5.499  2.916  1.00 0.00 ? 7  TYR A N    9 
ATOM   1547 C CA   . TYR A 1 7  ? 2.514  -6.066  2.075  1.00 0.00 ? 7  TYR A CA   9 
ATOM   1548 C C    . TYR A 1 7  ? 2.667  -5.313  0.760  1.00 0.00 ? 7  TYR A C    9 
ATOM   1549 O O    . TYR A 1 7  ? 3.777  -5.112  0.279  1.00 0.00 ? 7  TYR A O    9 
ATOM   1550 C CB   . TYR A 1 7  ? 2.198  -7.534  1.802  1.00 0.00 ? 7  TYR A CB   9 
ATOM   1551 C CG   . TYR A 1 7  ? 2.117  -8.359  3.072  1.00 0.00 ? 7  TYR A CG   9 
ATOM   1552 C CD1  . TYR A 1 7  ? 0.872  -8.680  3.651  1.00 0.00 ? 7  TYR A CD1  9 
ATOM   1553 C CD2  . TYR A 1 7  ? 3.287  -8.824  3.709  1.00 0.00 ? 7  TYR A CD2  9 
ATOM   1554 C CE1  . TYR A 1 7  ? 0.797  -9.452  4.834  1.00 0.00 ? 7  TYR A CE1  9 
ATOM   1555 C CE2  . TYR A 1 7  ? 3.215  -9.603  4.889  1.00 0.00 ? 7  TYR A CE2  9 
ATOM   1556 C CZ   . TYR A 1 7  ? 1.967  -9.907  5.440  1.00 0.00 ? 7  TYR A CZ   9 
ATOM   1557 O OH   . TYR A 1 7  ? 1.894  -10.656 6.580  1.00 0.00 ? 7  TYR A OH   9 
ATOM   1558 H H    . TYR A 1 7  ? 0.508  -5.693  2.694  1.00 0.00 ? 7  TYR A H    9 
ATOM   1559 H HA   . TYR A 1 7  ? 3.463  -6.016  2.601  1.00 0.00 ? 7  TYR A HA   9 
ATOM   1560 H HB2  . TYR A 1 7  ? 1.242  -7.601  1.273  1.00 0.00 ? 7  TYR A HB2  9 
ATOM   1561 H HB3  . TYR A 1 7  ? 2.975  -7.943  1.162  1.00 0.00 ? 7  TYR A HB3  9 
ATOM   1562 H HD1  . TYR A 1 7  ? -0.040 -8.329  3.192  1.00 0.00 ? 7  TYR A HD1  9 
ATOM   1563 H HD2  . TYR A 1 7  ? 4.259  -8.587  3.284  1.00 0.00 ? 7  TYR A HD2  9 
ATOM   1564 H HE1  . TYR A 1 7  ? -0.161 -9.683  5.273  1.00 0.00 ? 7  TYR A HE1  9 
ATOM   1565 H HE2  . TYR A 1 7  ? 4.114  -9.953  5.364  1.00 0.00 ? 7  TYR A HE2  9 
ATOM   1566 H HH   . TYR A 1 7  ? 2.757  -10.905 6.912  1.00 0.00 ? 7  TYR A HH   9 
ATOM   1567 N N    . VAL A 1 8  ? 1.552  -4.890  0.186  1.00 0.00 ? 8  VAL A N    9 
ATOM   1568 C CA   . VAL A 1 8  ? 1.565  -4.169  -1.086 1.00 0.00 ? 8  VAL A CA   9 
ATOM   1569 C C    . VAL A 1 8  ? 1.258  -2.710  -0.813 1.00 0.00 ? 8  VAL A C    9 
ATOM   1570 O O    . VAL A 1 8  ? 0.110  -2.317  -0.539 1.00 0.00 ? 8  VAL A O    9 
ATOM   1571 C CB   . VAL A 1 8  ? 0.577  -4.787  -2.094 1.00 0.00 ? 8  VAL A CB   9 
ATOM   1572 C CG1  . VAL A 1 8  ? 0.604  -4.031  -3.425 1.00 0.00 ? 8  VAL A CG1  9 
ATOM   1573 C CG2  . VAL A 1 8  ? 0.952  -6.251  -2.322 1.00 0.00 ? 8  VAL A CG2  9 
ATOM   1574 H H    . VAL A 1 8  ? 0.656  -5.067  0.624  1.00 0.00 ? 8  VAL A H    9 
ATOM   1575 H HA   . VAL A 1 8  ? 2.565  -4.225  -1.515 1.00 0.00 ? 8  VAL A HA   9 
ATOM   1576 H HB   . VAL A 1 8  ? -0.429 -4.738  -1.676 1.00 0.00 ? 8  VAL A HB   9 
ATOM   1577 H HG11 . VAL A 1 8  ? -0.077 -4.518  -4.133 1.00 0.00 ? 8  VAL A HG11 9 
ATOM   1578 H HG12 . VAL A 1 8  ? 1.611  -4.036  -3.831 1.00 0.00 ? 8  VAL A HG12 9 
ATOM   1579 H HG13 . VAL A 1 8  ? 0.276  -3.004  -3.271 1.00 0.00 ? 8  VAL A HG13 9 
ATOM   1580 H HG21 . VAL A 1 8  ? 0.803  -6.823  -1.409 1.00 0.00 ? 8  VAL A HG21 9 
ATOM   1581 H HG22 . VAL A 1 8  ? 2.009  -6.312  -2.619 1.00 0.00 ? 8  VAL A HG22 9 
ATOM   1582 H HG23 . VAL A 1 8  ? 0.332  -6.676  -3.109 1.00 0.00 ? 8  VAL A HG23 9 
HETATM 1583 N N    . ORN A 1 9  ? 2.324  -1.919  -0.870 1.00 0.00 ? 9  ORN A N    9 
HETATM 1584 C CA   . ORN A 1 9  ? 2.391  -0.555  -0.320 1.00 0.00 ? 9  ORN A CA   9 
HETATM 1585 C CB   . ORN A 1 9  ? 3.571  -0.474  0.677  1.00 0.00 ? 9  ORN A CB   9 
HETATM 1586 C CG   . ORN A 1 9  ? 3.340  -1.326  1.953  1.00 0.00 ? 9  ORN A CG   9 
HETATM 1587 C CD   . ORN A 1 9  ? 4.625  -1.381  2.785  1.00 0.00 ? 9  ORN A CD   9 
HETATM 1588 N NE   . ORN A 1 9  ? 4.404  -2.036  4.090  1.00 0.00 ? 9  ORN A NE   9 
HETATM 1589 C C    . ORN A 1 9  ? 2.577  0.456   -1.472 1.00 0.00 ? 9  ORN A C    9 
HETATM 1590 O O    . ORN A 1 9  ? 3.528  0.330   -2.254 1.00 0.00 ? 9  ORN A O    9 
HETATM 1591 H H    . ORN A 1 9  ? 3.196  -2.341  -1.153 1.00 0.00 ? 9  ORN A H    9 
HETATM 1592 H HA   . ORN A 1 9  ? 1.463  -0.327  0.205  1.00 0.00 ? 9  ORN A HA   9 
HETATM 1593 H HB2  . ORN A 1 9  ? 4.481  -0.823  0.173  1.00 0.00 ? 9  ORN A HB2  9 
HETATM 1594 H HB3  . ORN A 1 9  ? 3.722  0.571   0.963  1.00 0.00 ? 9  ORN A HB3  9 
HETATM 1595 H HG2  . ORN A 1 9  ? 2.542  -0.882  2.548  1.00 0.00 ? 9  ORN A HG2  9 
HETATM 1596 H HG3  . ORN A 1 9  ? 3.061  -2.349  1.677  1.00 0.00 ? 9  ORN A HG3  9 
HETATM 1597 H HD2  . ORN A 1 9  ? 5.378  -1.952  2.225  1.00 0.00 ? 9  ORN A HD2  9 
HETATM 1598 H HD3  . ORN A 1 9  ? 4.989  -0.371  2.948  1.00 0.00 ? 9  ORN A HD3  9 
HETATM 1599 H HE1  . ORN A 1 9  ? 3.764  -1.489  4.643  1.00 0.00 ? 9  ORN A HE1  9 
HETATM 1600 H HE2  . ORN A 1 9  ? 4.004  -2.966  3.949  1.00 0.00 ? 9  ORN A HE2  9 
HETATM 1601 H HE3  . ORN A 1 9  ? 5.278  -2.127  4.579  1.00 0.00 ? 9  ORN A HE3  9 
ATOM   1602 N N    . LEU A 1 10 ? 1.681  1.440   -1.560 1.00 0.00 ? 10 LEU A N    9 
ATOM   1603 C CA   . LEU A 1 10 ? 1.618  2.385   -2.674 1.00 0.00 ? 10 LEU A CA   9 
ATOM   1604 C C    . LEU A 1 10 ? 1.412  3.795   -2.138 1.00 0.00 ? 10 LEU A C    9 
ATOM   1605 O O    . LEU A 1 10 ? 1.026  3.947   -0.981 1.00 0.00 ? 10 LEU A O    9 
ATOM   1606 C CB   . LEU A 1 10 ? 0.461  2.041   -3.622 1.00 0.00 ? 10 LEU A CB   9 
ATOM   1607 C CG   . LEU A 1 10 ? 0.683  1.064   -4.795 1.00 0.00 ? 10 LEU A CG   9 
ATOM   1608 C CD1  . LEU A 1 10 ? 1.877  1.463   -5.661 1.00 0.00 ? 10 LEU A CD1  9 
ATOM   1609 C CD2  . LEU A 1 10 ? 0.834  -0.374  -4.327 1.00 0.00 ? 10 LEU A CD2  9 
ATOM   1610 H H    . LEU A 1 10 ? 1.012  1.567   -0.837 1.00 0.00 ? 10 LEU A H    9 
ATOM   1611 H HA   . LEU A 1 10 ? 2.544  2.352   -3.208 1.00 0.00 ? 10 LEU A HA   9 
ATOM   1612 H HB2  . LEU A 1 10 ? -0.373 1.682   -3.026 1.00 0.00 ? 10 LEU A HB2  9 
ATOM   1613 H HB3  . LEU A 1 10 ? 0.142  2.976   -4.072 1.00 0.00 ? 10 LEU A HB3  9 
ATOM   1614 H HG   . LEU A 1 10 ? -0.201 1.109   -5.423 1.00 0.00 ? 10 LEU A HG   9 
ATOM   1615 H HD11 . LEU A 1 10 ? 2.805  1.335   -5.099 1.00 0.00 ? 10 LEU A HD11 9 
ATOM   1616 H HD12 . LEU A 1 10 ? 1.773  2.504   -5.964 1.00 0.00 ? 10 LEU A HD12 9 
ATOM   1617 H HD13 . LEU A 1 10 ? 1.918  0.840   -6.554 1.00 0.00 ? 10 LEU A HD13 9 
ATOM   1618 H HD21 . LEU A 1 10 ? 0.050  -0.615  -3.611 1.00 0.00 ? 10 LEU A HD21 9 
ATOM   1619 H HD22 . LEU A 1 10 ? 1.808  -0.519  -3.879 1.00 0.00 ? 10 LEU A HD22 9 
ATOM   1620 H HD23 . LEU A 1 10 ? 0.736  -1.044  -5.186 1.00 0.00 ? 10 LEU A HD23 9 
# 
loop_
_pdbx_poly_seq_scheme.asym_id 
_pdbx_poly_seq_scheme.entity_id 
_pdbx_poly_seq_scheme.seq_id 
_pdbx_poly_seq_scheme.mon_id 
_pdbx_poly_seq_scheme.ndb_seq_num 
_pdbx_poly_seq_scheme.pdb_seq_num 
_pdbx_poly_seq_scheme.auth_seq_num 
_pdbx_poly_seq_scheme.pdb_mon_id 
_pdbx_poly_seq_scheme.auth_mon_id 
_pdbx_poly_seq_scheme.pdb_strand_id 
_pdbx_poly_seq_scheme.pdb_ins_code 
_pdbx_poly_seq_scheme.hetero 
A 1 1  DPN 1  1  1  DPN DPN A . n 
A 1 2  BE2 2  2  2  BE2 BE2 A . n 
A 1 3  PHE 3  3  3  PHE PHE A . n 
A 1 4  DPN 4  4  4  DPN DPN A . n 
A 1 5  ASN 5  5  5  ASN ASN A . n 
A 1 6  GLN 6  6  6  GLN GLN A . n 
A 1 7  TYR 7  7  7  TYR TYR A . n 
A 1 8  VAL 8  8  8  VAL VAL A . n 
A 1 9  ORN 9  9  9  ORN ORN A . n 
A 1 10 LEU 10 10 10 LEU LEU A . n 
# 
_pdbx_molecule_features.prd_id    PRD_002289 
_pdbx_molecule_features.name      'Tyrocidine A analogue  (DPN)(BE2)F(DPN)NQYV(ORN)L' 
_pdbx_molecule_features.type      'Cyclic peptide' 
_pdbx_molecule_features.class     Antibiotic 
_pdbx_molecule_features.details   ? 
# 
_pdbx_molecule.instance_id   1 
_pdbx_molecule.prd_id        PRD_002289 
_pdbx_molecule.asym_id       A 
# 
_pdbx_struct_assembly.id                   1 
_pdbx_struct_assembly.details              author_defined_assembly 
_pdbx_struct_assembly.method_details       ? 
_pdbx_struct_assembly.oligomeric_details   monomeric 
_pdbx_struct_assembly.oligomeric_count     1 
# 
_pdbx_struct_assembly_gen.assembly_id       1 
_pdbx_struct_assembly_gen.oper_expression   1 
_pdbx_struct_assembly_gen.asym_id_list      A 
# 
loop_
_pdbx_struct_assembly_prop.biol_id 
_pdbx_struct_assembly_prop.type 
_pdbx_struct_assembly_prop.value 
_pdbx_struct_assembly_prop.details 
1 'ABSA (A^2)' 230  ? 
1 MORE         1    ? 
1 'SSA (A^2)'  1360 ? 
# 
_pdbx_struct_oper_list.id                   1 
_pdbx_struct_oper_list.type                 'identity operation' 
_pdbx_struct_oper_list.name                 1_555 
_pdbx_struct_oper_list.symmetry_operation   ? 
_pdbx_struct_oper_list.matrix[1][1]         1.0000000000 
_pdbx_struct_oper_list.matrix[1][2]         0.0000000000 
_pdbx_struct_oper_list.matrix[1][3]         0.0000000000 
_pdbx_struct_oper_list.vector[1]            0.0000000000 
_pdbx_struct_oper_list.matrix[2][1]         0.0000000000 
_pdbx_struct_oper_list.matrix[2][2]         1.0000000000 
_pdbx_struct_oper_list.matrix[2][3]         0.0000000000 
_pdbx_struct_oper_list.vector[2]            0.0000000000 
_pdbx_struct_oper_list.matrix[3][1]         0.0000000000 
_pdbx_struct_oper_list.matrix[3][2]         0.0000000000 
_pdbx_struct_oper_list.matrix[3][3]         1.0000000000 
_pdbx_struct_oper_list.vector[3]            0.0000000000 
# 
loop_
_pdbx_audit_revision_history.ordinal 
_pdbx_audit_revision_history.data_content_type 
_pdbx_audit_revision_history.major_revision 
_pdbx_audit_revision_history.minor_revision 
_pdbx_audit_revision_history.revision_date 
1 'Structure model' 1 0 2017-12-06 
2 'Structure model' 1 1 2017-12-27 
3 'Structure model' 2 0 2020-08-12 
4 'Structure model' 2 1 2023-06-14 
5 'Structure model' 3 0 2023-11-15 
# 
_pdbx_audit_revision_details.ordinal             1 
_pdbx_audit_revision_details.revision_ordinal    1 
_pdbx_audit_revision_details.data_content_type   'Structure model' 
_pdbx_audit_revision_details.provider            repository 
_pdbx_audit_revision_details.type                'Initial release' 
_pdbx_audit_revision_details.description         ? 
_pdbx_audit_revision_details.details             ? 
# 
loop_
_pdbx_audit_revision_group.ordinal 
_pdbx_audit_revision_group.revision_ordinal 
_pdbx_audit_revision_group.data_content_type 
_pdbx_audit_revision_group.group 
1  2 'Structure model' 'Database references'  
2  3 'Structure model' 'Atomic model'         
3  3 'Structure model' 'Data collection'      
4  3 'Structure model' 'Derived calculations' 
5  3 'Structure model' 'Structure summary'    
6  4 'Structure model' 'Database references'  
7  4 'Structure model' Other                  
8  5 'Structure model' 'Atomic model'         
9  5 'Structure model' 'Data collection'      
10 5 'Structure model' 'Derived calculations' 
# 
loop_
_pdbx_audit_revision_category.ordinal 
_pdbx_audit_revision_category.revision_ordinal 
_pdbx_audit_revision_category.data_content_type 
_pdbx_audit_revision_category.category 
1  2 'Structure model' citation                       
2  3 'Structure model' atom_site                      
3  3 'Structure model' pdbx_molecule_features         
4  3 'Structure model' pdbx_nmr_spectrometer          
5  3 'Structure model' struct_conn                    
6  4 'Structure model' database_2                     
7  4 'Structure model' pdbx_database_status           
8  5 'Structure model' atom_site                      
9  5 'Structure model' chem_comp_atom                 
10 5 'Structure model' chem_comp_bond                 
11 5 'Structure model' pdbx_validate_main_chain_plane 
12 5 'Structure model' pdbx_validate_rmsd_angle       
13 5 'Structure model' pdbx_validate_torsion          
14 5 'Structure model' struct_conn                    
# 
loop_
_pdbx_audit_revision_item.ordinal 
_pdbx_audit_revision_item.revision_ordinal 
_pdbx_audit_revision_item.data_content_type 
_pdbx_audit_revision_item.item 
1  2 'Structure model' '_citation.journal_volume'                   
2  2 'Structure model' '_citation.page_first'                       
3  2 'Structure model' '_citation.page_last'                        
4  3 'Structure model' '_atom_site.auth_atom_id'                    
5  3 'Structure model' '_atom_site.label_atom_id'                   
6  3 'Structure model' '_pdbx_nmr_spectrometer.model'               
7  3 'Structure model' '_struct_conn.pdbx_dist_value'               
8  3 'Structure model' '_struct_conn.pdbx_leaving_atom_flag'        
9  3 'Structure model' '_struct_conn.ptnr1_label_atom_id'           
10 3 'Structure model' '_struct_conn.ptnr2_auth_comp_id'            
11 3 'Structure model' '_struct_conn.ptnr2_auth_seq_id'             
12 3 'Structure model' '_struct_conn.ptnr2_label_atom_id'           
13 3 'Structure model' '_struct_conn.ptnr2_label_comp_id'           
14 3 'Structure model' '_struct_conn.ptnr2_label_seq_id'            
15 4 'Structure model' '_database_2.pdbx_DOI'                       
16 4 'Structure model' '_database_2.pdbx_database_accession'        
17 4 'Structure model' '_pdbx_database_status.status_code_nmr_data' 
18 5 'Structure model' '_atom_site.auth_atom_id'                    
19 5 'Structure model' '_atom_site.label_atom_id'                   
20 5 'Structure model' '_struct_conn.pdbx_leaving_atom_flag'        
21 5 'Structure model' '_struct_conn.ptnr2_label_atom_id'           
# 
_pdbx_entry_details.entry_id                 6B34 
_pdbx_entry_details.nonpolymer_details       ? 
_pdbx_entry_details.sequence_details         ? 
_pdbx_entry_details.compound_details         
;Tyrocidine kills bacteria by interacting with their cytoplasmic membrane and causing leakage of their intracellular content. It also affects intracellular membranes such as those of mitochondria
;
_pdbx_entry_details.source_details           ? 
_pdbx_entry_details.has_ligand_of_interest   ? 
# 
_pdbx_nmr_exptl_sample.solution_id           1 
_pdbx_nmr_exptl_sample.component             D-PHE-2-ABZ-PHE-D-PHE-ASN-GLN-TYR-VAL-ORN-LEU 
_pdbx_nmr_exptl_sample.concentration         0.7 
_pdbx_nmr_exptl_sample.concentration_range   ? 
_pdbx_nmr_exptl_sample.concentration_units   mM 
_pdbx_nmr_exptl_sample.isotopic_labeling     None 
# 
loop_
_pdbx_validate_rmsd_angle.id 
_pdbx_validate_rmsd_angle.PDB_model_num 
_pdbx_validate_rmsd_angle.auth_atom_id_1 
_pdbx_validate_rmsd_angle.auth_asym_id_1 
_pdbx_validate_rmsd_angle.auth_comp_id_1 
_pdbx_validate_rmsd_angle.auth_seq_id_1 
_pdbx_validate_rmsd_angle.PDB_ins_code_1 
_pdbx_validate_rmsd_angle.label_alt_id_1 
_pdbx_validate_rmsd_angle.auth_atom_id_2 
_pdbx_validate_rmsd_angle.auth_asym_id_2 
_pdbx_validate_rmsd_angle.auth_comp_id_2 
_pdbx_validate_rmsd_angle.auth_seq_id_2 
_pdbx_validate_rmsd_angle.PDB_ins_code_2 
_pdbx_validate_rmsd_angle.label_alt_id_2 
_pdbx_validate_rmsd_angle.auth_atom_id_3 
_pdbx_validate_rmsd_angle.auth_asym_id_3 
_pdbx_validate_rmsd_angle.auth_comp_id_3 
_pdbx_validate_rmsd_angle.auth_seq_id_3 
_pdbx_validate_rmsd_angle.PDB_ins_code_3 
_pdbx_validate_rmsd_angle.label_alt_id_3 
_pdbx_validate_rmsd_angle.angle_value 
_pdbx_validate_rmsd_angle.angle_target_value 
_pdbx_validate_rmsd_angle.angle_deviation 
_pdbx_validate_rmsd_angle.angle_standard_deviation 
_pdbx_validate_rmsd_angle.linker_flag 
1 1 CA A BE2 2 ? ? C A BE2 2 ? ? N A PHE 3 ? ? 145.77 117.20 28.57 2.20 Y 
2 2 CA A BE2 2 ? ? C A BE2 2 ? ? N A PHE 3 ? ? 145.24 117.20 28.04 2.20 Y 
3 3 CA A BE2 2 ? ? C A BE2 2 ? ? N A PHE 3 ? ? 141.85 117.20 24.65 2.20 Y 
4 4 CA A BE2 2 ? ? C A BE2 2 ? ? N A PHE 3 ? ? 144.53 117.20 27.33 2.20 Y 
5 5 CA A BE2 2 ? ? C A BE2 2 ? ? N A PHE 3 ? ? 144.63 117.20 27.43 2.20 Y 
6 6 CA A BE2 2 ? ? C A BE2 2 ? ? N A PHE 3 ? ? 143.41 117.20 26.21 2.20 Y 
7 7 CA A BE2 2 ? ? C A BE2 2 ? ? N A PHE 3 ? ? 145.39 117.20 28.19 2.20 Y 
8 8 CA A BE2 2 ? ? C A BE2 2 ? ? N A PHE 3 ? ? 141.81 117.20 24.61 2.20 Y 
9 9 CA A BE2 2 ? ? C A BE2 2 ? ? N A PHE 3 ? ? 143.56 117.20 26.36 2.20 Y 
# 
loop_
_pdbx_validate_torsion.id 
_pdbx_validate_torsion.PDB_model_num 
_pdbx_validate_torsion.auth_comp_id 
_pdbx_validate_torsion.auth_asym_id 
_pdbx_validate_torsion.auth_seq_id 
_pdbx_validate_torsion.PDB_ins_code 
_pdbx_validate_torsion.label_alt_id 
_pdbx_validate_torsion.phi 
_pdbx_validate_torsion.psi 
1  1 DPN A 4 ? ? -84.94  -158.57 
2  2 DPN A 4 ? ? -85.00  -160.49 
3  3 DPN A 4 ? ? -81.07  -102.08 
4  4 BE2 A 2 ? ? -170.38 -164.53 
5  4 DPN A 4 ? ? -158.76 -160.02 
6  5 DPN A 4 ? ? -84.84  -155.42 
7  6 DPN A 4 ? ? -84.93  -155.86 
8  7 DPN A 4 ? ? -84.92  -157.77 
9  8 DPN A 4 ? ? -81.05  -103.78 
10 9 DPN A 4 ? ? -81.97  -133.81 
# 
loop_
_pdbx_validate_main_chain_plane.id 
_pdbx_validate_main_chain_plane.PDB_model_num 
_pdbx_validate_main_chain_plane.auth_comp_id 
_pdbx_validate_main_chain_plane.auth_asym_id 
_pdbx_validate_main_chain_plane.auth_seq_id 
_pdbx_validate_main_chain_plane.PDB_ins_code 
_pdbx_validate_main_chain_plane.label_alt_id 
_pdbx_validate_main_chain_plane.improper_torsion_angle 
1 3 BE2 A 2 ? ? 11.35 
2 8 BE2 A 2 ? ? 10.91 
# 
loop_
_chem_comp_atom.comp_id 
_chem_comp_atom.atom_id 
_chem_comp_atom.type_symbol 
_chem_comp_atom.pdbx_aromatic_flag 
_chem_comp_atom.pdbx_stereo_config 
_chem_comp_atom.pdbx_ordinal 
ASN N    N N N 1   
ASN CA   C N S 2   
ASN C    C N N 3   
ASN O    O N N 4   
ASN CB   C N N 5   
ASN CG   C N N 6   
ASN OD1  O N N 7   
ASN ND2  N N N 8   
ASN OXT  O N N 9   
ASN H    H N N 10  
ASN H2   H N N 11  
ASN HA   H N N 12  
ASN HB2  H N N 13  
ASN HB3  H N N 14  
ASN HD21 H N N 15  
ASN HD22 H N N 16  
ASN HXT  H N N 17  
BE2 C    C N N 18  
BE2 O    O N N 19  
BE2 OXT  O N N 20  
BE2 C1   C Y N 21  
BE2 CA   C Y N 22  
BE2 C3   C Y N 23  
BE2 N    N N N 24  
BE2 C4   C Y N 25  
BE2 C5   C Y N 26  
BE2 C6   C Y N 27  
BE2 HXT  H N N 28  
BE2 H3   H N N 29  
BE2 H    H N N 30  
BE2 H2   H N N 31  
BE2 H4   H N N 32  
BE2 H5   H N N 33  
BE2 H6   H N N 34  
DPN N    N N N 35  
DPN CA   C N R 36  
DPN C    C N N 37  
DPN O    O N N 38  
DPN OXT  O N N 39  
DPN CB   C N N 40  
DPN CG   C Y N 41  
DPN CD1  C Y N 42  
DPN CD2  C Y N 43  
DPN CE1  C Y N 44  
DPN CE2  C Y N 45  
DPN CZ   C Y N 46  
DPN H    H N N 47  
DPN H2   H N N 48  
DPN HA   H N N 49  
DPN HXT  H N N 50  
DPN HB2  H N N 51  
DPN HB3  H N N 52  
DPN HD1  H N N 53  
DPN HD2  H N N 54  
DPN HE1  H N N 55  
DPN HE2  H N N 56  
DPN HZ   H N N 57  
GLN N    N N N 58  
GLN CA   C N S 59  
GLN C    C N N 60  
GLN O    O N N 61  
GLN CB   C N N 62  
GLN CG   C N N 63  
GLN CD   C N N 64  
GLN OE1  O N N 65  
GLN NE2  N N N 66  
GLN OXT  O N N 67  
GLN H    H N N 68  
GLN H2   H N N 69  
GLN HA   H N N 70  
GLN HB2  H N N 71  
GLN HB3  H N N 72  
GLN HG2  H N N 73  
GLN HG3  H N N 74  
GLN HE21 H N N 75  
GLN HE22 H N N 76  
GLN HXT  H N N 77  
LEU N    N N N 78  
LEU CA   C N S 79  
LEU C    C N N 80  
LEU O    O N N 81  
LEU CB   C N N 82  
LEU CG   C N N 83  
LEU CD1  C N N 84  
LEU CD2  C N N 85  
LEU OXT  O N N 86  
LEU H    H N N 87  
LEU H2   H N N 88  
LEU HA   H N N 89  
LEU HB2  H N N 90  
LEU HB3  H N N 91  
LEU HG   H N N 92  
LEU HD11 H N N 93  
LEU HD12 H N N 94  
LEU HD13 H N N 95  
LEU HD21 H N N 96  
LEU HD22 H N N 97  
LEU HD23 H N N 98  
LEU HXT  H N N 99  
ORN N    N N N 100 
ORN CA   C N S 101 
ORN CB   C N N 102 
ORN CG   C N N 103 
ORN CD   C N N 104 
ORN NE   N N N 105 
ORN C    C N N 106 
ORN O    O N N 107 
ORN OXT  O N N 108 
ORN H    H N N 109 
ORN H2   H N N 110 
ORN HA   H N N 111 
ORN HB2  H N N 112 
ORN HB3  H N N 113 
ORN HG2  H N N 114 
ORN HG3  H N N 115 
ORN HD2  H N N 116 
ORN HD3  H N N 117 
ORN HE1  H N N 118 
ORN HE2  H N N 119 
ORN HXT  H N N 120 
PHE N    N N N 121 
PHE CA   C N S 122 
PHE C    C N N 123 
PHE O    O N N 124 
PHE CB   C N N 125 
PHE CG   C Y N 126 
PHE CD1  C Y N 127 
PHE CD2  C Y N 128 
PHE CE1  C Y N 129 
PHE CE2  C Y N 130 
PHE CZ   C Y N 131 
PHE OXT  O N N 132 
PHE H    H N N 133 
PHE H2   H N N 134 
PHE HA   H N N 135 
PHE HB2  H N N 136 
PHE HB3  H N N 137 
PHE HD1  H N N 138 
PHE HD2  H N N 139 
PHE HE1  H N N 140 
PHE HE2  H N N 141 
PHE HZ   H N N 142 
PHE HXT  H N N 143 
TYR N    N N N 144 
TYR CA   C N S 145 
TYR C    C N N 146 
TYR O    O N N 147 
TYR CB   C N N 148 
TYR CG   C Y N 149 
TYR CD1  C Y N 150 
TYR CD2  C Y N 151 
TYR CE1  C Y N 152 
TYR CE2  C Y N 153 
TYR CZ   C Y N 154 
TYR OH   O N N 155 
TYR OXT  O N N 156 
TYR H    H N N 157 
TYR H2   H N N 158 
TYR HA   H N N 159 
TYR HB2  H N N 160 
TYR HB3  H N N 161 
TYR HD1  H N N 162 
TYR HD2  H N N 163 
TYR HE1  H N N 164 
TYR HE2  H N N 165 
TYR HH   H N N 166 
TYR HXT  H N N 167 
VAL N    N N N 168 
VAL CA   C N S 169 
VAL C    C N N 170 
VAL O    O N N 171 
VAL CB   C N N 172 
VAL CG1  C N N 173 
VAL CG2  C N N 174 
VAL OXT  O N N 175 
VAL H    H N N 176 
VAL H2   H N N 177 
VAL HA   H N N 178 
VAL HB   H N N 179 
VAL HG11 H N N 180 
VAL HG12 H N N 181 
VAL HG13 H N N 182 
VAL HG21 H N N 183 
VAL HG22 H N N 184 
VAL HG23 H N N 185 
VAL HXT  H N N 186 
# 
loop_
_chem_comp_bond.comp_id 
_chem_comp_bond.atom_id_1 
_chem_comp_bond.atom_id_2 
_chem_comp_bond.value_order 
_chem_comp_bond.pdbx_aromatic_flag 
_chem_comp_bond.pdbx_stereo_config 
_chem_comp_bond.pdbx_ordinal 
ASN N   CA   sing N N 1   
ASN N   H    sing N N 2   
ASN N   H2   sing N N 3   
ASN CA  C    sing N N 4   
ASN CA  CB   sing N N 5   
ASN CA  HA   sing N N 6   
ASN C   O    doub N N 7   
ASN C   OXT  sing N N 8   
ASN CB  CG   sing N N 9   
ASN CB  HB2  sing N N 10  
ASN CB  HB3  sing N N 11  
ASN CG  OD1  doub N N 12  
ASN CG  ND2  sing N N 13  
ASN ND2 HD21 sing N N 14  
ASN ND2 HD22 sing N N 15  
ASN OXT HXT  sing N N 16  
BE2 C   O    doub N N 17  
BE2 C   OXT  sing N N 18  
BE2 C   C1   sing N N 19  
BE2 OXT HXT  sing N N 20  
BE2 C1  CA   doub Y N 21  
BE2 C1  C6   sing Y N 22  
BE2 CA  C3   sing Y N 23  
BE2 CA  N    sing N N 24  
BE2 C3  C4   doub Y N 25  
BE2 C3  H3   sing N N 26  
BE2 N   H    sing N N 27  
BE2 N   H2   sing N N 28  
BE2 C4  C5   sing Y N 29  
BE2 C4  H4   sing N N 30  
BE2 C5  C6   doub Y N 31  
BE2 C5  H5   sing N N 32  
BE2 C6  H6   sing N N 33  
DPN N   CA   sing N N 34  
DPN N   H    sing N N 35  
DPN N   H2   sing N N 36  
DPN CA  C    sing N N 37  
DPN CA  CB   sing N N 38  
DPN CA  HA   sing N N 39  
DPN C   O    doub N N 40  
DPN C   OXT  sing N N 41  
DPN OXT HXT  sing N N 42  
DPN CB  CG   sing N N 43  
DPN CB  HB2  sing N N 44  
DPN CB  HB3  sing N N 45  
DPN CG  CD1  doub Y N 46  
DPN CG  CD2  sing Y N 47  
DPN CD1 CE1  sing Y N 48  
DPN CD1 HD1  sing N N 49  
DPN CD2 CE2  doub Y N 50  
DPN CD2 HD2  sing N N 51  
DPN CE1 CZ   doub Y N 52  
DPN CE1 HE1  sing N N 53  
DPN CE2 CZ   sing Y N 54  
DPN CE2 HE2  sing N N 55  
DPN CZ  HZ   sing N N 56  
GLN N   CA   sing N N 57  
GLN N   H    sing N N 58  
GLN N   H2   sing N N 59  
GLN CA  C    sing N N 60  
GLN CA  CB   sing N N 61  
GLN CA  HA   sing N N 62  
GLN C   O    doub N N 63  
GLN C   OXT  sing N N 64  
GLN CB  CG   sing N N 65  
GLN CB  HB2  sing N N 66  
GLN CB  HB3  sing N N 67  
GLN CG  CD   sing N N 68  
GLN CG  HG2  sing N N 69  
GLN CG  HG3  sing N N 70  
GLN CD  OE1  doub N N 71  
GLN CD  NE2  sing N N 72  
GLN NE2 HE21 sing N N 73  
GLN NE2 HE22 sing N N 74  
GLN OXT HXT  sing N N 75  
LEU N   CA   sing N N 76  
LEU N   H    sing N N 77  
LEU N   H2   sing N N 78  
LEU CA  C    sing N N 79  
LEU CA  CB   sing N N 80  
LEU CA  HA   sing N N 81  
LEU C   O    doub N N 82  
LEU C   OXT  sing N N 83  
LEU CB  CG   sing N N 84  
LEU CB  HB2  sing N N 85  
LEU CB  HB3  sing N N 86  
LEU CG  CD1  sing N N 87  
LEU CG  CD2  sing N N 88  
LEU CG  HG   sing N N 89  
LEU CD1 HD11 sing N N 90  
LEU CD1 HD12 sing N N 91  
LEU CD1 HD13 sing N N 92  
LEU CD2 HD21 sing N N 93  
LEU CD2 HD22 sing N N 94  
LEU CD2 HD23 sing N N 95  
LEU OXT HXT  sing N N 96  
ORN N   CA   sing N N 97  
ORN N   H    sing N N 98  
ORN N   H2   sing N N 99  
ORN CA  CB   sing N N 100 
ORN CA  C    sing N N 101 
ORN CA  HA   sing N N 102 
ORN CB  CG   sing N N 103 
ORN CB  HB2  sing N N 104 
ORN CB  HB3  sing N N 105 
ORN CG  CD   sing N N 106 
ORN CG  HG2  sing N N 107 
ORN CG  HG3  sing N N 108 
ORN CD  NE   sing N N 109 
ORN CD  HD2  sing N N 110 
ORN CD  HD3  sing N N 111 
ORN NE  HE1  sing N N 112 
ORN NE  HE2  sing N N 113 
ORN C   O    doub N N 114 
ORN C   OXT  sing N N 115 
ORN OXT HXT  sing N N 116 
PHE N   CA   sing N N 117 
PHE N   H    sing N N 118 
PHE N   H2   sing N N 119 
PHE CA  C    sing N N 120 
PHE CA  CB   sing N N 121 
PHE CA  HA   sing N N 122 
PHE C   O    doub N N 123 
PHE C   OXT  sing N N 124 
PHE CB  CG   sing N N 125 
PHE CB  HB2  sing N N 126 
PHE CB  HB3  sing N N 127 
PHE CG  CD1  doub Y N 128 
PHE CG  CD2  sing Y N 129 
PHE CD1 CE1  sing Y N 130 
PHE CD1 HD1  sing N N 131 
PHE CD2 CE2  doub Y N 132 
PHE CD2 HD2  sing N N 133 
PHE CE1 CZ   doub Y N 134 
PHE CE1 HE1  sing N N 135 
PHE CE2 CZ   sing Y N 136 
PHE CE2 HE2  sing N N 137 
PHE CZ  HZ   sing N N 138 
PHE OXT HXT  sing N N 139 
TYR N   CA   sing N N 140 
TYR N   H    sing N N 141 
TYR N   H2   sing N N 142 
TYR CA  C    sing N N 143 
TYR CA  CB   sing N N 144 
TYR CA  HA   sing N N 145 
TYR C   O    doub N N 146 
TYR C   OXT  sing N N 147 
TYR CB  CG   sing N N 148 
TYR CB  HB2  sing N N 149 
TYR CB  HB3  sing N N 150 
TYR CG  CD1  doub Y N 151 
TYR CG  CD2  sing Y N 152 
TYR CD1 CE1  sing Y N 153 
TYR CD1 HD1  sing N N 154 
TYR CD2 CE2  doub Y N 155 
TYR CD2 HD2  sing N N 156 
TYR CE1 CZ   doub Y N 157 
TYR CE1 HE1  sing N N 158 
TYR CE2 CZ   sing Y N 159 
TYR CE2 HE2  sing N N 160 
TYR CZ  OH   sing N N 161 
TYR OH  HH   sing N N 162 
TYR OXT HXT  sing N N 163 
VAL N   CA   sing N N 164 
VAL N   H    sing N N 165 
VAL N   H2   sing N N 166 
VAL CA  C    sing N N 167 
VAL CA  CB   sing N N 168 
VAL CA  HA   sing N N 169 
VAL C   O    doub N N 170 
VAL C   OXT  sing N N 171 
VAL CB  CG1  sing N N 172 
VAL CB  CG2  sing N N 173 
VAL CB  HB   sing N N 174 
VAL CG1 HG11 sing N N 175 
VAL CG1 HG12 sing N N 176 
VAL CG1 HG13 sing N N 177 
VAL CG2 HG21 sing N N 178 
VAL CG2 HG22 sing N N 179 
VAL CG2 HG23 sing N N 180 
VAL OXT HXT  sing N N 181 
# 
_pdbx_struct_assembly_auth_evidence.id                     1 
_pdbx_struct_assembly_auth_evidence.assembly_id            1 
_pdbx_struct_assembly_auth_evidence.experimental_support   none 
_pdbx_struct_assembly_auth_evidence.details                ? 
# 
